data_5K18
#
_entry.id   5K18
#
_cell.length_a   83.054
_cell.length_b   91.087
_cell.length_c   101.740
_cell.angle_alpha   70.12
_cell.angle_beta   88.91
_cell.angle_gamma   84.05
#
_symmetry.space_group_name_H-M   'P 1'
#
loop_
_entity.id
_entity.type
_entity.pdbx_description
1 polymer 'Uncharacterized protein'
2 polymer 'N-terminal acetyltransferase B complex subunit NAT3'
3 polymer 'Bisubstrate inhibitor'
4 non-polymer 'COENZYME A'
5 water water
#
loop_
_entity_poly.entity_id
_entity_poly.type
_entity_poly.pdbx_seq_one_letter_code
_entity_poly.pdbx_strand_id
1 'polypeptide(L)'
;MGSSHHHHHHLEVLFQGPAGSMATERDQEIIDFIDQGNYTYAQSLITKKLAKSPQKLFYHVLQNEIHLKSGQRELAIKKN
LELLNRYPNDPLTIEKLSDFFSKMEMEKESSLVYENAIKKYPVSTETLCLSWFDNSIEKYDFKVFNRIFMYLNKNGKSRL
HTLWYAFSFHLLLQEGETDKASLYNSLGKKLMEGLQPFENTQEIYVYTLFLSSKEIEQVLSGVTLPLDLELKLLYMKAMK
ENASFEALHAYTEKLLFKEKFDDFDTWKLWILSGKEIGKSFEELDQKLTLPTRNISLLKIELDILYSRNIETSVENYYQK
FNTKLCCYADLSQYELPTSFIGSLKNSTSEENLITVVNNRKFVNQTDNWDVYERFSTKEGAEYDSNPVNELTLRTIVSDL
DSSPQNTIKNIVLLKHLLEQDKYNYKLKLWLMKLYSQLNTNDLIFPIYNGLKIRMTQHETLNYYLTTTNPSKINLDAWVD
IYRFYLTSKQEIKESIIQGFDNGVFNKLEGFINFSKRMQNSISLNFTVAKILQISTILGTDGYLNYFIHYLKTNEALIVS
DYTDNRDFKSEWNGLEKIDCIDVPVNDVATKLKLLVYSIVFEDQDASRLLKVFNKITSNAKFSVFDNLLYKLYFNLLKIT
KTKLNPQETQSLYNYLQKNLKTDKLKILIPENLLSGELTQNLTNLVEFIKIVKLLAKRHPSSYMNQLVNLVKPFGKEFKN
LKLVQRQHEIIDSMDFEPPISVDISQTKLEIKSSIEDCVVALLNSL
;
A,C
2 'polypeptide(L)'
;MTSIKPFQMEDLFELNPVNLDPLTENFNVSFYSQYLIEWPQLFYKSVETPNGQASGYMMAKTEGQLSKKEWHTHITAVTV
LDQYRRIGLASKLCLELENLTQVKDTLFIDLFVKVTNTLGRILYEKLGYSVFRRVVGYYGREIQKDRNKIDDSVDAFDMR
KLLPRDVNNETVRENGEKVYVLPNEIVF
;
B,D
3 'polypeptide(L)' (ACE)MDSEVAALVID F,E
#
# COMPACT_ATOMS: atom_id res chain seq x y z
N TYR A 39 0.26 14.93 -7.35
CA TYR A 39 0.75 16.17 -6.77
C TYR A 39 0.08 17.38 -7.39
N THR A 40 0.23 17.53 -8.72
CA THR A 40 -0.29 18.73 -9.39
C THR A 40 -1.81 18.75 -9.38
N TYR A 41 -2.45 17.57 -9.40
CA TYR A 41 -3.91 17.54 -9.34
C TYR A 41 -4.42 17.89 -7.96
N ALA A 42 -3.67 17.51 -6.91
CA ALA A 42 -3.94 18.02 -5.58
C ALA A 42 -3.90 19.55 -5.56
N GLN A 43 -2.90 20.15 -6.23
CA GLN A 43 -2.76 21.61 -6.24
C GLN A 43 -3.99 22.29 -6.88
N SER A 44 -4.38 21.84 -8.07
CA SER A 44 -5.59 22.36 -8.71
C SER A 44 -6.81 22.17 -7.82
N LEU A 45 -6.89 21.03 -7.10
CA LEU A 45 -7.99 20.80 -6.18
C LEU A 45 -7.98 21.81 -5.06
N ILE A 46 -6.79 22.12 -4.53
CA ILE A 46 -6.69 23.06 -3.42
C ILE A 46 -7.13 24.48 -3.84
N THR A 47 -6.72 24.92 -5.07
CA THR A 47 -7.11 26.23 -5.61
C THR A 47 -8.61 26.31 -5.78
N LYS A 48 -9.21 25.27 -6.33
CA LYS A 48 -10.67 25.14 -6.40
C LYS A 48 -11.30 25.43 -5.03
N LYS A 49 -10.82 24.74 -4.00
CA LYS A 49 -11.32 24.93 -2.65
C LYS A 49 -11.14 26.37 -2.17
N LEU A 50 -9.92 26.91 -2.29
CA LEU A 50 -9.67 28.29 -1.87
C LEU A 50 -10.56 29.27 -2.62
N ALA A 51 -10.82 29.02 -3.91
CA ALA A 51 -11.75 29.84 -4.67
C ALA A 51 -13.15 29.77 -4.09
N LYS A 52 -13.63 28.56 -3.79
CA LYS A 52 -14.94 28.38 -3.17
C LYS A 52 -15.02 29.13 -1.84
N SER A 53 -14.00 28.98 -0.99
CA SER A 53 -13.95 29.76 0.26
C SER A 53 -14.05 31.25 -0.03
N PRO A 54 -13.39 31.73 -1.07
CA PRO A 54 -13.50 33.12 -1.53
C PRO A 54 -14.91 33.43 -2.03
N LEU A 57 -12.18 27.36 5.50
CA LEU A 57 -11.39 28.19 4.59
C LEU A 57 -9.93 28.19 5.00
N PHE A 58 -9.69 28.42 6.29
CA PHE A 58 -8.33 28.52 6.81
C PHE A 58 -7.57 27.22 6.60
N TYR A 59 -8.18 26.08 6.98
CA TYR A 59 -7.51 24.77 6.86
C TYR A 59 -7.13 24.47 5.40
N HIS A 60 -7.99 24.87 4.45
CA HIS A 60 -7.67 24.66 3.03
C HIS A 60 -6.44 25.48 2.62
N VAL A 61 -6.43 26.78 2.97
CA VAL A 61 -5.28 27.63 2.67
C VAL A 61 -3.99 27.02 3.19
N LEU A 62 -3.99 26.60 4.47
CA LEU A 62 -2.83 25.95 5.06
C LEU A 62 -2.39 24.75 4.21
N GLN A 63 -3.34 23.90 3.82
CA GLN A 63 -3.02 22.73 3.01
C GLN A 63 -2.37 23.14 1.69
N ASN A 64 -2.92 24.17 1.04
CA ASN A 64 -2.32 24.69 -0.19
C ASN A 64 -0.89 25.16 0.06
N GLU A 65 -0.69 25.98 1.10
CA GLU A 65 0.66 26.44 1.41
C GLU A 65 1.61 25.26 1.61
N ILE A 66 1.13 24.19 2.26
CA ILE A 66 1.98 23.01 2.48
C ILE A 66 2.34 22.35 1.16
N HIS A 67 1.37 22.22 0.25
CA HIS A 67 1.67 21.70 -1.08
C HIS A 67 2.73 22.55 -1.77
N LEU A 68 2.54 23.88 -1.79
CA LEU A 68 3.53 24.78 -2.35
C LEU A 68 4.91 24.56 -1.72
N LYS A 69 4.94 24.21 -0.44
CA LYS A 69 6.20 23.85 0.22
C LYS A 69 6.79 22.58 -0.37
N SER A 70 5.96 21.54 -0.47
CA SER A 70 6.40 20.27 -1.07
C SER A 70 6.95 20.50 -2.46
N GLY A 71 6.14 21.14 -3.33
CA GLY A 71 6.55 21.42 -4.70
C GLY A 71 7.90 22.15 -4.74
N GLN A 72 8.05 23.19 -3.93
CA GLN A 72 9.26 24.02 -3.95
C GLN A 72 10.50 23.27 -3.47
N GLU A 74 10.48 26.92 -1.12
CA GLU A 74 10.24 26.61 0.28
C GLU A 74 9.99 27.90 1.03
N LEU A 75 10.83 28.90 0.73
CA LEU A 75 10.66 30.21 1.36
C LEU A 75 9.26 30.77 1.08
N ALA A 76 8.72 30.51 -0.11
CA ALA A 76 7.35 30.91 -0.42
C ALA A 76 6.39 30.36 0.63
N ILE A 77 6.51 29.07 0.94
CA ILE A 77 5.59 28.44 1.87
C ILE A 77 5.77 28.99 3.29
N LYS A 78 7.02 29.10 3.74
CA LYS A 78 7.28 29.66 5.07
C LYS A 78 6.69 31.06 5.21
N LYS A 79 6.77 31.87 4.16
CA LYS A 79 6.11 33.17 4.15
C LYS A 79 4.59 33.02 4.27
N ASN A 80 4.02 32.12 3.46
CA ASN A 80 2.57 31.88 3.51
C ASN A 80 2.14 31.46 4.92
N LEU A 81 2.84 30.48 5.50
CA LEU A 81 2.52 30.05 6.86
C LEU A 81 2.66 31.19 7.87
N GLU A 82 3.75 31.96 7.79
CA GLU A 82 3.91 33.11 8.69
C GLU A 82 2.79 34.12 8.51
N LEU A 83 2.36 34.34 7.26
CA LEU A 83 1.17 35.14 6.99
C LEU A 83 -0.06 34.53 7.67
N LEU A 84 -0.26 33.23 7.51
CA LEU A 84 -1.37 32.56 8.15
C LEU A 84 -1.28 32.67 9.68
N ASN A 85 -0.06 32.62 10.24
CA ASN A 85 0.06 32.74 11.70
C ASN A 85 -0.31 34.15 12.15
N ARG A 86 0.10 35.18 11.40
CA ARG A 86 -0.21 36.55 11.74
C ARG A 86 -1.73 36.76 11.79
N TYR A 87 -2.44 36.20 10.84
CA TYR A 87 -3.89 36.04 11.01
C TYR A 87 -4.18 35.10 12.18
N PRO A 88 -5.22 35.45 12.95
CA PRO A 88 -5.60 34.76 14.20
C PRO A 88 -6.10 33.34 13.92
N ASN A 89 -5.23 32.35 14.01
CA ASN A 89 -5.71 30.98 13.91
C ASN A 89 -6.83 30.76 14.92
N ASP A 90 -7.93 30.16 14.49
CA ASP A 90 -9.08 29.93 15.34
C ASP A 90 -9.67 28.52 15.40
N PRO A 91 -9.35 27.67 14.43
CA PRO A 91 -9.92 26.32 14.36
C PRO A 91 -8.90 25.43 15.03
N LEU A 92 -9.38 24.32 15.58
CA LEU A 92 -8.46 23.35 16.18
C LEU A 92 -7.57 22.70 15.12
N THR A 93 -8.17 22.07 14.12
CA THR A 93 -7.39 21.36 13.10
C THR A 93 -6.44 22.30 12.37
N ILE A 94 -6.93 23.48 12.00
CA ILE A 94 -6.07 24.47 11.37
C ILE A 94 -4.87 24.78 12.27
N GLU A 95 -5.12 25.11 13.54
CA GLU A 95 -4.02 25.44 14.44
C GLU A 95 -3.07 24.26 14.62
N LYS A 96 -3.61 23.03 14.60
CA LYS A 96 -2.75 21.85 14.71
C LYS A 96 -1.84 21.73 13.50
N LEU A 97 -2.38 21.94 12.30
CA LEU A 97 -1.59 21.82 11.08
C LEU A 97 -0.50 22.89 11.02
N SER A 98 -0.84 24.13 11.40
CA SER A 98 0.14 25.20 11.42
C SER A 98 1.28 24.91 12.40
N ASP A 99 0.97 24.35 13.58
CA ASP A 99 2.03 24.04 14.53
C ASP A 99 2.98 22.97 13.98
N PHE A 100 2.42 21.93 13.35
CA PHE A 100 3.26 20.91 12.72
C PHE A 100 4.12 21.51 11.60
N PHE A 101 3.57 22.49 10.86
CA PHE A 101 4.36 23.14 9.81
C PHE A 101 5.57 23.86 10.39
N SER A 102 5.38 24.57 11.50
CA SER A 102 6.48 25.32 12.09
C SER A 102 7.48 24.40 12.78
N LYS A 103 7.02 23.27 13.36
CA LYS A 103 7.97 22.29 13.87
C LYS A 103 8.83 21.73 12.75
N MET A 104 8.22 21.44 11.59
CA MET A 104 8.98 20.99 10.42
C MET A 104 10.08 21.98 10.06
N GLU A 105 9.70 23.25 9.86
CA GLU A 105 10.66 24.31 9.51
C GLU A 105 11.36 24.93 10.74
N MET A 106 11.41 24.23 11.88
CA MET A 106 12.18 24.68 13.07
C MET A 106 11.82 26.07 13.65
N LYS A 108 10.36 28.31 16.76
CA LYS A 108 9.50 28.76 17.87
C LYS A 108 8.09 29.19 17.39
N GLU A 109 7.94 29.34 16.09
CA GLU A 109 6.62 29.69 15.63
C GLU A 109 5.57 28.59 15.85
N SER A 110 5.91 27.31 16.08
CA SER A 110 4.75 26.40 16.27
C SER A 110 4.08 26.69 17.61
N SER A 111 4.87 26.95 18.67
CA SER A 111 4.30 27.23 19.98
C SER A 111 3.36 28.42 19.89
N LEU A 112 3.74 29.42 19.08
CA LEU A 112 3.14 30.74 19.18
C LEU A 112 1.81 30.76 18.44
N VAL A 113 1.55 29.71 17.66
CA VAL A 113 0.25 29.45 17.04
C VAL A 113 -0.81 29.15 18.10
N TYR A 114 -0.52 28.20 18.99
CA TYR A 114 -1.47 27.85 20.05
C TYR A 114 -1.57 28.95 21.10
N GLU A 115 -0.43 29.49 21.52
CA GLU A 115 -0.44 30.55 22.53
C GLU A 115 -1.37 31.69 22.09
N ASN A 116 -1.26 32.12 20.84
CA ASN A 116 -2.16 33.16 20.34
C ASN A 116 -3.62 32.74 20.46
N ALA A 117 -3.94 31.52 20.00
CA ALA A 117 -5.31 31.06 20.02
C ALA A 117 -5.85 30.96 21.44
N ILE A 118 -5.00 30.55 22.38
CA ILE A 118 -5.42 30.44 23.78
C ILE A 118 -5.77 31.82 24.35
N LYS A 119 -4.94 32.81 24.09
CA LYS A 119 -5.20 34.12 24.68
C LYS A 119 -6.42 34.78 24.04
N LYS A 120 -6.52 34.71 22.71
CA LYS A 120 -7.57 35.44 22.01
C LYS A 120 -8.94 34.77 22.11
N TYR A 121 -9.00 33.47 22.39
CA TYR A 121 -10.27 32.79 22.67
C TYR A 121 -10.08 31.89 23.87
N PRO A 122 -10.12 32.46 25.08
CA PRO A 122 -10.01 31.61 26.30
C PRO A 122 -11.21 30.71 26.50
N VAL A 123 -12.29 30.91 25.76
CA VAL A 123 -13.45 30.02 25.85
C VAL A 123 -13.02 28.57 25.68
N SER A 124 -12.13 28.30 24.73
CA SER A 124 -11.76 26.94 24.35
C SER A 124 -10.39 26.52 24.89
N THR A 125 -9.82 27.31 25.81
CA THR A 125 -8.42 27.14 26.19
C THR A 125 -8.06 25.71 26.54
N GLU A 126 -8.99 24.96 27.15
CA GLU A 126 -8.69 23.58 27.52
C GLU A 126 -8.61 22.69 26.28
N THR A 127 -9.59 22.77 25.38
CA THR A 127 -9.50 21.94 24.16
C THR A 127 -8.26 22.32 23.34
N LEU A 128 -7.95 23.62 23.24
CA LEU A 128 -6.73 24.03 22.56
C LEU A 128 -5.49 23.44 23.24
N CYS A 129 -5.45 23.49 24.57
CA CYS A 129 -4.32 22.94 25.32
C CYS A 129 -4.21 21.44 25.12
N LEU A 130 -5.33 20.72 25.25
CA LEU A 130 -5.29 19.27 25.09
C LEU A 130 -4.88 18.90 23.68
N SER A 131 -5.37 19.62 22.68
CA SER A 131 -4.87 19.45 21.32
C SER A 131 -3.36 19.62 21.28
N TRP A 132 -2.87 20.77 21.76
CA TRP A 132 -1.44 21.04 21.85
C TRP A 132 -0.71 19.92 22.56
N PHE A 133 -1.29 19.40 23.64
CA PHE A 133 -0.63 18.33 24.38
C PHE A 133 -0.47 17.08 23.52
N ASP A 134 -1.58 16.58 22.97
CA ASP A 134 -1.52 15.37 22.15
C ASP A 134 -0.60 15.59 20.95
N ASN A 135 -0.69 16.77 20.33
CA ASN A 135 0.16 17.10 19.20
C ASN A 135 1.61 17.21 19.59
N SER A 136 1.92 17.48 20.86
CA SER A 136 3.31 17.58 21.26
C SER A 136 3.92 16.22 21.59
N ILE A 137 3.14 15.33 22.21
CA ILE A 137 3.60 13.97 22.46
C ILE A 137 3.98 13.28 21.14
N GLU A 138 3.12 13.41 20.12
CA GLU A 138 3.41 12.71 18.86
C GLU A 138 4.69 13.25 18.23
N LYS A 139 4.92 14.59 18.29
CA LYS A 139 6.16 15.21 17.82
C LYS A 139 7.43 14.88 18.75
N TYR A 140 7.38 13.93 19.68
CA TYR A 140 8.44 13.70 20.65
C TYR A 140 8.91 15.00 21.32
N ASP A 141 8.09 16.05 21.32
CA ASP A 141 8.44 17.33 21.93
C ASP A 141 7.99 17.34 23.39
N PHE A 142 8.82 16.74 24.25
CA PHE A 142 8.50 16.67 25.67
C PHE A 142 8.88 17.93 26.44
N LYS A 143 9.70 18.80 25.85
CA LYS A 143 10.19 19.96 26.58
C LYS A 143 9.09 20.99 26.83
N VAL A 144 8.15 21.13 25.88
CA VAL A 144 7.13 22.18 25.92
C VAL A 144 6.04 21.93 26.95
N PHE A 145 6.01 20.70 27.51
CA PHE A 145 4.93 20.26 28.40
C PHE A 145 4.59 21.30 29.47
N ASN A 146 5.62 21.79 30.16
CA ASN A 146 5.39 22.77 31.22
C ASN A 146 4.62 23.99 30.70
N ARG A 147 4.98 24.47 29.51
CA ARG A 147 4.31 25.64 28.97
C ARG A 147 2.83 25.38 28.72
N ILE A 148 2.50 24.21 28.17
CA ILE A 148 1.10 23.85 27.97
C ILE A 148 0.40 23.76 29.31
N PHE A 149 0.98 23.03 30.25
CA PHE A 149 0.32 22.82 31.52
C PHE A 149 0.09 24.13 32.26
N MET A 150 0.97 25.12 32.06
CA MET A 150 0.79 26.42 32.70
C MET A 150 -0.47 27.13 32.21
N TYR A 151 -0.64 27.25 30.90
CA TYR A 151 -1.89 27.80 30.37
C TYR A 151 -3.09 27.00 30.86
N LEU A 152 -2.99 25.68 30.73
CA LEU A 152 -4.11 24.82 31.04
C LEU A 152 -4.50 24.88 32.53
N ASN A 153 -3.60 25.38 33.40
CA ASN A 153 -3.87 25.52 34.83
C ASN A 153 -4.42 26.88 35.19
N LYS A 154 -4.04 27.91 34.46
CA LYS A 154 -4.44 29.28 34.77
C LYS A 154 -5.85 29.53 34.31
N LYS A 157 -9.56 25.96 36.69
CA LYS A 157 -8.85 25.19 37.72
C LYS A 157 -9.36 23.75 37.87
N SER A 158 -8.52 22.82 37.40
CA SER A 158 -8.68 21.39 37.60
C SER A 158 -7.54 20.89 38.48
N ARG A 159 -7.86 19.93 39.36
CA ARG A 159 -6.84 19.38 40.24
C ARG A 159 -5.88 18.47 39.51
N LEU A 160 -6.41 17.62 38.63
CA LEU A 160 -5.55 16.77 37.82
C LEU A 160 -4.59 17.62 37.00
N HIS A 161 -5.09 18.73 36.49
CA HIS A 161 -4.25 19.62 35.70
C HIS A 161 -3.23 20.38 36.54
N THR A 162 -3.52 20.61 37.81
CA THR A 162 -2.47 21.08 38.71
C THR A 162 -1.41 20.01 38.88
N LEU A 163 -1.83 18.76 39.09
CA LEU A 163 -0.85 17.68 39.15
C LEU A 163 0.01 17.63 37.89
N TRP A 164 -0.60 17.74 36.71
CA TRP A 164 0.16 17.78 35.46
C TRP A 164 1.20 18.87 35.50
N TYR A 165 0.77 20.09 35.84
CA TYR A 165 1.70 21.21 35.90
C TYR A 165 2.87 20.92 36.83
N ALA A 166 2.59 20.53 38.07
CA ALA A 166 3.65 20.19 39.02
C ALA A 166 4.56 19.11 38.46
N PHE A 167 3.97 17.99 38.03
CA PHE A 167 4.77 16.90 37.48
C PHE A 167 5.68 17.40 36.37
N SER A 168 5.21 18.33 35.55
CA SER A 168 6.04 18.80 34.46
C SER A 168 7.27 19.56 34.97
N PHE A 169 7.19 20.20 36.13
CA PHE A 169 8.39 20.84 36.68
C PHE A 169 9.44 19.78 37.03
N HIS A 170 9.01 18.62 37.51
CA HIS A 170 9.98 17.54 37.69
C HIS A 170 10.61 17.15 36.36
N LEU A 171 9.79 17.05 35.30
CA LEU A 171 10.30 16.59 34.03
C LEU A 171 11.30 17.57 33.45
N LEU A 172 11.02 18.87 33.54
CA LEU A 172 12.01 19.85 33.15
C LEU A 172 13.33 19.62 33.90
N LEU A 173 13.26 19.52 35.24
CA LEU A 173 14.44 19.35 36.11
C LEU A 173 15.31 18.20 35.65
N GLN A 174 14.77 17.29 34.84
CA GLN A 174 15.51 16.15 34.33
C GLN A 174 16.02 16.47 32.93
N GLU A 175 16.69 17.62 32.84
CA GLU A 175 17.39 18.06 31.64
C GLU A 175 18.62 18.90 32.03
N GLU A 177 19.87 22.06 32.78
CA GLU A 177 19.97 23.50 32.97
C GLU A 177 20.04 23.83 34.43
N THR A 178 21.22 23.71 35.02
CA THR A 178 21.34 23.81 36.47
C THR A 178 21.03 25.21 36.99
N ASP A 179 21.10 26.24 36.13
CA ASP A 179 20.81 27.61 36.58
C ASP A 179 19.36 27.80 37.04
N LYS A 180 18.38 27.15 36.40
CA LYS A 180 17.00 27.38 36.79
C LYS A 180 16.44 26.27 37.66
N ALA A 181 17.30 25.36 38.14
CA ALA A 181 16.87 24.20 38.93
C ALA A 181 16.06 24.60 40.15
N SER A 182 16.63 25.46 40.98
CA SER A 182 15.96 25.87 42.20
C SER A 182 14.58 26.46 41.93
N LEU A 183 14.46 27.30 40.90
CA LEU A 183 13.15 27.92 40.62
C LEU A 183 12.12 26.86 40.23
N TYR A 184 12.50 25.90 39.37
CA TYR A 184 11.56 24.85 38.97
C TYR A 184 11.15 24.01 40.18
N ASN A 185 12.13 23.59 40.98
CA ASN A 185 11.83 22.78 42.15
C ASN A 185 10.93 23.54 43.11
N SER A 186 11.20 24.82 43.31
CA SER A 186 10.36 25.57 44.23
C SER A 186 8.96 25.74 43.66
N LEU A 187 8.85 25.96 42.35
CA LEU A 187 7.53 26.10 41.73
C LEU A 187 6.67 24.84 41.89
N GLY A 188 7.22 23.67 41.53
CA GLY A 188 6.43 22.46 41.68
C GLY A 188 6.12 22.12 43.12
N LYS A 189 7.03 22.45 44.04
CA LYS A 189 6.78 22.21 45.46
C LYS A 189 5.55 22.98 45.95
N LYS A 190 5.45 24.27 45.63
CA LYS A 190 4.31 25.04 46.13
C LYS A 190 3.02 24.65 45.43
N LEU A 191 3.10 24.15 44.20
CA LEU A 191 1.90 23.62 43.56
C LEU A 191 1.34 22.46 44.36
N MET A 192 2.20 21.53 44.76
CA MET A 192 1.69 20.37 45.49
C MET A 192 1.22 20.73 46.89
N GLU A 193 1.85 21.69 47.55
CA GLU A 193 1.32 22.07 48.86
C GLU A 193 -0.05 22.68 48.73
N GLY A 194 -0.31 23.32 47.59
CA GLY A 194 -1.61 23.88 47.33
C GLY A 194 -2.72 22.85 47.27
N LEU A 195 -2.37 21.56 47.18
CA LEU A 195 -3.35 20.50 47.00
C LEU A 195 -3.53 19.65 48.25
N GLN A 196 -2.93 20.04 49.40
CA GLN A 196 -3.13 19.18 50.55
C GLN A 196 -4.52 19.39 51.15
N PRO A 197 -5.10 18.36 51.80
CA PRO A 197 -4.45 17.06 52.02
C PRO A 197 -4.41 16.25 50.74
N PHE A 198 -3.37 15.46 50.52
CA PHE A 198 -3.31 14.63 49.32
C PHE A 198 -4.31 13.49 49.49
N GLU A 199 -4.79 13.00 48.35
CA GLU A 199 -5.86 12.02 48.33
C GLU A 199 -5.41 10.61 47.99
N ASN A 200 -4.19 10.42 47.48
CA ASN A 200 -3.73 9.10 47.04
C ASN A 200 -2.21 9.08 46.98
N THR A 201 -1.65 7.88 46.83
CA THR A 201 -0.19 7.76 46.84
C THR A 201 0.47 8.35 45.59
N GLN A 202 -0.28 8.57 44.49
CA GLN A 202 0.34 9.20 43.32
C GLN A 202 0.57 10.68 43.58
N GLU A 203 -0.39 11.35 44.22
CA GLU A 203 -0.16 12.74 44.60
C GLU A 203 1.06 12.84 45.52
N ILE A 204 1.08 12.02 46.58
CA ILE A 204 2.22 12.03 47.49
C ILE A 204 3.53 11.81 46.75
N TYR A 205 3.53 10.90 45.77
CA TYR A 205 4.75 10.65 45.02
C TYR A 205 5.28 11.93 44.38
N VAL A 206 4.40 12.65 43.67
CA VAL A 206 4.83 13.85 42.95
C VAL A 206 5.39 14.89 43.89
N TYR A 207 4.81 14.98 45.09
CA TYR A 207 5.35 15.90 46.10
C TYR A 207 6.79 15.57 46.44
N THR A 208 7.06 14.28 46.69
CA THR A 208 8.41 13.84 47.04
C THR A 208 9.41 14.21 45.96
N LEU A 209 8.96 14.36 44.71
CA LEU A 209 9.88 14.71 43.63
C LEU A 209 10.62 16.03 43.87
N PHE A 210 10.14 16.83 44.80
CA PHE A 210 10.68 18.17 45.07
C PHE A 210 11.17 18.29 46.51
N LEU A 211 11.34 17.17 47.20
CA LEU A 211 11.66 17.18 48.62
C LEU A 211 13.07 16.66 48.84
N SER A 212 13.72 17.23 49.86
CA SER A 212 14.98 16.66 50.28
C SER A 212 14.73 15.37 51.03
N SER A 213 15.80 14.59 51.16
CA SER A 213 15.71 13.34 51.90
C SER A 213 15.15 13.56 53.30
N LYS A 214 15.46 14.71 53.94
CA LYS A 214 14.96 14.89 55.30
C LYS A 214 13.53 15.36 55.32
N GLU A 215 13.12 16.11 54.30
CA GLU A 215 11.69 16.41 54.14
C GLU A 215 10.89 15.17 53.78
N ILE A 216 11.46 14.28 52.95
CA ILE A 216 10.71 13.09 52.53
C ILE A 216 10.36 12.24 53.74
N GLU A 217 11.32 12.02 54.63
CA GLU A 217 11.02 11.20 55.79
C GLU A 217 9.96 11.84 56.69
N GLN A 218 10.01 13.16 56.87
CA GLN A 218 9.00 13.78 57.72
C GLN A 218 7.62 13.72 57.08
N VAL A 219 7.53 13.96 55.78
CA VAL A 219 6.25 13.86 55.09
C VAL A 219 5.68 12.44 55.21
N LEU A 220 6.48 11.43 54.82
CA LEU A 220 5.92 10.09 54.78
C LEU A 220 5.64 9.51 56.17
N SER A 221 6.40 9.90 57.19
CA SER A 221 6.06 9.46 58.55
C SER A 221 4.71 9.99 58.98
N GLY A 222 4.19 11.00 58.29
CA GLY A 222 2.93 11.63 58.63
C GLY A 222 1.77 11.28 57.74
N VAL A 223 1.91 10.27 56.91
CA VAL A 223 0.87 9.97 55.94
C VAL A 223 -0.21 9.13 56.62
N THR A 224 -1.46 9.50 56.39
CA THR A 224 -2.55 8.69 56.93
C THR A 224 -2.91 7.56 55.98
N LEU A 225 -2.73 7.79 54.68
CA LEU A 225 -3.02 6.77 53.70
C LEU A 225 -2.01 5.63 53.76
N PRO A 226 -2.43 4.41 53.49
CA PRO A 226 -1.48 3.30 53.42
C PRO A 226 -0.54 3.48 52.24
N LEU A 227 0.75 3.44 52.52
CA LEU A 227 1.75 3.60 51.47
C LEU A 227 1.69 2.44 50.48
N ASP A 228 2.03 2.73 49.22
CA ASP A 228 2.27 1.68 48.22
C ASP A 228 3.73 1.22 48.29
N LEU A 229 4.05 0.17 47.51
CA LEU A 229 5.43 -0.32 47.56
C LEU A 229 6.41 0.77 47.15
N GLU A 230 6.06 1.53 46.11
CA GLU A 230 6.90 2.62 45.65
C GLU A 230 7.33 3.50 46.81
N LEU A 231 6.37 3.95 47.62
CA LEU A 231 6.68 4.91 48.66
C LEU A 231 7.35 4.29 49.86
N LYS A 232 7.03 3.02 50.16
CA LYS A 232 7.72 2.33 51.25
C LYS A 232 9.21 2.30 50.97
N LEU A 233 9.58 1.99 49.72
CA LEU A 233 10.99 1.96 49.36
C LEU A 233 11.63 3.34 49.51
N LEU A 234 10.87 4.38 49.16
CA LEU A 234 11.38 5.73 49.25
C LEU A 234 11.52 6.16 50.69
N TYR A 235 10.54 5.80 51.52
CA TYR A 235 10.60 6.09 52.94
C TYR A 235 11.86 5.47 53.55
N MET A 236 12.12 4.19 53.22
CA MET A 236 13.30 3.52 53.74
C MET A 236 14.57 4.17 53.19
N LYS A 237 14.55 4.55 51.90
CA LYS A 237 15.69 5.23 51.30
C LYS A 237 15.98 6.51 52.06
N ALA A 238 14.93 7.27 52.37
CA ALA A 238 15.10 8.56 53.03
C ALA A 238 15.69 8.37 54.41
N MET A 239 15.19 7.37 55.16
CA MET A 239 15.68 7.16 56.53
C MET A 239 17.10 6.67 56.58
N LYS A 240 17.50 5.82 55.62
CA LYS A 240 18.90 5.41 55.52
C LYS A 240 19.80 6.59 55.18
N GLU A 241 19.40 7.40 54.21
CA GLU A 241 20.21 8.56 53.84
C GLU A 241 20.29 9.57 54.97
N ASN A 242 19.25 9.67 55.80
CA ASN A 242 19.26 10.61 56.90
C ASN A 242 19.78 10.02 58.19
N ALA A 243 20.29 8.78 58.17
CA ALA A 243 20.80 8.12 59.36
C ALA A 243 19.75 8.07 60.48
N SER A 244 18.47 8.08 60.09
CA SER A 244 17.38 7.98 61.05
C SER A 244 17.19 6.51 61.47
N PHE A 245 18.26 5.95 62.06
CA PHE A 245 18.35 4.49 62.18
C PHE A 245 17.37 3.92 63.18
N GLU A 246 17.12 4.65 64.28
CA GLU A 246 16.12 4.18 65.22
C GLU A 246 14.77 4.04 64.52
N ALA A 247 14.39 5.04 63.72
CA ALA A 247 13.17 4.93 62.93
C ALA A 247 13.26 3.80 61.92
N LEU A 248 14.35 3.75 61.16
CA LEU A 248 14.54 2.69 60.17
C LEU A 248 14.37 1.32 60.81
N HIS A 249 15.05 1.06 61.93
CA HIS A 249 15.00 -0.26 62.52
C HIS A 249 13.59 -0.64 62.93
N ALA A 250 12.87 0.31 63.53
CA ALA A 250 11.47 0.07 63.90
C ALA A 250 10.63 -0.27 62.66
N TYR A 251 10.73 0.56 61.61
CA TYR A 251 9.91 0.34 60.42
C TYR A 251 10.18 -1.02 59.82
N THR A 252 11.46 -1.36 59.65
CA THR A 252 11.81 -2.62 59.01
C THR A 252 11.34 -3.81 59.84
N GLU A 253 11.46 -3.72 61.17
CA GLU A 253 11.03 -4.81 62.04
C GLU A 253 9.58 -5.17 61.76
N LYS A 254 8.73 -4.14 61.72
CA LYS A 254 7.29 -4.34 61.49
C LYS A 254 7.06 -5.01 60.14
N LEU A 255 7.69 -4.47 59.10
CA LEU A 255 7.60 -5.09 57.77
C LEU A 255 8.06 -6.54 57.78
N LEU A 256 9.28 -6.78 58.24
CA LEU A 256 9.86 -8.11 58.10
C LEU A 256 9.17 -9.12 58.97
N PHE A 257 8.87 -8.76 60.23
CA PHE A 257 8.40 -9.75 61.19
C PHE A 257 6.89 -9.82 61.27
N LYS A 258 6.23 -8.70 61.56
CA LYS A 258 4.78 -8.76 61.70
C LYS A 258 4.11 -8.98 60.35
N GLU A 259 4.60 -8.30 59.31
CA GLU A 259 4.06 -8.43 57.96
C GLU A 259 4.67 -9.62 57.19
N LYS A 260 5.77 -10.19 57.67
CA LYS A 260 6.48 -11.28 57.01
C LYS A 260 6.75 -10.94 55.55
N PHE A 261 7.25 -9.71 55.34
CA PHE A 261 7.49 -9.20 53.99
C PHE A 261 8.52 -10.03 53.24
N ASP A 262 9.64 -10.38 53.88
CA ASP A 262 10.66 -11.23 53.27
C ASP A 262 11.31 -10.58 52.06
N ASP A 263 11.86 -9.40 52.28
CA ASP A 263 12.49 -8.62 51.23
C ASP A 263 13.96 -8.48 51.59
N PHE A 264 14.84 -9.01 50.74
CA PHE A 264 16.26 -9.01 51.10
C PHE A 264 16.82 -7.60 51.25
N ASP A 265 16.41 -6.68 50.37
CA ASP A 265 16.86 -5.31 50.53
C ASP A 265 16.43 -4.75 51.88
N THR A 266 15.23 -5.13 52.34
CA THR A 266 14.73 -4.70 53.64
C THR A 266 15.48 -5.37 54.78
N TRP A 267 15.84 -6.65 54.61
CA TRP A 267 16.65 -7.34 55.61
C TRP A 267 17.98 -6.64 55.83
N LYS A 268 18.61 -6.16 54.75
CA LYS A 268 19.90 -5.50 54.89
C LYS A 268 19.79 -4.19 55.65
N LEU A 269 18.68 -3.46 55.47
CA LEU A 269 18.48 -2.24 56.24
C LEU A 269 18.18 -2.53 57.70
N TRP A 270 17.62 -3.70 57.98
CA TRP A 270 17.28 -4.05 59.36
C TRP A 270 18.53 -4.32 60.18
N ILE A 271 19.49 -5.09 59.64
CA ILE A 271 20.70 -5.35 60.40
C ILE A 271 21.60 -4.12 60.43
N LEU A 272 21.57 -3.28 59.40
CA LEU A 272 22.35 -2.04 59.43
C LEU A 272 21.80 -1.09 60.48
N SER A 273 20.50 -0.80 60.42
CA SER A 273 19.88 0.02 61.46
C SER A 273 20.13 -0.58 62.85
N GLY A 274 20.16 -1.91 62.98
CA GLY A 274 20.34 -2.51 64.31
C GLY A 274 21.72 -2.23 64.90
N LYS A 275 22.79 -2.47 64.12
CA LYS A 275 24.12 -2.21 64.66
C LYS A 275 24.28 -0.73 65.03
N GLU A 276 23.72 0.18 64.21
CA GLU A 276 23.93 1.60 64.45
C GLU A 276 23.22 2.07 65.71
N ILE A 277 22.06 1.50 66.04
CA ILE A 277 21.38 1.85 67.27
C ILE A 277 21.85 0.94 68.42
N GLY A 278 22.92 0.19 68.19
CA GLY A 278 23.62 -0.47 69.27
C GLY A 278 23.36 -1.95 69.46
N LYS A 279 22.32 -2.52 68.83
CA LYS A 279 22.02 -3.93 69.06
C LYS A 279 23.23 -4.79 68.72
N SER A 280 23.32 -5.95 69.35
CA SER A 280 24.47 -6.83 69.20
C SER A 280 24.16 -7.97 68.24
N PHE A 281 25.23 -8.64 67.82
CA PHE A 281 25.12 -9.80 66.94
C PHE A 281 24.04 -10.76 67.43
N GLU A 282 24.08 -11.09 68.71
CA GLU A 282 23.20 -12.12 69.24
C GLU A 282 21.74 -11.69 69.17
N GLU A 283 21.43 -10.48 69.63
CA GLU A 283 20.02 -10.08 69.69
C GLU A 283 19.39 -10.12 68.31
N LEU A 284 20.16 -9.76 67.28
CA LEU A 284 19.64 -9.83 65.92
C LEU A 284 19.59 -11.27 65.44
N ASP A 285 20.68 -12.01 65.61
CA ASP A 285 20.74 -13.38 65.11
C ASP A 285 19.67 -14.26 65.77
N GLN A 286 19.42 -14.06 67.06
CA GLN A 286 18.41 -14.88 67.73
C GLN A 286 17.00 -14.64 67.17
N LYS A 287 16.75 -13.50 66.53
CA LYS A 287 15.47 -13.30 65.87
C LYS A 287 15.39 -13.98 64.49
N LEU A 288 16.52 -14.46 63.96
CA LEU A 288 16.60 -15.11 62.64
C LEU A 288 16.55 -16.62 62.79
N THR A 289 15.34 -17.17 62.85
CA THR A 289 15.19 -18.63 63.00
C THR A 289 15.04 -19.35 61.66
N LEU A 290 13.97 -19.09 60.90
CA LEU A 290 13.59 -19.82 59.70
C LEU A 290 14.76 -19.96 58.75
N PRO A 291 14.83 -21.08 58.03
CA PRO A 291 15.88 -21.27 57.02
C PRO A 291 15.46 -20.83 55.62
N THR A 292 14.96 -19.60 55.51
CA THR A 292 14.64 -19.10 54.18
C THR A 292 15.93 -18.69 53.46
N ARG A 293 15.86 -18.64 52.12
CA ARG A 293 17.02 -18.23 51.33
C ARG A 293 17.54 -16.87 51.76
N ASN A 294 16.62 -15.95 52.06
CA ASN A 294 16.99 -14.59 52.45
C ASN A 294 17.74 -14.55 53.78
N ILE A 295 17.24 -15.24 54.80
CA ILE A 295 17.89 -15.19 56.10
C ILE A 295 19.25 -15.89 56.05
N SER A 296 19.35 -17.00 55.31
CA SER A 296 20.63 -17.70 55.20
C SER A 296 21.72 -16.78 54.67
N LEU A 297 21.45 -16.06 53.58
CA LEU A 297 22.45 -15.13 53.05
C LEU A 297 22.64 -13.93 53.98
N LEU A 298 21.59 -13.51 54.65
CA LEU A 298 21.72 -12.40 55.59
C LEU A 298 22.73 -12.72 56.67
N LYS A 299 22.81 -13.97 57.10
CA LYS A 299 23.75 -14.32 58.16
C LYS A 299 25.19 -14.03 57.72
N ILE A 300 25.48 -14.27 56.44
CA ILE A 300 26.75 -13.84 55.85
C ILE A 300 26.90 -12.33 55.95
N GLU A 301 25.90 -11.59 55.47
CA GLU A 301 25.95 -10.14 55.50
C GLU A 301 26.08 -9.62 56.94
N LEU A 302 25.45 -10.32 57.89
CA LEU A 302 25.50 -9.91 59.29
C LEU A 302 26.87 -10.20 59.89
N ASP A 303 27.50 -11.31 59.49
CA ASP A 303 28.87 -11.57 59.90
C ASP A 303 29.81 -10.48 59.36
N ILE A 304 29.67 -10.15 58.08
CA ILE A 304 30.49 -9.10 57.49
C ILE A 304 30.37 -7.82 58.29
N LEU A 305 29.12 -7.43 58.62
CA LEU A 305 28.90 -6.13 59.23
C LEU A 305 29.50 -6.04 60.61
N TYR A 306 29.46 -7.13 61.38
CA TYR A 306 30.08 -7.20 62.70
C TYR A 306 31.49 -7.76 62.64
N SER A 307 32.11 -7.75 61.46
CA SER A 307 33.48 -8.22 61.25
C SER A 307 33.73 -9.63 61.81
N ARG A 308 32.67 -10.41 62.04
CA ARG A 308 32.86 -11.80 62.42
C ARG A 308 33.30 -12.64 61.21
N ASN A 309 33.73 -13.87 61.49
CA ASN A 309 34.27 -14.73 60.45
C ASN A 309 33.13 -15.35 59.66
N ILE A 310 33.38 -15.47 58.36
CA ILE A 310 32.33 -15.74 57.39
C ILE A 310 32.10 -17.24 57.17
N GLU A 311 33.11 -18.08 57.43
CA GLU A 311 33.14 -19.46 56.93
C GLU A 311 31.90 -20.26 57.35
N THR A 312 31.51 -20.16 58.62
CA THR A 312 30.39 -20.99 59.07
C THR A 312 29.11 -20.60 58.35
N SER A 313 28.84 -19.31 58.21
CA SER A 313 27.63 -18.88 57.54
C SER A 313 27.65 -19.20 56.06
N VAL A 314 28.86 -19.24 55.47
CA VAL A 314 28.97 -19.56 54.05
C VAL A 314 28.76 -21.05 53.82
N GLU A 315 29.30 -21.87 54.71
CA GLU A 315 29.13 -23.31 54.55
C GLU A 315 27.69 -23.71 54.83
N ASN A 316 27.02 -23.03 55.76
CA ASN A 316 25.63 -23.34 56.07
C ASN A 316 24.73 -23.06 54.89
N TYR A 317 24.99 -21.94 54.19
CA TYR A 317 24.20 -21.64 53.00
C TYR A 317 24.43 -22.70 51.93
N TYR A 318 25.68 -23.08 51.71
CA TYR A 318 25.98 -24.06 50.67
C TYR A 318 25.25 -25.37 50.93
N GLN A 319 25.43 -25.93 52.12
CA GLN A 319 24.80 -27.20 52.44
C GLN A 319 23.27 -27.12 52.28
N LYS A 320 22.70 -25.95 52.43
CA LYS A 320 21.25 -25.83 52.30
C LYS A 320 20.77 -25.51 50.87
N PHE A 321 21.67 -25.03 49.99
CA PHE A 321 21.25 -24.54 48.68
C PHE A 321 22.13 -25.03 47.53
N ASN A 322 22.96 -26.06 47.73
CA ASN A 322 23.77 -26.59 46.63
C ASN A 322 22.92 -27.33 45.61
N THR A 323 21.71 -27.72 45.99
CA THR A 323 20.79 -28.40 45.13
C THR A 323 19.99 -27.41 44.26
N LYS A 324 20.22 -26.10 44.42
CA LYS A 324 19.54 -25.07 43.65
C LYS A 324 20.54 -24.35 42.72
N LEU A 325 20.06 -23.96 41.54
CA LEU A 325 20.93 -23.36 40.54
C LEU A 325 21.41 -21.95 40.94
N CYS A 326 20.71 -21.29 41.85
CA CYS A 326 21.07 -19.95 42.29
C CYS A 326 22.31 -19.92 43.16
N CYS A 327 22.75 -21.08 43.65
CA CYS A 327 23.76 -21.15 44.70
C CYS A 327 25.03 -20.36 44.34
N TYR A 328 25.54 -20.58 43.13
CA TYR A 328 26.80 -19.93 42.75
C TYR A 328 26.66 -18.42 42.66
N ALA A 329 25.59 -17.92 42.02
CA ALA A 329 25.45 -16.48 41.89
C ALA A 329 25.35 -15.81 43.25
N ASP A 330 24.75 -16.49 44.22
CA ASP A 330 24.58 -15.89 45.54
C ASP A 330 25.92 -15.80 46.25
N LEU A 331 26.64 -16.91 46.34
CA LEU A 331 27.87 -16.88 47.11
C LEU A 331 28.99 -16.15 46.38
N SER A 332 28.93 -16.10 45.04
CA SER A 332 29.95 -15.37 44.27
C SER A 332 29.96 -13.88 44.59
N GLN A 333 28.89 -13.36 45.18
CA GLN A 333 28.90 -11.98 45.67
C GLN A 333 30.02 -11.69 46.66
N TYR A 334 30.33 -12.64 47.52
CA TYR A 334 31.24 -12.37 48.61
C TYR A 334 32.63 -12.90 48.33
N GLU A 335 33.56 -12.49 49.18
CA GLU A 335 34.92 -13.02 49.16
C GLU A 335 34.90 -14.35 49.90
N LEU A 336 34.79 -15.43 49.16
CA LEU A 336 34.62 -16.71 49.83
C LEU A 336 35.97 -17.20 50.36
N PRO A 337 35.99 -17.83 51.53
CA PRO A 337 37.26 -18.25 52.13
C PRO A 337 37.99 -19.30 51.32
N THR A 338 39.32 -19.31 51.49
CA THR A 338 40.21 -20.35 51.01
C THR A 338 39.61 -21.74 51.21
N SER A 339 39.26 -22.04 52.47
CA SER A 339 38.87 -23.39 52.87
C SER A 339 37.61 -23.86 52.17
N PHE A 340 36.67 -22.96 51.88
CA PHE A 340 35.40 -23.40 51.31
C PHE A 340 35.56 -23.95 49.91
N ILE A 341 36.47 -23.38 49.11
CA ILE A 341 36.73 -23.97 47.81
C ILE A 341 37.37 -25.33 47.96
N GLY A 342 38.00 -25.58 49.13
CA GLY A 342 38.59 -26.88 49.40
C GLY A 342 37.65 -28.05 49.16
N SER A 343 36.50 -28.04 49.85
CA SER A 343 35.42 -28.99 49.58
C SER A 343 35.19 -29.25 48.07
N GLU A 350 28.58 -36.20 41.31
CA GLU A 350 27.66 -36.52 42.41
C GLU A 350 26.29 -36.92 41.90
N GLU A 351 25.42 -37.33 42.83
CA GLU A 351 24.07 -37.75 42.48
C GLU A 351 23.22 -36.59 42.00
N ASN A 352 23.60 -35.36 42.30
CA ASN A 352 22.83 -34.19 41.92
C ASN A 352 23.58 -33.41 40.84
N LEU A 353 22.97 -33.28 39.67
CA LEU A 353 23.60 -32.52 38.59
C LEU A 353 23.83 -31.07 38.99
N ILE A 354 22.82 -30.44 39.61
CA ILE A 354 22.91 -29.03 39.98
C ILE A 354 24.06 -28.82 40.97
N THR A 355 24.28 -29.77 41.87
CA THR A 355 25.43 -29.67 42.77
C THR A 355 26.74 -29.70 42.00
N VAL A 356 26.86 -30.63 41.05
CA VAL A 356 28.06 -30.67 40.18
C VAL A 356 28.20 -29.37 39.41
N VAL A 357 27.08 -28.84 38.92
CA VAL A 357 27.14 -27.57 38.20
C VAL A 357 27.74 -26.49 39.08
N ASN A 358 27.12 -26.25 40.24
CA ASN A 358 27.64 -25.25 41.17
C ASN A 358 29.11 -25.49 41.48
N ASN A 359 29.44 -26.71 41.90
CA ASN A 359 30.80 -26.95 42.35
C ASN A 359 31.81 -26.68 41.25
N ARG A 360 31.51 -27.13 40.03
CA ARG A 360 32.41 -26.86 38.92
C ARG A 360 32.51 -25.37 38.67
N LYS A 361 31.42 -24.63 38.84
CA LYS A 361 31.51 -23.19 38.62
C LYS A 361 32.34 -22.53 39.73
N PHE A 362 32.27 -23.05 40.96
CA PHE A 362 33.06 -22.48 42.05
C PHE A 362 34.54 -22.65 41.79
N VAL A 363 34.95 -23.86 41.37
CA VAL A 363 36.35 -24.13 41.04
C VAL A 363 36.76 -23.57 39.68
N ASN A 364 35.82 -22.94 38.96
CA ASN A 364 36.03 -22.40 37.61
C ASN A 364 36.69 -23.44 36.68
N GLN A 365 35.99 -24.56 36.53
CA GLN A 365 36.45 -25.69 35.73
C GLN A 365 36.15 -25.46 34.24
N THR A 366 37.19 -25.40 33.41
CA THR A 366 36.96 -25.09 32.00
C THR A 366 36.56 -26.29 31.15
N ASP A 367 37.08 -27.48 31.44
CA ASP A 367 36.68 -28.69 30.71
C ASP A 367 35.63 -29.43 31.52
N ASN A 368 34.45 -29.64 30.92
CA ASN A 368 33.34 -30.27 31.62
C ASN A 368 32.65 -31.38 30.83
N TRP A 369 33.25 -31.87 29.75
CA TRP A 369 32.56 -32.85 28.93
C TRP A 369 32.27 -34.15 29.65
N ASP A 370 33.01 -34.47 30.71
CA ASP A 370 32.71 -35.64 31.53
C ASP A 370 31.30 -35.57 32.11
N VAL A 371 31.00 -34.49 32.83
CA VAL A 371 29.67 -34.32 33.40
C VAL A 371 28.59 -34.46 32.32
N TYR A 372 28.84 -33.90 31.13
CA TYR A 372 27.82 -33.88 30.08
C TYR A 372 27.36 -35.29 29.70
N GLU A 373 28.29 -36.23 29.53
CA GLU A 373 27.84 -37.55 29.13
C GLU A 373 27.15 -38.30 30.28
N ARG A 374 27.37 -37.87 31.53
CA ARG A 374 26.55 -38.40 32.61
C ARG A 374 25.09 -37.94 32.48
N PHE A 375 24.88 -36.66 32.11
CA PHE A 375 23.54 -36.08 32.13
C PHE A 375 23.09 -35.58 30.76
N SER A 376 23.66 -36.12 29.67
CA SER A 376 23.33 -35.67 28.32
C SER A 376 21.86 -35.85 27.95
N THR A 377 21.14 -36.70 28.67
CA THR A 377 19.77 -37.02 28.31
C THR A 377 18.84 -36.01 28.95
N LYS A 378 18.00 -35.37 28.14
CA LYS A 378 17.09 -34.35 28.65
C LYS A 378 16.02 -35.01 29.52
N GLU A 379 15.96 -34.57 30.79
CA GLU A 379 15.01 -35.09 31.76
C GLU A 379 14.34 -33.94 32.48
N GLY A 380 13.17 -34.23 33.03
CA GLY A 380 12.37 -33.22 33.65
C GLY A 380 11.32 -32.72 32.70
N ALA A 381 10.73 -31.58 33.06
CA ALA A 381 9.69 -30.94 32.26
C ALA A 381 10.22 -30.57 30.88
N GLU A 382 9.33 -30.69 29.89
CA GLU A 382 9.72 -30.52 28.49
C GLU A 382 10.26 -29.12 28.24
N TYR A 383 9.58 -28.10 28.76
CA TYR A 383 9.92 -26.74 28.39
C TYR A 383 11.12 -26.18 29.17
N ASP A 384 11.62 -26.94 30.14
CA ASP A 384 12.78 -26.49 30.90
C ASP A 384 14.07 -26.77 30.11
N SER A 385 15.18 -26.22 30.62
CA SER A 385 16.50 -26.38 30.02
C SER A 385 17.31 -27.41 30.78
N ASN A 386 18.35 -27.94 30.14
CA ASN A 386 19.18 -28.92 30.81
C ASN A 386 20.27 -28.16 31.54
N PRO A 387 20.30 -28.18 32.87
CA PRO A 387 21.29 -27.38 33.61
C PRO A 387 22.72 -27.73 33.29
N VAL A 388 22.97 -28.97 32.85
CA VAL A 388 24.32 -29.36 32.45
C VAL A 388 24.86 -28.42 31.38
N ASN A 389 23.99 -27.88 30.54
CA ASN A 389 24.49 -27.03 29.47
C ASN A 389 24.91 -25.66 29.95
N GLU A 390 24.68 -25.34 31.22
CA GLU A 390 25.41 -24.21 31.82
C GLU A 390 26.91 -24.46 31.75
N LEU A 391 27.34 -25.70 31.99
CA LEU A 391 28.75 -26.02 31.93
C LEU A 391 29.24 -26.30 30.52
N THR A 392 28.41 -26.93 29.69
CA THR A 392 28.88 -27.19 28.33
C THR A 392 29.09 -25.87 27.60
N LEU A 393 28.16 -24.94 27.77
CA LEU A 393 28.30 -23.63 27.16
C LEU A 393 29.56 -22.94 27.66
N ARG A 394 29.86 -23.07 28.96
CA ARG A 394 31.09 -22.52 29.51
C ARG A 394 32.33 -23.08 28.80
N THR A 395 32.36 -24.39 28.54
CA THR A 395 33.50 -24.98 27.88
C THR A 395 33.62 -24.52 26.45
N ILE A 396 32.50 -24.38 25.76
CA ILE A 396 32.53 -23.94 24.38
C ILE A 396 33.03 -22.51 24.27
N VAL A 397 32.55 -21.61 25.14
CA VAL A 397 32.95 -20.22 25.03
C VAL A 397 34.44 -20.08 25.33
N SER A 398 34.95 -20.87 26.28
CA SER A 398 36.37 -20.85 26.60
C SER A 398 37.22 -21.43 25.47
N ASP A 399 36.66 -22.28 24.60
CA ASP A 399 37.40 -22.85 23.49
C ASP A 399 37.32 -22.00 22.23
N LEU A 400 36.40 -21.04 22.16
CA LEU A 400 36.27 -20.23 20.95
C LEU A 400 37.57 -19.47 20.74
N ASP A 401 38.10 -19.52 19.51
CA ASP A 401 39.34 -18.80 19.23
C ASP A 401 39.29 -18.10 17.88
N SER A 402 38.10 -17.94 17.31
CA SER A 402 37.82 -17.20 16.09
C SER A 402 38.44 -17.81 14.83
N SER A 403 39.09 -18.98 14.91
CA SER A 403 39.53 -19.60 13.67
C SER A 403 38.39 -20.42 13.06
N PRO A 404 38.25 -20.41 11.73
CA PRO A 404 37.07 -21.04 11.10
C PRO A 404 36.83 -22.48 11.51
N GLN A 405 37.89 -23.27 11.71
CA GLN A 405 37.69 -24.65 12.11
C GLN A 405 37.05 -24.72 13.49
N ASN A 406 37.53 -23.89 14.41
CA ASN A 406 36.97 -23.87 15.76
C ASN A 406 35.51 -23.41 15.75
N THR A 407 35.20 -22.36 14.97
CA THR A 407 33.82 -21.91 14.79
C THR A 407 32.94 -23.08 14.34
N ILE A 408 33.35 -23.74 13.24
CA ILE A 408 32.56 -24.84 12.67
C ILE A 408 32.41 -25.99 13.66
N LYS A 409 33.51 -26.38 14.32
CA LYS A 409 33.45 -27.39 15.35
C LYS A 409 32.41 -27.03 16.41
N ASN A 410 32.48 -25.80 16.95
CA ASN A 410 31.59 -25.45 18.05
C ASN A 410 30.16 -25.28 17.56
N ILE A 411 29.97 -25.06 16.26
CA ILE A 411 28.63 -25.09 15.70
C ILE A 411 28.05 -26.50 15.79
N VAL A 412 28.85 -27.52 15.45
CA VAL A 412 28.37 -28.90 15.56
C VAL A 412 27.97 -29.21 16.99
N LEU A 413 28.80 -28.78 17.94
CA LEU A 413 28.52 -29.05 19.34
C LEU A 413 27.23 -28.37 19.75
N LEU A 414 27.10 -27.08 19.43
CA LEU A 414 25.92 -26.37 19.87
C LEU A 414 24.68 -26.98 19.24
N LYS A 415 24.74 -27.22 17.93
CA LYS A 415 23.64 -27.89 17.27
C LYS A 415 23.35 -29.23 17.93
N HIS A 416 24.40 -29.95 18.32
CA HIS A 416 24.19 -31.24 18.95
C HIS A 416 23.49 -31.10 20.29
N LEU A 417 23.90 -30.13 21.11
CA LEU A 417 23.25 -29.96 22.40
C LEU A 417 21.80 -29.50 22.26
N LEU A 418 21.51 -28.72 21.22
CA LEU A 418 20.14 -28.23 21.03
C LEU A 418 19.22 -29.32 20.50
N GLU A 419 19.79 -30.42 20.00
CA GLU A 419 18.98 -31.58 19.61
C GLU A 419 18.16 -32.08 20.79
N GLN A 420 18.75 -32.10 21.98
CA GLN A 420 18.05 -32.52 23.19
C GLN A 420 17.51 -31.35 24.00
N ASP A 421 18.27 -30.27 24.13
CA ASP A 421 17.80 -29.10 24.86
C ASP A 421 17.17 -28.12 23.86
N LYS A 422 15.99 -28.52 23.40
CA LYS A 422 15.32 -27.85 22.28
C LYS A 422 15.11 -26.35 22.54
N TYR A 423 14.88 -25.96 23.79
CA TYR A 423 14.48 -24.59 24.09
C TYR A 423 15.56 -23.79 24.82
N ASN A 424 16.82 -24.18 24.73
CA ASN A 424 17.88 -23.51 25.47
C ASN A 424 18.28 -22.21 24.76
N TYR A 425 17.79 -21.06 25.26
CA TYR A 425 17.97 -19.83 24.50
C TYR A 425 19.44 -19.39 24.44
N LYS A 426 20.23 -19.69 25.46
CA LYS A 426 21.62 -19.24 25.42
C LYS A 426 22.40 -19.96 24.33
N LEU A 427 22.18 -21.28 24.19
CA LEU A 427 22.79 -22.01 23.09
C LEU A 427 22.36 -21.42 21.76
N LYS A 428 21.08 -21.09 21.63
CA LYS A 428 20.58 -20.51 20.39
C LYS A 428 21.25 -19.17 20.10
N LEU A 429 21.40 -18.31 21.13
CA LEU A 429 22.06 -17.05 20.84
C LEU A 429 23.51 -17.26 20.45
N TRP A 430 24.21 -18.17 21.13
CA TRP A 430 25.61 -18.42 20.77
C TRP A 430 25.72 -19.08 19.41
N LEU A 431 24.74 -19.91 19.04
CA LEU A 431 24.75 -20.51 17.71
C LEU A 431 24.60 -19.44 16.63
N MET A 432 23.67 -18.52 16.82
CA MET A 432 23.58 -17.37 15.92
C MET A 432 24.91 -16.61 15.86
N LYS A 433 25.57 -16.44 17.02
CA LYS A 433 26.82 -15.68 17.03
C LYS A 433 27.88 -16.38 16.20
N LEU A 434 27.96 -17.70 16.30
CA LEU A 434 28.97 -18.37 15.48
C LEU A 434 28.61 -18.31 14.02
N TYR A 435 27.31 -18.39 13.68
CA TYR A 435 26.95 -18.30 12.26
C TYR A 435 27.25 -16.92 11.70
N SER A 436 27.23 -15.89 12.55
CA SER A 436 27.53 -14.55 12.06
C SER A 436 29.00 -14.39 11.72
N GLN A 437 29.84 -15.34 12.13
CA GLN A 437 31.26 -15.34 11.81
C GLN A 437 31.55 -15.82 10.38
N LEU A 438 30.62 -16.54 9.75
CA LEU A 438 30.86 -17.13 8.43
C LEU A 438 29.92 -16.53 7.38
N ASN A 439 30.00 -17.07 6.17
CA ASN A 439 29.15 -16.68 5.06
C ASN A 439 27.86 -17.49 5.04
N THR A 440 27.49 -18.10 6.15
CA THR A 440 26.33 -18.99 6.20
C THR A 440 25.06 -18.19 6.54
N ASN A 441 24.79 -17.19 5.70
CA ASN A 441 23.93 -16.08 6.06
C ASN A 441 22.45 -16.42 6.13
N ASP A 442 22.00 -17.50 5.45
CA ASP A 442 20.60 -17.91 5.49
C ASP A 442 20.29 -18.87 6.65
N LEU A 443 21.25 -19.08 7.56
CA LEU A 443 21.03 -19.98 8.67
C LEU A 443 20.68 -19.27 9.97
N ILE A 444 20.73 -17.94 10.01
CA ILE A 444 20.46 -17.23 11.26
C ILE A 444 18.97 -16.94 11.44
N PHE A 445 18.24 -16.54 10.38
CA PHE A 445 16.82 -16.24 10.57
C PHE A 445 16.02 -17.38 11.16
N PRO A 446 16.22 -18.64 10.77
CA PRO A 446 15.45 -19.72 11.43
C PRO A 446 15.63 -19.77 12.93
N ILE A 447 16.86 -19.59 13.45
CA ILE A 447 17.07 -19.58 14.91
C ILE A 447 16.31 -18.44 15.56
N TYR A 448 16.40 -17.26 14.95
CA TYR A 448 15.77 -16.06 15.49
C TYR A 448 14.25 -16.26 15.67
N ASN A 449 13.55 -16.64 14.59
CA ASN A 449 12.10 -16.84 14.67
C ASN A 449 11.73 -17.97 15.60
N GLY A 450 12.57 -19.01 15.70
CA GLY A 450 12.30 -20.10 16.63
C GLY A 450 12.32 -19.64 18.08
N LEU A 451 13.07 -18.59 18.38
CA LEU A 451 13.02 -17.97 19.68
C LEU A 451 11.72 -17.19 19.91
N LYS A 452 10.87 -17.08 18.91
CA LYS A 452 9.65 -16.27 19.01
C LYS A 452 9.98 -14.85 19.46
N ILE A 453 11.06 -14.30 18.90
CA ILE A 453 11.40 -12.89 19.10
C ILE A 453 10.26 -12.04 18.54
N ARG A 454 9.67 -11.21 19.37
CA ARG A 454 8.58 -10.36 18.89
C ARG A 454 8.50 -9.07 19.69
N MET A 455 8.02 -8.03 19.02
CA MET A 455 7.77 -6.72 19.63
C MET A 455 9.08 -6.15 20.19
N THR A 456 9.07 -5.73 21.46
CA THR A 456 10.21 -4.97 21.96
C THR A 456 11.51 -5.74 21.81
N GLN A 457 11.43 -7.06 21.79
CA GLN A 457 12.63 -7.85 21.60
C GLN A 457 13.36 -7.50 20.32
N HIS A 458 12.63 -7.13 19.26
CA HIS A 458 13.29 -6.72 18.03
C HIS A 458 14.24 -5.55 18.28
N GLU A 459 13.79 -4.57 19.06
CA GLU A 459 14.64 -3.42 19.33
C GLU A 459 15.94 -3.84 20.03
N THR A 460 15.87 -4.80 20.94
CA THR A 460 17.03 -5.23 21.70
C THR A 460 17.83 -6.37 21.06
N LEU A 461 17.24 -7.14 20.14
CA LEU A 461 17.92 -8.31 19.59
C LEU A 461 18.02 -8.39 18.06
N ASN A 462 17.48 -7.43 17.30
CA ASN A 462 17.49 -7.66 15.86
C ASN A 462 18.91 -7.63 15.29
N TYR A 463 19.90 -7.13 16.04
CA TYR A 463 21.26 -7.08 15.54
C TYR A 463 21.83 -8.49 15.30
N TYR A 464 21.28 -9.53 15.94
CA TYR A 464 21.71 -10.88 15.58
C TYR A 464 21.51 -11.15 14.10
N LEU A 465 20.64 -10.40 13.45
CA LEU A 465 20.39 -10.60 12.03
C LEU A 465 21.27 -9.73 11.16
N THR A 466 22.32 -9.15 11.73
CA THR A 466 23.20 -8.24 10.99
C THR A 466 23.72 -8.86 9.69
N THR A 467 24.13 -10.12 9.73
CA THR A 467 24.75 -10.74 8.57
C THR A 467 23.78 -11.50 7.64
N THR A 468 22.47 -11.45 7.89
CA THR A 468 21.57 -12.25 7.07
C THR A 468 21.59 -11.79 5.61
N ASN A 469 21.22 -12.70 4.71
CA ASN A 469 21.33 -12.46 3.28
C ASN A 469 20.18 -11.60 2.75
N PRO A 470 20.38 -10.87 1.64
CA PRO A 470 19.31 -10.04 1.02
C PRO A 470 18.28 -10.85 0.20
N SER A 471 17.58 -11.75 0.85
CA SER A 471 16.48 -12.45 0.18
C SER A 471 15.17 -11.69 0.38
N LYS A 472 14.24 -11.90 -0.55
CA LYS A 472 12.95 -11.25 -0.45
C LYS A 472 12.22 -11.71 0.79
N ILE A 473 12.44 -12.97 1.18
CA ILE A 473 11.85 -13.51 2.40
C ILE A 473 12.34 -12.71 3.60
N ASN A 474 13.64 -12.37 3.60
CA ASN A 474 14.22 -11.57 4.69
C ASN A 474 13.78 -10.12 4.62
N LEU A 475 13.80 -9.51 3.43
CA LEU A 475 13.19 -8.20 3.24
C LEU A 475 11.82 -8.15 3.91
N ASP A 476 10.94 -9.11 3.62
CA ASP A 476 9.61 -9.11 4.21
C ASP A 476 9.70 -9.18 5.74
N ALA A 477 10.61 -9.99 6.26
CA ALA A 477 10.78 -10.06 7.71
C ALA A 477 11.21 -8.72 8.26
N TRP A 478 12.08 -8.02 7.53
CA TRP A 478 12.57 -6.72 7.99
C TRP A 478 11.47 -5.67 7.96
N VAL A 479 10.70 -5.65 6.88
CA VAL A 479 9.55 -4.74 6.82
C VAL A 479 8.65 -4.99 8.01
N ASP A 480 8.46 -6.26 8.37
CA ASP A 480 7.57 -6.61 9.46
C ASP A 480 8.11 -6.15 10.80
N ILE A 481 9.44 -6.21 10.97
CA ILE A 481 10.06 -5.61 12.14
C ILE A 481 9.79 -4.11 12.16
N TYR A 482 9.87 -3.47 10.98
CA TYR A 482 9.55 -2.04 10.96
C TYR A 482 8.10 -1.80 11.40
N ARG A 483 7.17 -2.64 10.95
CA ARG A 483 5.80 -2.57 11.45
C ARG A 483 5.75 -2.52 12.97
N PHE A 484 6.62 -3.28 13.64
CA PHE A 484 6.66 -3.23 15.10
C PHE A 484 6.93 -1.81 15.58
N TYR A 485 7.91 -1.15 14.96
CA TYR A 485 8.31 0.20 15.36
C TYR A 485 7.17 1.18 15.12
N LEU A 486 6.52 1.07 13.97
CA LEU A 486 5.37 1.91 13.69
C LEU A 486 4.30 1.74 14.75
N THR A 487 3.93 0.49 15.05
CA THR A 487 2.84 0.30 16.02
C THR A 487 3.25 0.68 17.43
N SER A 488 4.45 0.33 17.83
CA SER A 488 4.85 0.70 19.17
C SER A 488 4.93 2.22 19.31
N LYS A 489 5.29 2.90 18.23
CA LYS A 489 5.34 4.36 18.27
C LYS A 489 3.98 4.91 18.66
N GLN A 490 2.93 4.42 18.01
CA GLN A 490 1.58 4.89 18.28
C GLN A 490 1.11 4.46 19.66
N GLU A 491 1.37 3.19 20.03
CA GLU A 491 0.89 2.71 21.33
C GLU A 491 1.54 3.46 22.48
N ILE A 492 2.83 3.80 22.40
CA ILE A 492 3.40 4.50 23.54
C ILE A 492 2.87 5.92 23.63
N LYS A 493 2.58 6.52 22.47
CA LYS A 493 2.01 7.86 22.49
C LYS A 493 0.66 7.85 23.18
N GLU A 494 -0.20 6.90 22.79
CA GLU A 494 -1.49 6.80 23.46
C GLU A 494 -1.33 6.40 24.92
N SER A 495 -0.30 5.65 25.26
CA SER A 495 -0.15 5.29 26.66
C SER A 495 0.32 6.48 27.48
N ILE A 496 1.07 7.42 26.87
CA ILE A 496 1.46 8.60 27.63
C ILE A 496 0.25 9.49 27.86
N ILE A 497 -0.57 9.68 26.83
CA ILE A 497 -1.79 10.46 26.98
C ILE A 497 -2.63 9.88 28.12
N GLN A 498 -2.88 8.56 28.07
CA GLN A 498 -3.78 7.96 29.04
C GLN A 498 -3.17 7.91 30.43
N GLY A 499 -1.85 7.76 30.51
CA GLY A 499 -1.19 7.84 31.81
C GLY A 499 -1.41 9.18 32.48
N PHE A 500 -1.41 10.26 31.70
CA PHE A 500 -1.74 11.58 32.23
C PHE A 500 -3.23 11.70 32.53
N ASP A 501 -4.10 11.09 31.71
CA ASP A 501 -5.53 11.25 31.96
C ASP A 501 -5.92 10.51 33.24
N ASN A 502 -5.38 9.31 33.46
CA ASN A 502 -5.38 8.74 34.80
C ASN A 502 -4.31 9.45 35.61
N GLY A 503 -4.06 9.03 36.83
CA GLY A 503 -3.13 9.89 37.53
C GLY A 503 -1.79 9.26 37.82
N VAL A 504 -1.27 8.50 36.85
CA VAL A 504 -0.22 7.52 37.11
C VAL A 504 1.19 8.11 36.97
N PHE A 505 1.52 9.13 37.77
CA PHE A 505 2.84 9.74 37.63
C PHE A 505 3.96 8.77 38.00
N ASN A 506 3.63 7.78 38.82
CA ASN A 506 4.53 6.70 39.19
C ASN A 506 5.22 6.06 38.01
N LYS A 507 4.59 6.09 36.84
CA LYS A 507 5.08 5.34 35.72
C LYS A 507 5.21 6.19 34.48
N LEU A 508 4.91 7.48 34.58
CA LEU A 508 4.92 8.34 33.41
C LEU A 508 6.33 8.62 32.92
N GLU A 509 7.29 8.79 33.83
CA GLU A 509 8.64 9.06 33.35
C GLU A 509 9.18 7.86 32.60
N GLY A 510 8.88 6.66 33.08
CA GLY A 510 9.25 5.47 32.33
C GLY A 510 8.64 5.44 30.94
N PHE A 511 7.36 5.78 30.84
CA PHE A 511 6.71 5.83 29.53
C PHE A 511 7.43 6.82 28.64
N ILE A 512 7.72 8.00 29.19
CA ILE A 512 8.33 9.05 28.39
C ILE A 512 9.69 8.60 27.90
N ASN A 513 10.51 8.06 28.81
CA ASN A 513 11.84 7.62 28.44
C ASN A 513 11.80 6.44 27.48
N PHE A 514 10.84 5.53 27.69
CA PHE A 514 10.68 4.43 26.76
C PHE A 514 10.48 4.97 25.36
N SER A 515 9.54 5.89 25.21
CA SER A 515 9.31 6.49 23.91
C SER A 515 10.58 7.15 23.38
N LYS A 516 11.21 7.98 24.19
CA LYS A 516 12.45 8.65 23.78
C LYS A 516 13.49 7.65 23.29
N ARG A 517 13.68 6.55 24.04
CA ARG A 517 14.71 5.59 23.63
C ARG A 517 14.38 4.84 22.33
N MET A 518 13.11 4.83 21.89
CA MET A 518 12.73 4.19 20.63
C MET A 518 12.65 5.17 19.47
N GLN A 519 12.72 6.45 19.71
CA GLN A 519 12.46 7.38 18.63
C GLN A 519 13.55 7.30 17.56
N ASN A 520 14.81 7.11 17.94
CA ASN A 520 15.90 7.17 16.97
C ASN A 520 17.04 6.24 17.38
N SER A 521 16.72 4.96 17.56
CA SER A 521 17.68 3.99 18.06
C SER A 521 18.51 3.41 16.91
N ILE A 522 19.69 2.87 17.25
CA ILE A 522 20.47 2.25 16.19
C ILE A 522 19.71 1.06 15.64
N SER A 523 18.89 0.41 16.47
CA SER A 523 18.15 -0.74 15.98
C SER A 523 17.06 -0.31 15.02
N LEU A 524 16.42 0.83 15.28
CA LEU A 524 15.45 1.35 14.33
C LEU A 524 16.14 1.72 13.03
N ASN A 525 17.29 2.42 13.11
CA ASN A 525 17.93 2.85 11.87
C ASN A 525 18.54 1.69 11.12
N PHE A 526 19.06 0.71 11.83
CA PHE A 526 19.57 -0.46 11.14
C PHE A 526 18.46 -1.15 10.36
N THR A 527 17.24 -1.21 10.95
CA THR A 527 16.10 -1.77 10.21
C THR A 527 15.85 -1.00 8.91
N VAL A 528 15.87 0.34 8.96
CA VAL A 528 15.64 1.09 7.73
C VAL A 528 16.80 0.89 6.74
N ALA A 529 18.05 0.94 7.23
CA ALA A 529 19.19 0.68 6.35
C ALA A 529 19.04 -0.66 5.63
N LYS A 530 18.67 -1.69 6.38
CA LYS A 530 18.51 -3.03 5.79
C LYS A 530 17.44 -3.03 4.71
N ILE A 531 16.27 -2.43 5.01
CA ILE A 531 15.18 -2.45 4.06
C ILE A 531 15.59 -1.75 2.77
N LEU A 532 16.25 -0.59 2.90
CA LEU A 532 16.73 0.10 1.70
C LEU A 532 17.77 -0.74 0.98
N GLN A 533 18.72 -1.33 1.70
CA GLN A 533 19.74 -2.15 1.04
C GLN A 533 19.11 -3.32 0.27
N ILE A 534 18.29 -4.13 0.94
CA ILE A 534 17.77 -5.32 0.27
C ILE A 534 16.81 -4.91 -0.84
N SER A 535 16.02 -3.87 -0.62
CA SER A 535 15.08 -3.45 -1.66
C SER A 535 15.85 -3.09 -2.91
N THR A 536 16.91 -2.29 -2.78
CA THR A 536 17.57 -1.91 -4.02
C THR A 536 18.40 -3.04 -4.59
N ILE A 537 18.81 -4.02 -3.77
CA ILE A 537 19.62 -5.10 -4.31
C ILE A 537 18.79 -5.97 -5.25
N LEU A 538 17.63 -6.45 -4.79
CA LEU A 538 16.56 -7.06 -5.61
C LEU A 538 15.95 -6.05 -6.59
N GLY A 539 15.11 -6.54 -7.46
CA GLY A 539 14.47 -5.46 -8.20
C GLY A 539 13.27 -4.77 -7.57
N THR A 540 12.84 -5.13 -6.35
CA THR A 540 11.52 -4.69 -5.87
C THR A 540 11.57 -3.33 -5.20
N ASP A 541 10.43 -2.62 -5.30
CA ASP A 541 10.29 -1.24 -4.84
C ASP A 541 8.97 -1.02 -4.10
N GLY A 542 8.34 -2.11 -3.64
CA GLY A 542 7.08 -2.00 -2.94
C GLY A 542 7.13 -1.09 -1.74
N TYR A 543 8.25 -1.07 -1.03
CA TYR A 543 8.37 -0.19 0.12
C TYR A 543 9.46 0.86 -0.02
N LEU A 544 10.19 0.89 -1.14
CA LEU A 544 11.35 1.75 -1.25
C LEU A 544 10.97 3.21 -1.10
N ASN A 545 9.92 3.62 -1.81
CA ASN A 545 9.48 5.00 -1.82
C ASN A 545 9.03 5.44 -0.43
N TYR A 546 8.40 4.53 0.31
CA TYR A 546 7.97 4.82 1.67
C TYR A 546 9.17 5.21 2.54
N PHE A 547 10.25 4.42 2.47
CA PHE A 547 11.38 4.67 3.36
C PHE A 547 12.26 5.83 2.88
N ILE A 548 12.30 6.11 1.59
CA ILE A 548 12.95 7.33 1.15
C ILE A 548 12.23 8.52 1.77
N HIS A 549 10.90 8.41 1.86
CA HIS A 549 10.12 9.47 2.47
C HIS A 549 10.42 9.59 3.97
N TYR A 550 10.62 8.44 4.65
CA TYR A 550 11.06 8.48 6.05
C TYR A 550 12.39 9.22 6.17
N LEU A 551 13.37 8.92 5.32
CA LEU A 551 14.63 9.66 5.44
C LEU A 551 14.41 11.16 5.22
N LYS A 552 13.70 11.53 4.15
CA LYS A 552 13.52 12.95 3.83
C LYS A 552 12.76 13.70 4.93
N THR A 553 11.86 13.02 5.62
CA THR A 553 11.07 13.58 6.71
C THR A 553 11.83 13.67 8.04
N ASN A 554 12.90 12.90 8.21
CA ASN A 554 13.55 12.79 9.52
C ASN A 554 15.03 13.09 9.45
N GLU A 555 15.44 14.00 8.56
CA GLU A 555 16.87 14.21 8.38
C GLU A 555 17.54 14.63 9.69
N ALA A 556 16.83 15.40 10.52
CA ALA A 556 17.37 15.80 11.80
C ALA A 556 17.72 14.60 12.66
N LEU A 557 16.82 13.62 12.71
CA LEU A 557 17.13 12.38 13.40
C LEU A 557 18.29 11.62 12.74
N ILE A 558 18.27 11.53 11.40
CA ILE A 558 19.21 10.66 10.69
C ILE A 558 20.64 11.09 10.99
N VAL A 559 20.88 12.40 11.10
CA VAL A 559 22.23 12.91 11.32
C VAL A 559 22.61 13.05 12.79
N SER A 560 21.71 12.72 13.74
CA SER A 560 22.05 12.80 15.16
C SER A 560 22.75 11.53 15.65
N ASP A 561 22.96 11.44 16.96
CA ASP A 561 23.49 10.25 17.60
C ASP A 561 22.32 9.33 17.91
N TYR A 562 22.43 8.08 17.49
CA TYR A 562 21.34 7.14 17.71
C TYR A 562 21.46 6.50 19.10
N THR A 563 20.32 6.22 19.72
CA THR A 563 20.32 5.51 21.00
C THR A 563 20.54 4.03 20.77
N ASP A 564 21.26 3.42 21.70
CA ASP A 564 21.55 1.98 21.71
C ASP A 564 20.81 1.31 22.87
N ASN A 565 19.82 0.47 22.56
CA ASN A 565 19.21 -0.41 23.56
C ASN A 565 19.50 -1.87 23.27
N ARG A 566 20.55 -2.18 22.52
CA ARG A 566 20.78 -3.56 22.15
C ARG A 566 21.23 -4.40 23.35
N ASP A 567 20.89 -5.67 23.31
CA ASP A 567 21.17 -6.62 24.38
C ASP A 567 22.41 -7.43 24.03
N PHE A 568 23.57 -7.01 24.52
CA PHE A 568 24.78 -7.80 24.44
C PHE A 568 25.04 -8.60 25.70
N LYS A 569 24.05 -8.69 26.59
CA LYS A 569 24.24 -9.29 27.91
C LYS A 569 23.61 -10.66 28.07
N SER A 570 22.51 -10.97 27.37
CA SER A 570 21.71 -12.14 27.70
C SER A 570 22.43 -13.46 27.46
N GLU A 571 23.26 -13.56 26.42
CA GLU A 571 23.91 -14.84 26.20
C GLU A 571 24.96 -15.13 27.25
N TRP A 572 25.33 -14.14 28.06
CA TRP A 572 26.36 -14.28 29.07
C TRP A 572 25.81 -14.54 30.47
N ASN A 573 24.49 -14.72 30.59
CA ASN A 573 23.83 -14.88 31.88
C ASN A 573 24.33 -16.11 32.65
N GLY A 574 24.97 -15.88 33.79
CA GLY A 574 25.57 -16.97 34.52
C GLY A 574 26.91 -17.42 34.00
N LEU A 575 27.59 -16.53 33.30
CA LEU A 575 28.96 -16.71 32.86
C LEU A 575 29.67 -15.38 33.11
N GLU A 576 31.00 -15.39 33.08
CA GLU A 576 31.76 -14.16 33.14
C GLU A 576 32.07 -13.74 31.72
N LYS A 577 31.75 -12.48 31.38
CA LYS A 577 31.89 -11.99 30.01
C LYS A 577 33.36 -11.73 29.73
N ILE A 578 34.03 -12.72 29.17
CA ILE A 578 35.34 -12.51 28.58
C ILE A 578 35.19 -11.85 27.21
N ASP A 579 36.33 -11.34 26.71
CA ASP A 579 36.42 -10.95 25.32
C ASP A 579 36.32 -12.19 24.44
N CYS A 580 35.69 -12.05 23.29
CA CYS A 580 35.21 -13.22 22.56
C CYS A 580 34.80 -12.78 21.16
N ILE A 581 34.14 -13.69 20.41
CA ILE A 581 33.64 -13.33 19.09
C ILE A 581 32.39 -12.48 19.27
N ASP A 582 32.21 -11.54 18.35
CA ASP A 582 31.15 -10.55 18.41
C ASP A 582 30.32 -10.68 17.14
N VAL A 583 29.03 -10.37 17.24
CA VAL A 583 28.31 -10.19 15.98
C VAL A 583 28.90 -8.97 15.28
N PRO A 584 29.26 -9.07 14.01
CA PRO A 584 29.96 -7.97 13.33
C PRO A 584 29.10 -6.76 13.02
N VAL A 585 28.80 -5.91 13.98
CA VAL A 585 28.00 -4.73 13.69
C VAL A 585 28.92 -3.58 13.24
N ASN A 586 28.32 -2.60 12.56
CA ASN A 586 29.06 -1.43 12.06
C ASN A 586 28.10 -0.22 12.12
N ASP A 587 27.99 0.40 13.30
CA ASP A 587 26.96 1.42 13.49
C ASP A 587 27.18 2.63 12.60
N VAL A 588 28.44 3.03 12.41
CA VAL A 588 28.75 4.21 11.61
C VAL A 588 28.36 3.99 10.15
N ALA A 589 28.69 2.81 9.61
CA ALA A 589 28.22 2.47 8.27
C ALA A 589 26.69 2.57 8.16
N THR A 590 25.97 2.15 9.20
CA THR A 590 24.52 2.29 9.17
C THR A 590 24.12 3.73 8.93
N LYS A 591 24.71 4.66 9.69
CA LYS A 591 24.47 6.08 9.46
C LYS A 591 24.85 6.48 8.04
N LEU A 592 26.04 6.07 7.59
CA LEU A 592 26.50 6.47 6.25
C LEU A 592 25.56 5.97 5.17
N LYS A 593 25.13 4.72 5.27
CA LYS A 593 24.16 4.20 4.31
C LYS A 593 22.93 5.08 4.23
N LEU A 594 22.33 5.38 5.38
CA LEU A 594 21.14 6.23 5.39
C LEU A 594 21.46 7.60 4.86
N LEU A 595 22.68 8.10 5.09
CA LEU A 595 23.06 9.36 4.45
C LEU A 595 23.17 9.19 2.94
N VAL A 596 23.70 8.07 2.47
CA VAL A 596 23.85 7.85 1.03
C VAL A 596 22.47 7.91 0.36
N TYR A 597 21.52 7.11 0.84
CA TYR A 597 20.19 7.16 0.24
C TYR A 597 19.54 8.54 0.40
N SER A 598 19.74 9.19 1.54
CA SER A 598 19.20 10.54 1.71
C SER A 598 19.73 11.49 0.65
N ILE A 599 21.00 11.30 0.24
CA ILE A 599 21.60 12.19 -0.74
C ILE A 599 21.14 11.82 -2.15
N VAL A 600 21.05 10.52 -2.45
CA VAL A 600 20.60 10.09 -3.76
C VAL A 600 19.28 10.76 -4.10
N PHE A 601 18.34 10.75 -3.16
CA PHE A 601 17.01 11.30 -3.40
C PHE A 601 16.84 12.73 -2.89
N GLU A 602 17.94 13.47 -2.72
CA GLU A 602 17.84 14.89 -2.42
C GLU A 602 17.57 15.64 -3.71
N ASP A 603 16.54 16.46 -3.70
CA ASP A 603 16.10 17.11 -4.93
C ASP A 603 16.50 18.58 -5.00
N GLN A 604 16.86 19.21 -3.88
CA GLN A 604 17.16 20.63 -3.87
C GLN A 604 18.65 20.87 -3.69
N ASP A 605 19.21 20.57 -2.52
CA ASP A 605 20.61 20.87 -2.26
C ASP A 605 21.23 19.75 -1.44
N ALA A 606 22.20 19.05 -2.02
CA ALA A 606 22.84 17.93 -1.35
C ALA A 606 24.11 18.31 -0.59
N SER A 607 24.48 19.60 -0.58
CA SER A 607 25.74 19.99 0.04
C SER A 607 25.74 19.75 1.55
N ARG A 608 24.64 20.08 2.23
CA ARG A 608 24.58 19.92 3.68
C ARG A 608 24.83 18.47 4.10
N LEU A 609 23.99 17.55 3.61
CA LEU A 609 24.16 16.13 3.89
C LEU A 609 25.55 15.63 3.50
N LEU A 610 26.15 16.19 2.45
CA LEU A 610 27.46 15.72 2.04
C LEU A 610 28.57 16.18 2.99
N LYS A 611 28.45 17.39 3.56
CA LYS A 611 29.39 17.78 4.63
C LYS A 611 29.30 16.81 5.78
N VAL A 612 28.08 16.49 6.22
CA VAL A 612 27.89 15.47 7.26
C VAL A 612 28.58 14.19 6.86
N PHE A 613 28.35 13.75 5.63
CA PHE A 613 28.97 12.52 5.12
C PHE A 613 30.48 12.61 5.24
N ASN A 614 31.06 13.71 4.77
CA ASN A 614 32.51 13.80 4.78
C ASN A 614 33.06 13.91 6.19
N LYS A 615 32.35 14.61 7.09
CA LYS A 615 32.83 14.67 8.47
C LYS A 615 32.87 13.26 9.07
N ILE A 616 31.84 12.45 8.81
CA ILE A 616 31.81 11.11 9.39
C ILE A 616 32.91 10.23 8.82
N THR A 617 32.99 10.13 7.49
CA THR A 617 34.01 9.25 6.91
C THR A 617 35.40 9.70 7.32
N SER A 618 35.60 10.99 7.52
CA SER A 618 36.92 11.47 7.87
C SER A 618 37.39 10.95 9.22
N ASN A 619 36.47 10.54 10.10
CA ASN A 619 36.80 10.00 11.42
C ASN A 619 36.43 8.53 11.59
N ALA A 620 36.45 7.74 10.52
CA ALA A 620 35.55 6.58 10.43
C ALA A 620 36.04 5.33 11.16
N LYS A 621 37.35 5.07 11.23
CA LYS A 621 37.85 3.79 11.81
C LYS A 621 37.48 2.57 10.96
N PHE A 622 37.51 2.72 9.64
CA PHE A 622 37.06 1.61 8.82
C PHE A 622 38.22 0.69 8.43
N SER A 623 37.87 -0.50 8.00
CA SER A 623 38.80 -1.34 7.27
C SER A 623 39.16 -0.68 5.92
N VAL A 624 40.16 -1.27 5.25
CA VAL A 624 40.68 -0.72 4.00
C VAL A 624 39.57 -0.66 2.94
N PHE A 625 38.81 -1.75 2.79
CA PHE A 625 37.79 -1.77 1.75
C PHE A 625 36.62 -0.86 2.09
N ASP A 626 36.17 -0.86 3.34
CA ASP A 626 35.12 0.09 3.70
C ASP A 626 35.57 1.53 3.47
N ASN A 627 36.84 1.84 3.73
CA ASN A 627 37.28 3.20 3.44
C ASN A 627 37.19 3.48 1.96
N LEU A 628 37.65 2.54 1.12
CA LEU A 628 37.52 2.71 -0.33
C LEU A 628 36.07 2.93 -0.73
N LEU A 629 35.17 2.13 -0.14
CA LEU A 629 33.77 2.11 -0.52
C LEU A 629 33.08 3.45 -0.27
N TYR A 630 33.36 4.09 0.86
CA TYR A 630 32.69 5.38 1.08
C TYR A 630 33.37 6.53 0.34
N LYS A 631 34.64 6.38 -0.04
CA LYS A 631 35.22 7.36 -0.93
C LYS A 631 34.59 7.25 -2.31
N LEU A 632 34.42 6.03 -2.80
CA LEU A 632 33.67 5.79 -4.03
C LEU A 632 32.28 6.42 -3.97
N TYR A 633 31.54 6.16 -2.88
CA TYR A 633 30.24 6.78 -2.71
C TYR A 633 30.36 8.31 -2.72
N PHE A 634 31.36 8.84 -2.01
CA PHE A 634 31.55 10.29 -1.99
C PHE A 634 31.71 10.84 -3.41
N ASN A 635 32.65 10.28 -4.17
CA ASN A 635 32.92 10.79 -5.50
C ASN A 635 31.72 10.62 -6.42
N LEU A 636 31.05 9.46 -6.34
CA LEU A 636 29.89 9.20 -7.18
C LEU A 636 28.73 10.13 -6.86
N LEU A 637 28.47 10.37 -5.57
CA LEU A 637 27.39 11.28 -5.19
C LEU A 637 27.68 12.71 -5.61
N LYS A 638 28.94 13.15 -5.47
CA LYS A 638 29.18 14.54 -5.81
C LYS A 638 29.15 14.78 -7.31
N ILE A 639 29.59 13.81 -8.09
CA ILE A 639 29.46 13.95 -9.54
C ILE A 639 28.00 14.13 -9.93
N THR A 640 27.13 13.31 -9.35
CA THR A 640 25.76 13.24 -9.80
C THR A 640 24.85 14.24 -9.12
N LYS A 641 25.21 14.72 -7.93
CA LYS A 641 24.25 15.45 -7.10
C LYS A 641 24.70 16.84 -6.70
N THR A 642 25.79 17.35 -7.28
CA THR A 642 26.26 18.72 -7.00
C THR A 642 26.80 19.33 -8.29
N LYS A 643 26.59 20.64 -8.44
CA LYS A 643 27.14 21.40 -9.58
C LYS A 643 28.66 21.53 -9.43
N LEU A 644 29.40 20.96 -10.38
CA LEU A 644 30.86 21.07 -10.41
C LEU A 644 31.33 21.40 -11.82
N ASN A 645 32.57 21.97 -11.92
CA ASN A 645 33.08 22.41 -13.22
C ASN A 645 33.76 21.27 -13.95
N PRO A 646 33.89 21.34 -15.29
CA PRO A 646 34.38 20.17 -16.05
C PRO A 646 35.67 19.55 -15.51
N GLN A 647 36.54 20.33 -14.87
CA GLN A 647 37.79 19.80 -14.35
C GLN A 647 37.59 18.99 -13.07
N GLU A 648 36.87 19.54 -12.10
CA GLU A 648 36.53 18.79 -10.89
C GLU A 648 35.88 17.45 -11.23
N THR A 649 34.90 17.48 -12.15
CA THR A 649 34.19 16.28 -12.55
C THR A 649 35.15 15.20 -13.07
N GLN A 650 36.03 15.59 -14.01
CA GLN A 650 36.99 14.62 -14.54
C GLN A 650 37.86 14.03 -13.44
N SER A 651 38.22 14.85 -12.45
CA SER A 651 39.05 14.36 -11.35
C SER A 651 38.34 13.26 -10.58
N LEU A 652 37.11 13.55 -10.13
CA LEU A 652 36.33 12.56 -9.38
C LEU A 652 36.01 11.35 -10.26
N TYR A 653 35.67 11.58 -11.53
CA TYR A 653 35.43 10.45 -12.42
C TYR A 653 36.65 9.57 -12.53
N ASN A 654 37.84 10.16 -12.63
CA ASN A 654 39.02 9.33 -12.83
C ASN A 654 39.30 8.47 -11.61
N TYR A 655 38.99 8.96 -10.42
CA TYR A 655 39.12 8.10 -9.24
C TYR A 655 38.16 6.93 -9.32
N LEU A 656 36.89 7.20 -9.63
CA LEU A 656 35.93 6.12 -9.89
C LEU A 656 36.45 5.21 -10.99
N GLN A 657 36.97 5.81 -12.07
CA GLN A 657 37.48 5.03 -13.19
C GLN A 657 38.65 4.16 -12.77
N LYS A 658 39.55 4.69 -11.94
CA LYS A 658 40.76 3.92 -11.58
C LYS A 658 40.41 2.69 -10.77
N ASN A 659 39.42 2.77 -9.88
CA ASN A 659 39.19 1.72 -8.91
C ASN A 659 37.96 0.86 -9.16
N LEU A 660 37.05 1.24 -10.07
CA LEU A 660 35.95 0.32 -10.37
C LEU A 660 36.48 -0.73 -11.34
N LYS A 661 37.34 -1.58 -10.80
CA LYS A 661 38.03 -2.66 -11.51
C LYS A 661 38.19 -3.79 -10.53
N THR A 662 38.02 -5.02 -11.00
CA THR A 662 38.09 -6.16 -10.11
C THR A 662 39.46 -6.25 -9.44
N ASP A 663 40.53 -5.98 -10.19
CA ASP A 663 41.89 -6.03 -9.60
C ASP A 663 42.00 -5.12 -8.40
N LYS A 664 41.29 -3.99 -8.40
CA LYS A 664 41.29 -3.13 -7.22
C LYS A 664 40.31 -3.65 -6.17
N LEU A 665 39.06 -3.92 -6.56
CA LEU A 665 38.07 -4.33 -5.57
C LEU A 665 38.35 -5.73 -4.98
N LYS A 666 39.24 -6.50 -5.60
CA LYS A 666 39.68 -7.77 -5.02
C LYS A 666 40.06 -7.65 -3.53
N ILE A 667 40.46 -6.45 -3.08
CA ILE A 667 40.85 -6.30 -1.68
C ILE A 667 39.68 -6.54 -0.74
N LEU A 668 38.44 -6.51 -1.24
CA LEU A 668 37.29 -6.81 -0.38
C LEU A 668 37.29 -8.25 0.10
N ILE A 669 38.03 -9.13 -0.55
CA ILE A 669 38.08 -10.55 -0.22
C ILE A 669 39.04 -10.76 0.94
N PRO A 670 38.58 -11.26 2.08
CA PRO A 670 39.46 -11.47 3.23
C PRO A 670 40.43 -12.62 2.99
N GLU A 671 41.53 -12.61 3.75
CA GLU A 671 42.52 -13.70 3.64
C GLU A 671 41.93 -15.04 4.08
N ASN A 672 41.16 -15.04 5.18
CA ASN A 672 40.35 -16.20 5.53
C ASN A 672 39.06 -16.15 4.71
N LEU A 673 39.00 -16.97 3.65
CA LEU A 673 37.85 -16.96 2.76
C LEU A 673 36.58 -17.39 3.47
N LEU A 674 36.70 -18.18 4.54
CA LEU A 674 35.49 -18.62 5.22
C LEU A 674 34.92 -17.54 6.14
N SER A 675 35.56 -16.39 6.23
CA SER A 675 35.04 -15.29 7.03
C SER A 675 33.82 -14.65 6.40
N GLY A 676 32.84 -14.30 7.24
CA GLY A 676 31.65 -13.60 6.80
C GLY A 676 31.94 -12.22 6.23
N GLU A 677 33.13 -11.67 6.47
CA GLU A 677 33.47 -10.39 5.86
C GLU A 677 33.32 -10.47 4.34
N LEU A 678 33.54 -11.66 3.77
CA LEU A 678 33.43 -11.84 2.33
C LEU A 678 32.06 -11.41 1.82
N THR A 679 31.00 -12.07 2.28
CA THR A 679 29.67 -11.72 1.77
C THR A 679 29.23 -10.33 2.23
N GLN A 680 29.62 -9.90 3.43
CA GLN A 680 29.26 -8.55 3.88
C GLN A 680 29.85 -7.49 2.96
N ASN A 681 31.09 -7.68 2.54
CA ASN A 681 31.68 -6.75 1.60
C ASN A 681 31.01 -6.86 0.24
N LEU A 682 30.86 -8.10 -0.26
CA LEU A 682 30.18 -8.32 -1.53
C LEU A 682 28.84 -7.62 -1.55
N THR A 683 28.04 -7.82 -0.50
CA THR A 683 26.74 -7.19 -0.43
C THR A 683 26.88 -5.70 -0.63
N ASN A 684 27.84 -5.09 0.07
CA ASN A 684 28.01 -3.65 -0.02
C ASN A 684 28.45 -3.24 -1.42
N LEU A 685 29.22 -4.11 -2.09
CA LEU A 685 29.64 -3.81 -3.46
C LEU A 685 28.46 -3.90 -4.41
N VAL A 686 27.59 -4.89 -4.21
CA VAL A 686 26.39 -5.02 -5.03
C VAL A 686 25.53 -3.77 -4.89
N GLU A 687 25.25 -3.39 -3.64
CA GLU A 687 24.43 -2.21 -3.39
C GLU A 687 25.04 -0.97 -4.04
N PHE A 688 26.35 -0.82 -3.94
CA PHE A 688 27.00 0.31 -4.60
C PHE A 688 26.69 0.32 -6.09
N ILE A 689 26.86 -0.84 -6.74
CA ILE A 689 26.66 -0.89 -8.18
C ILE A 689 25.23 -0.55 -8.53
N LYS A 690 24.25 -1.08 -7.78
CA LYS A 690 22.86 -0.72 -8.06
C LYS A 690 22.67 0.79 -7.95
N ILE A 691 23.33 1.43 -6.98
CA ILE A 691 23.18 2.87 -6.82
C ILE A 691 23.81 3.62 -7.99
N VAL A 692 24.92 3.11 -8.53
CA VAL A 692 25.47 3.66 -9.76
C VAL A 692 24.42 3.64 -10.87
N LYS A 693 23.77 2.48 -11.07
CA LYS A 693 22.79 2.36 -12.15
C LYS A 693 21.58 3.24 -11.91
N LEU A 694 21.12 3.35 -10.65
CA LEU A 694 19.98 4.24 -10.36
C LEU A 694 20.32 5.69 -10.62
N LEU A 695 21.53 6.09 -10.27
CA LEU A 695 21.90 7.47 -10.47
C LEU A 695 22.09 7.77 -11.96
N ALA A 696 22.60 6.82 -12.73
CA ALA A 696 22.74 7.06 -14.16
C ALA A 696 21.39 7.26 -14.83
N LYS A 697 20.33 6.65 -14.28
CA LYS A 697 18.97 6.97 -14.75
C LYS A 697 18.52 8.33 -14.22
N ARG A 698 18.62 8.56 -12.91
CA ARG A 698 18.11 9.81 -12.34
C ARG A 698 18.85 11.01 -12.90
N HIS A 699 20.17 10.94 -12.99
CA HIS A 699 21.02 12.04 -13.41
C HIS A 699 21.89 11.56 -14.57
N PRO A 700 21.28 11.33 -15.73
CA PRO A 700 22.04 10.79 -16.86
C PRO A 700 23.10 11.75 -17.35
N SER A 701 24.24 11.18 -17.73
CA SER A 701 25.34 11.94 -18.33
C SER A 701 26.27 10.95 -19.01
N SER A 702 27.15 11.47 -19.86
CA SER A 702 28.13 10.60 -20.51
C SER A 702 29.02 9.92 -19.49
N TYR A 703 29.42 10.65 -18.46
CA TYR A 703 30.23 10.07 -17.38
C TYR A 703 29.51 8.88 -16.77
N MET A 704 28.26 9.08 -16.35
CA MET A 704 27.49 7.98 -15.78
C MET A 704 27.39 6.81 -16.75
N ASN A 705 27.25 7.10 -18.05
CA ASN A 705 27.17 6.04 -19.04
C ASN A 705 28.45 5.23 -19.09
N GLN A 706 29.59 5.89 -18.90
CA GLN A 706 30.86 5.17 -18.89
C GLN A 706 31.02 4.33 -17.62
N LEU A 707 30.51 4.80 -16.48
CA LEU A 707 30.58 3.99 -15.27
C LEU A 707 29.67 2.77 -15.36
N VAL A 708 28.47 2.95 -15.90
CA VAL A 708 27.54 1.82 -16.01
C VAL A 708 28.13 0.74 -16.89
N ASN A 709 28.85 1.13 -17.95
CA ASN A 709 29.54 0.14 -18.77
C ASN A 709 30.70 -0.50 -18.00
N LEU A 710 31.42 0.30 -17.20
CA LEU A 710 32.59 -0.18 -16.47
C LEU A 710 32.27 -1.34 -15.54
N VAL A 711 31.01 -1.44 -15.08
CA VAL A 711 30.68 -2.40 -14.05
C VAL A 711 30.03 -3.66 -14.62
N LYS A 712 29.77 -3.70 -15.93
CA LYS A 712 29.28 -4.91 -16.58
C LYS A 712 30.13 -6.17 -16.32
N PRO A 713 31.47 -6.14 -16.39
CA PRO A 713 32.20 -7.41 -16.29
C PRO A 713 32.38 -7.95 -14.88
N PHE A 714 31.97 -7.20 -13.84
CA PHE A 714 32.24 -7.61 -12.45
C PHE A 714 31.71 -9.01 -12.16
N GLY A 715 30.48 -9.30 -12.58
CA GLY A 715 29.89 -10.59 -12.27
C GLY A 715 30.72 -11.77 -12.75
N LYS A 716 31.07 -11.79 -14.04
CA LYS A 716 31.84 -12.93 -14.53
C LYS A 716 33.22 -12.98 -13.90
N GLU A 717 33.84 -11.81 -13.66
CA GLU A 717 35.21 -11.80 -13.15
C GLU A 717 35.30 -12.40 -11.75
N PHE A 718 34.44 -11.94 -10.83
CA PHE A 718 34.41 -12.49 -9.48
C PHE A 718 33.99 -13.96 -9.48
N LYS A 719 33.22 -14.36 -10.49
CA LYS A 719 32.92 -15.78 -10.59
C LYS A 719 34.16 -16.58 -10.90
N ASN A 720 35.13 -15.99 -11.61
CA ASN A 720 36.35 -16.70 -11.90
C ASN A 720 37.32 -16.71 -10.74
N LEU A 721 37.06 -15.96 -9.68
CA LEU A 721 37.87 -16.06 -8.47
C LEU A 721 37.57 -17.31 -7.67
N LYS A 722 36.54 -18.05 -8.07
CA LYS A 722 36.21 -19.36 -7.50
C LYS A 722 36.12 -19.30 -5.97
N LEU A 723 35.29 -18.37 -5.49
CA LEU A 723 35.19 -18.11 -4.06
C LEU A 723 34.47 -19.23 -3.32
N VAL A 724 33.47 -19.85 -3.96
CA VAL A 724 32.79 -20.99 -3.35
C VAL A 724 33.68 -22.23 -3.34
N GLN A 725 34.32 -22.51 -4.47
CA GLN A 725 35.13 -23.70 -4.55
C GLN A 725 36.22 -23.66 -3.49
N ARG A 726 36.93 -22.54 -3.41
CA ARG A 726 37.99 -22.39 -2.42
C ARG A 726 37.45 -22.63 -1.01
N GLN A 727 36.30 -22.04 -0.67
CA GLN A 727 35.75 -22.29 0.66
C GLN A 727 35.39 -23.76 0.86
N HIS A 728 34.81 -24.40 -0.17
CA HIS A 728 34.54 -25.83 -0.04
C HIS A 728 35.83 -26.62 0.19
N GLU A 729 36.90 -26.27 -0.53
CA GLU A 729 38.15 -27.02 -0.42
C GLU A 729 38.72 -26.92 1.00
N ILE A 730 38.69 -25.73 1.58
CA ILE A 730 39.17 -25.54 2.94
C ILE A 730 38.37 -26.41 3.90
N ILE A 731 37.04 -26.31 3.85
CA ILE A 731 36.19 -27.12 4.72
C ILE A 731 36.47 -28.60 4.53
N ASP A 732 36.60 -29.04 3.28
CA ASP A 732 36.76 -30.46 3.01
C ASP A 732 38.07 -30.99 3.61
N SER A 733 39.06 -30.13 3.82
CA SER A 733 40.36 -30.53 4.33
C SER A 733 40.54 -30.24 5.83
N MET A 734 39.46 -30.02 6.55
CA MET A 734 39.57 -29.81 7.99
C MET A 734 39.42 -31.15 8.71
N ASP A 735 40.25 -31.38 9.72
CA ASP A 735 40.17 -32.57 10.56
C ASP A 735 39.64 -32.18 11.94
N PHE A 736 38.47 -32.70 12.32
CA PHE A 736 37.92 -32.48 13.64
C PHE A 736 38.13 -33.71 14.50
N GLU A 737 38.71 -33.52 15.69
CA GLU A 737 38.47 -34.48 16.77
C GLU A 737 37.56 -33.79 17.79
N PRO A 738 36.23 -34.00 17.70
CA PRO A 738 35.33 -33.36 18.66
C PRO A 738 35.47 -33.99 20.04
N PRO A 739 35.20 -33.23 21.09
CA PRO A 739 35.30 -33.79 22.44
C PRO A 739 34.20 -34.79 22.81
N ILE A 740 33.19 -34.97 21.95
CA ILE A 740 32.12 -35.94 22.14
C ILE A 740 31.80 -36.57 20.79
N SER A 741 30.98 -37.62 20.82
CA SER A 741 30.58 -38.30 19.59
C SER A 741 29.46 -37.50 18.94
N VAL A 742 29.76 -36.95 17.76
CA VAL A 742 28.83 -36.12 17.01
C VAL A 742 29.06 -36.40 15.53
N ASP A 743 27.98 -36.32 14.75
CA ASP A 743 28.11 -36.44 13.31
C ASP A 743 28.56 -35.10 12.73
N ILE A 744 29.78 -35.06 12.20
CA ILE A 744 30.30 -33.84 11.61
C ILE A 744 29.71 -33.60 10.21
N SER A 745 29.36 -34.68 9.50
CA SER A 745 29.15 -34.63 8.07
C SER A 745 27.95 -33.78 7.68
N GLN A 746 26.85 -33.88 8.44
CA GLN A 746 25.65 -33.09 8.11
C GLN A 746 25.86 -31.61 8.31
N THR A 747 26.55 -31.22 9.39
CA THR A 747 26.87 -29.80 9.54
C THR A 747 27.79 -29.32 8.43
N LYS A 748 28.80 -30.13 8.07
CA LYS A 748 29.65 -29.80 6.93
C LYS A 748 28.82 -29.61 5.66
N LEU A 749 27.89 -30.53 5.41
CA LEU A 749 27.07 -30.45 4.20
C LEU A 749 26.13 -29.24 4.24
N GLU A 750 25.55 -28.95 5.42
CA GLU A 750 24.68 -27.79 5.53
C GLU A 750 25.46 -26.51 5.31
N ILE A 751 26.62 -26.40 5.95
CA ILE A 751 27.42 -25.18 5.85
C ILE A 751 27.90 -24.96 4.43
N LYS A 752 28.38 -26.03 3.79
CA LYS A 752 28.84 -25.89 2.40
C LYS A 752 27.71 -25.38 1.53
N SER A 753 26.51 -25.98 1.64
CA SER A 753 25.38 -25.60 0.81
C SER A 753 24.97 -24.15 1.08
N SER A 754 24.97 -23.73 2.36
CA SER A 754 24.57 -22.38 2.71
C SER A 754 25.58 -21.35 2.17
N ILE A 755 26.87 -21.67 2.19
CA ILE A 755 27.89 -20.78 1.64
C ILE A 755 27.68 -20.61 0.14
N GLU A 756 27.53 -21.73 -0.57
CA GLU A 756 27.34 -21.66 -2.01
C GLU A 756 26.12 -20.82 -2.35
N ASP A 757 24.99 -21.09 -1.69
CA ASP A 757 23.77 -20.36 -2.05
C ASP A 757 23.93 -18.85 -1.84
N CYS A 758 24.55 -18.44 -0.73
CA CYS A 758 24.67 -17.01 -0.42
C CYS A 758 25.69 -16.32 -1.32
N VAL A 759 26.87 -16.91 -1.53
CA VAL A 759 27.86 -16.30 -2.40
C VAL A 759 27.32 -16.20 -3.83
N VAL A 760 26.74 -17.30 -4.34
CA VAL A 760 26.26 -17.29 -5.71
C VAL A 760 25.17 -16.24 -5.91
N ALA A 761 24.25 -16.12 -4.95
CA ALA A 761 23.21 -15.09 -5.10
C ALA A 761 23.82 -13.68 -5.16
N LEU A 762 24.86 -13.41 -4.37
CA LEU A 762 25.52 -12.12 -4.51
C LEU A 762 26.23 -12.01 -5.85
N LEU A 763 26.93 -13.08 -6.27
CA LEU A 763 27.64 -13.01 -7.55
C LEU A 763 26.69 -12.86 -8.73
N ASN A 764 25.54 -13.51 -8.66
CA ASN A 764 24.56 -13.26 -9.70
C ASN A 764 23.97 -11.87 -9.63
N SER A 765 24.19 -11.14 -8.54
CA SER A 765 23.63 -9.81 -8.49
C SER A 765 24.58 -8.76 -9.02
N LEU A 766 25.86 -9.08 -9.20
CA LEU A 766 26.81 -8.08 -9.69
C LEU A 766 26.57 -7.75 -11.16
N THR B 2 13.77 -12.32 45.77
CA THR B 2 14.76 -11.85 46.76
C THR B 2 14.49 -10.43 47.29
N SER B 3 14.40 -9.45 46.41
CA SER B 3 13.72 -8.19 46.71
C SER B 3 12.72 -7.89 45.61
N ILE B 4 11.56 -7.34 46.00
CA ILE B 4 10.53 -6.97 45.03
C ILE B 4 10.50 -5.47 44.88
N LYS B 5 10.39 -5.01 43.64
CA LYS B 5 10.40 -3.62 43.24
C LYS B 5 9.28 -3.38 42.24
N PRO B 6 8.71 -2.18 42.21
CA PRO B 6 7.69 -1.90 41.20
C PRO B 6 8.25 -2.05 39.79
N PHE B 7 7.39 -2.46 38.86
CA PHE B 7 7.75 -2.53 37.46
C PHE B 7 7.65 -1.16 36.77
N GLN B 8 8.67 -0.81 36.00
CA GLN B 8 8.66 0.38 35.18
C GLN B 8 8.90 -0.01 33.73
N MET B 9 8.36 0.80 32.80
CA MET B 9 8.32 0.39 31.40
C MET B 9 9.71 0.10 30.84
N GLU B 10 10.74 0.79 31.35
CA GLU B 10 12.05 0.62 30.76
C GLU B 10 12.65 -0.73 31.07
N ASP B 11 12.02 -1.49 31.97
CA ASP B 11 12.50 -2.82 32.33
C ASP B 11 12.40 -3.79 31.16
N LEU B 12 11.46 -3.53 30.25
CA LEU B 12 11.35 -4.33 29.03
C LEU B 12 12.68 -4.44 28.30
N PHE B 13 13.45 -3.34 28.25
CA PHE B 13 14.71 -3.38 27.52
C PHE B 13 15.67 -4.41 28.09
N GLU B 14 15.49 -4.82 29.34
CA GLU B 14 16.42 -5.72 29.99
C GLU B 14 15.74 -6.99 30.48
N LEU B 15 14.64 -7.39 29.87
CA LEU B 15 13.91 -8.58 30.30
C LEU B 15 14.25 -9.83 29.47
N ASN B 16 15.19 -9.74 28.54
CA ASN B 16 15.40 -10.88 27.64
C ASN B 16 15.73 -12.18 28.34
N PRO B 17 16.52 -12.23 29.42
CA PRO B 17 16.83 -13.54 30.01
C PRO B 17 15.60 -14.23 30.56
N VAL B 18 14.62 -13.46 30.98
CA VAL B 18 13.35 -13.98 31.47
C VAL B 18 12.36 -14.23 30.34
N ASN B 19 12.30 -13.32 29.37
CA ASN B 19 11.27 -13.40 28.34
C ASN B 19 11.66 -14.24 27.12
N LEU B 20 12.93 -14.64 26.96
CA LEU B 20 13.27 -15.61 25.91
C LEU B 20 12.87 -17.03 26.27
N ASP B 21 12.57 -17.28 27.53
CA ASP B 21 12.06 -18.57 27.94
C ASP B 21 10.84 -18.94 27.10
N PRO B 22 10.70 -20.20 26.68
CA PRO B 22 9.68 -20.55 25.68
C PRO B 22 8.26 -20.41 26.16
N LEU B 23 8.01 -20.38 27.46
CA LEU B 23 6.66 -20.28 27.97
C LEU B 23 6.32 -18.85 28.39
N THR B 24 7.22 -17.91 28.11
CA THR B 24 7.02 -16.51 28.44
C THR B 24 6.74 -15.70 27.18
N GLU B 25 5.53 -15.13 27.12
CA GLU B 25 5.07 -14.30 26.02
C GLU B 25 5.66 -12.89 26.08
N ASN B 26 5.86 -12.30 24.91
CA ASN B 26 6.30 -10.92 24.77
C ASN B 26 5.17 -10.10 24.15
N PHE B 27 4.62 -9.19 24.95
CA PHE B 27 3.40 -8.51 24.53
C PHE B 27 3.72 -7.19 23.84
N ASN B 28 2.67 -6.61 23.25
CA ASN B 28 2.75 -5.29 22.68
C ASN B 28 3.13 -4.26 23.74
N VAL B 29 3.81 -3.20 23.28
CA VAL B 29 4.04 -2.07 24.15
C VAL B 29 2.73 -1.62 24.79
N SER B 30 1.69 -1.47 23.96
CA SER B 30 0.33 -1.19 24.40
C SER B 30 -0.07 -1.94 25.66
N PHE B 31 0.12 -3.24 25.63
CA PHE B 31 -0.36 -4.14 26.66
C PHE B 31 0.36 -3.88 27.99
N TYR B 32 1.69 -3.98 28.00
CA TYR B 32 2.46 -3.69 29.22
C TYR B 32 2.10 -2.33 29.78
N SER B 33 2.12 -1.30 28.93
CA SER B 33 1.84 0.04 29.42
C SER B 33 0.42 0.12 30.00
N GLN B 34 -0.59 -0.43 29.30
CA GLN B 34 -1.96 -0.41 29.82
C GLN B 34 -2.04 -0.98 31.23
N TYR B 35 -1.34 -2.09 31.48
CA TYR B 35 -1.35 -2.63 32.82
C TYR B 35 -0.75 -1.61 33.78
N LEU B 36 0.42 -1.07 33.46
CA LEU B 36 1.05 -0.08 34.33
C LEU B 36 0.13 1.14 34.56
N ILE B 37 -0.75 1.46 33.60
CA ILE B 37 -1.65 2.61 33.75
C ILE B 37 -2.81 2.29 34.69
N GLU B 38 -3.36 1.08 34.58
CA GLU B 38 -4.65 0.74 35.16
C GLU B 38 -4.58 -0.09 36.42
N TRP B 39 -3.49 -0.80 36.63
CA TRP B 39 -3.26 -1.56 37.86
C TRP B 39 -1.79 -1.48 38.23
N PRO B 40 -1.27 -0.27 38.42
CA PRO B 40 0.19 -0.11 38.59
C PRO B 40 0.74 -0.84 39.82
N GLN B 41 -0.08 -1.06 40.82
CA GLN B 41 0.44 -1.78 41.97
C GLN B 41 0.41 -3.29 41.79
N LEU B 42 -0.15 -3.80 40.70
CA LEU B 42 -0.18 -5.24 40.48
C LEU B 42 0.81 -5.69 39.43
N PHE B 43 1.80 -4.85 39.13
CA PHE B 43 2.88 -5.16 38.21
C PHE B 43 4.21 -4.89 38.95
N TYR B 44 4.91 -5.96 39.31
CA TYR B 44 6.11 -5.78 40.12
C TYR B 44 7.08 -6.91 39.80
N LYS B 45 8.35 -6.69 40.13
CA LYS B 45 9.43 -7.59 39.74
C LYS B 45 10.28 -8.00 40.93
N SER B 46 10.92 -9.16 40.80
CA SER B 46 11.95 -9.61 41.72
C SER B 46 13.34 -9.26 41.17
N VAL B 47 14.20 -8.73 42.03
CA VAL B 47 15.54 -8.35 41.63
C VAL B 47 16.59 -9.24 42.30
N GLU B 48 17.78 -9.29 41.73
CA GLU B 48 18.87 -10.09 42.27
C GLU B 48 19.55 -9.38 43.43
N THR B 49 20.41 -10.12 44.13
CA THR B 49 21.13 -9.56 45.27
C THR B 49 22.28 -8.67 44.82
N PRO B 50 23.12 -9.18 43.91
CA PRO B 50 24.27 -8.45 43.39
C PRO B 50 24.01 -7.19 42.57
N ASN B 51 23.41 -7.32 41.40
CA ASN B 51 23.21 -6.15 40.54
C ASN B 51 21.82 -5.59 40.31
N GLY B 52 20.79 -6.21 40.82
CA GLY B 52 19.47 -5.71 40.56
C GLY B 52 19.00 -6.22 39.22
N GLN B 53 19.40 -7.44 38.91
CA GLN B 53 19.03 -8.10 37.69
C GLN B 53 17.67 -8.64 37.94
N ALA B 54 16.80 -8.48 36.97
CA ALA B 54 15.42 -8.93 37.10
C ALA B 54 15.36 -10.46 37.14
N SER B 55 14.76 -11.02 38.20
CA SER B 55 14.59 -12.45 38.41
C SER B 55 13.26 -12.97 37.93
N GLY B 56 12.36 -12.07 37.58
CA GLY B 56 10.99 -12.46 37.36
C GLY B 56 10.07 -11.34 37.70
N TYR B 57 8.82 -11.53 37.31
CA TYR B 57 7.82 -10.50 37.55
C TYR B 57 6.45 -11.13 37.65
N MET B 58 5.54 -10.34 38.22
CA MET B 58 4.12 -10.60 38.25
C MET B 58 3.41 -9.47 37.53
N MET B 59 2.59 -9.82 36.54
CA MET B 59 1.76 -8.86 35.79
C MET B 59 0.30 -9.27 35.96
N ALA B 60 -0.48 -8.44 36.64
CA ALA B 60 -1.82 -8.80 37.10
C ALA B 60 -2.81 -7.65 36.89
N LYS B 61 -4.09 -7.98 36.86
CA LYS B 61 -5.15 -6.99 36.70
C LYS B 61 -6.35 -7.37 37.56
N THR B 62 -7.31 -6.44 37.65
CA THR B 62 -8.63 -6.68 38.22
C THR B 62 -9.70 -6.45 37.16
N GLU B 63 -10.75 -7.25 37.20
CA GLU B 63 -11.71 -7.34 36.11
C GLU B 63 -12.98 -8.00 36.62
N GLY B 64 -14.11 -7.66 36.00
CA GLY B 64 -15.34 -8.39 36.18
C GLY B 64 -16.38 -7.61 36.97
N GLN B 65 -17.62 -8.11 36.88
CA GLN B 65 -18.79 -7.51 37.51
C GLN B 65 -19.10 -8.21 38.82
N LEU B 66 -19.25 -7.43 39.90
CA LEU B 66 -19.56 -8.03 41.18
C LEU B 66 -21.01 -8.51 41.25
N SER B 67 -21.92 -7.87 40.51
CA SER B 67 -23.31 -8.33 40.47
C SER B 67 -23.42 -9.73 39.89
N LYS B 68 -22.55 -10.05 38.94
CA LYS B 68 -22.47 -11.35 38.29
C LYS B 68 -21.53 -12.32 39.02
N LYS B 69 -21.15 -12.01 40.27
CA LYS B 69 -20.23 -12.82 41.08
C LYS B 69 -18.86 -13.02 40.43
N GLU B 70 -18.48 -12.19 39.46
CA GLU B 70 -17.29 -12.42 38.66
C GLU B 70 -16.28 -11.28 38.76
N TRP B 71 -16.14 -10.68 39.95
CA TRP B 71 -15.19 -9.60 40.20
C TRP B 71 -13.91 -10.17 40.81
N HIS B 72 -12.84 -10.17 40.05
CA HIS B 72 -11.70 -11.02 40.37
C HIS B 72 -10.39 -10.38 39.95
N THR B 73 -9.32 -10.93 40.47
CA THR B 73 -7.97 -10.58 40.06
C THR B 73 -7.50 -11.62 39.05
N HIS B 74 -6.79 -11.17 38.01
CA HIS B 74 -6.33 -12.05 36.95
C HIS B 74 -4.81 -11.94 36.85
N ILE B 75 -4.16 -13.10 36.72
CA ILE B 75 -2.73 -13.19 36.50
C ILE B 75 -2.52 -13.34 35.00
N THR B 76 -1.89 -12.33 34.36
CA THR B 76 -1.60 -12.47 32.94
C THR B 76 -0.18 -12.91 32.65
N ALA B 77 0.73 -12.85 33.62
CA ALA B 77 2.09 -13.32 33.39
C ALA B 77 2.85 -13.43 34.70
N VAL B 78 3.39 -14.61 34.95
CA VAL B 78 4.42 -14.82 35.97
C VAL B 78 5.53 -15.60 35.30
N THR B 79 6.77 -15.26 35.60
CA THR B 79 7.84 -16.14 35.17
C THR B 79 9.08 -15.82 35.99
N VAL B 80 9.90 -16.83 36.19
CA VAL B 80 11.11 -16.73 36.99
C VAL B 80 12.29 -17.07 36.09
N LEU B 81 13.35 -16.28 36.18
CA LEU B 81 14.59 -16.62 35.50
C LEU B 81 15.06 -18.01 35.90
N ASP B 82 15.51 -18.79 34.90
CA ASP B 82 15.85 -20.21 35.14
C ASP B 82 16.83 -20.38 36.30
N GLN B 83 17.81 -19.46 36.45
CA GLN B 83 18.77 -19.57 37.55
C GLN B 83 18.12 -19.49 38.92
N TYR B 84 16.91 -18.92 39.03
CA TYR B 84 16.30 -18.66 40.32
C TYR B 84 15.04 -19.49 40.54
N ARG B 85 14.96 -20.63 39.87
CA ARG B 85 13.81 -21.49 40.02
C ARG B 85 14.00 -22.47 41.18
N ARG B 86 12.89 -23.08 41.58
CA ARG B 86 12.84 -24.10 42.61
C ARG B 86 13.25 -23.56 43.99
N ILE B 87 13.18 -22.25 44.21
CA ILE B 87 13.50 -21.75 45.55
C ILE B 87 12.39 -20.85 46.10
N GLY B 88 11.14 -21.09 45.73
CA GLY B 88 10.04 -20.35 46.30
C GLY B 88 9.66 -19.07 45.58
N LEU B 89 10.38 -18.70 44.52
CA LEU B 89 10.27 -17.35 44.00
C LEU B 89 8.92 -17.11 43.35
N ALA B 90 8.49 -17.99 42.45
CA ALA B 90 7.18 -17.80 41.83
C ALA B 90 6.07 -17.88 42.88
N SER B 91 6.24 -18.75 43.88
CA SER B 91 5.28 -18.81 44.97
C SER B 91 5.25 -17.49 45.74
N LYS B 92 6.43 -16.94 46.03
CA LYS B 92 6.50 -15.63 46.68
C LYS B 92 5.79 -14.56 45.87
N LEU B 93 5.95 -14.59 44.55
CA LEU B 93 5.30 -13.59 43.71
C LEU B 93 3.79 -13.73 43.74
N CYS B 94 3.29 -14.97 43.61
CA CYS B 94 1.84 -15.17 43.59
C CYS B 94 1.22 -14.91 44.95
N LEU B 95 1.94 -15.21 46.04
CA LEU B 95 1.35 -15.00 47.35
C LEU B 95 1.38 -13.54 47.73
N GLU B 96 2.43 -12.82 47.32
CA GLU B 96 2.48 -11.39 47.59
C GLU B 96 1.31 -10.69 46.93
N LEU B 97 0.83 -11.25 45.82
CA LEU B 97 -0.33 -10.71 45.14
C LEU B 97 -1.58 -10.84 46.01
N GLU B 98 -1.78 -12.02 46.62
CA GLU B 98 -2.91 -12.21 47.54
C GLU B 98 -2.86 -11.23 48.71
N ASN B 99 -1.68 -10.68 49.03
CA ASN B 99 -1.52 -9.81 50.19
C ASN B 99 -2.00 -8.39 49.94
N LEU B 100 -1.88 -7.90 48.70
CA LEU B 100 -2.26 -6.52 48.41
C LEU B 100 -3.74 -6.27 48.70
N THR B 101 -4.02 -5.10 49.26
CA THR B 101 -5.39 -4.77 49.63
C THR B 101 -6.31 -4.80 48.41
N GLN B 102 -5.84 -4.28 47.28
CA GLN B 102 -6.63 -4.23 46.05
C GLN B 102 -7.09 -5.62 45.60
N VAL B 103 -6.21 -6.62 45.73
CA VAL B 103 -6.60 -7.99 45.41
C VAL B 103 -7.54 -8.55 46.46
N LYS B 104 -7.26 -8.27 47.74
CA LYS B 104 -8.12 -8.76 48.81
C LYS B 104 -9.57 -8.34 48.60
N ASP B 105 -9.78 -7.21 47.91
CA ASP B 105 -11.11 -6.71 47.62
C ASP B 105 -11.89 -7.60 46.65
N THR B 106 -11.21 -8.50 45.93
CA THR B 106 -11.86 -9.32 44.92
C THR B 106 -12.19 -10.72 45.46
N LEU B 107 -12.93 -11.47 44.65
CA LEU B 107 -13.51 -12.75 45.04
C LEU B 107 -12.57 -13.93 44.80
N PHE B 108 -11.78 -13.91 43.73
CA PHE B 108 -10.89 -15.02 43.41
C PHE B 108 -9.81 -14.55 42.46
N ILE B 109 -8.84 -15.43 42.21
CA ILE B 109 -7.72 -15.16 41.30
C ILE B 109 -7.81 -16.10 40.11
N ASP B 110 -7.76 -15.51 38.92
CA ASP B 110 -7.93 -16.14 37.62
C ASP B 110 -6.56 -16.35 37.00
N LEU B 111 -6.44 -17.35 36.10
CA LEU B 111 -5.27 -17.44 35.24
C LEU B 111 -5.44 -18.55 34.20
N PHE B 112 -4.77 -18.38 33.07
CA PHE B 112 -4.65 -19.40 32.05
C PHE B 112 -3.28 -20.06 32.11
N VAL B 113 -3.23 -21.36 31.90
CA VAL B 113 -1.97 -22.09 31.84
C VAL B 113 -2.03 -23.08 30.70
N LYS B 114 -0.93 -23.17 29.96
CA LYS B 114 -0.83 -24.20 28.93
C LYS B 114 -1.00 -25.59 29.54
N VAL B 115 -1.86 -26.40 28.90
CA VAL B 115 -2.09 -27.76 29.37
C VAL B 115 -0.78 -28.54 29.40
N THR B 116 0.08 -28.33 28.41
CA THR B 116 1.38 -28.99 28.38
C THR B 116 2.40 -28.42 29.37
N ASN B 117 2.10 -27.30 30.02
CA ASN B 117 3.09 -26.67 30.91
C ASN B 117 3.03 -27.34 32.26
N THR B 118 3.92 -28.34 32.45
CA THR B 118 3.90 -29.15 33.67
C THR B 118 4.16 -28.30 34.91
N LEU B 119 5.19 -27.43 34.85
CA LEU B 119 5.62 -26.74 36.06
C LEU B 119 4.63 -25.67 36.50
N GLY B 120 3.99 -25.01 35.53
CA GLY B 120 2.97 -24.03 35.88
C GLY B 120 1.80 -24.65 36.61
N ARG B 121 1.36 -25.83 36.16
CA ARG B 121 0.28 -26.52 36.83
C ARG B 121 0.69 -26.98 38.23
N ILE B 122 1.92 -27.47 38.38
CA ILE B 122 2.40 -27.86 39.71
C ILE B 122 2.39 -26.66 40.63
N LEU B 123 2.79 -25.51 40.09
CA LEU B 123 2.86 -24.28 40.86
C LEU B 123 1.50 -23.89 41.43
N TYR B 124 0.48 -23.81 40.58
CA TYR B 124 -0.83 -23.36 41.04
C TYR B 124 -1.54 -24.42 41.85
N GLU B 125 -1.25 -25.70 41.61
CA GLU B 125 -1.79 -26.75 42.46
C GLU B 125 -1.36 -26.56 43.91
N LYS B 126 -0.05 -26.42 44.15
CA LYS B 126 0.39 -26.22 45.52
C LYS B 126 -0.18 -24.92 46.11
N LEU B 127 -0.41 -23.91 45.28
CA LEU B 127 -0.92 -22.65 45.78
C LEU B 127 -2.39 -22.70 46.15
N GLY B 128 -3.08 -23.79 45.82
CA GLY B 128 -4.48 -23.91 46.11
C GLY B 128 -5.41 -23.62 44.96
N TYR B 129 -4.90 -23.56 43.72
CA TYR B 129 -5.73 -23.31 42.56
C TYR B 129 -6.39 -24.60 42.07
N SER B 130 -7.58 -24.46 41.52
CA SER B 130 -8.32 -25.57 40.95
C SER B 130 -8.64 -25.27 39.51
N VAL B 131 -8.74 -26.32 38.68
CA VAL B 131 -9.11 -26.14 37.29
C VAL B 131 -10.60 -25.84 37.21
N PHE B 132 -10.92 -24.66 36.68
CA PHE B 132 -12.28 -24.19 36.53
C PHE B 132 -12.88 -24.56 35.19
N ARG B 133 -12.09 -24.58 34.13
CA ARG B 133 -12.57 -24.93 32.80
C ARG B 133 -11.37 -25.02 31.88
N ARG B 134 -11.54 -25.79 30.81
CA ARG B 134 -10.52 -25.93 29.76
C ARG B 134 -10.89 -24.99 28.61
N VAL B 135 -9.98 -24.09 28.26
CA VAL B 135 -10.24 -23.16 27.17
C VAL B 135 -9.64 -23.74 25.89
N VAL B 136 -10.48 -23.99 24.89
CA VAL B 136 -10.10 -24.77 23.72
C VAL B 136 -9.54 -23.85 22.64
N GLY B 137 -8.28 -24.10 22.27
CA GLY B 137 -7.55 -23.26 21.33
C GLY B 137 -7.08 -21.94 21.90
N TYR B 138 -7.08 -21.79 23.23
CA TYR B 138 -6.74 -20.51 23.84
C TYR B 138 -5.39 -19.99 23.35
N TYR B 139 -4.39 -20.87 23.29
CA TYR B 139 -3.05 -20.52 22.87
C TYR B 139 -2.80 -20.81 21.40
N GLY B 140 -3.80 -21.28 20.67
CA GLY B 140 -3.63 -21.64 19.28
C GLY B 140 -4.10 -20.54 18.34
N ARG B 141 -3.59 -20.60 17.10
CA ARG B 141 -3.94 -19.59 16.11
C ARG B 141 -5.33 -19.83 15.53
N GLU B 142 -5.61 -21.08 15.14
CA GLU B 142 -6.88 -21.36 14.49
C GLU B 142 -8.02 -21.25 15.48
N ILE B 143 -9.02 -20.43 15.15
CA ILE B 143 -10.21 -20.28 15.97
C ILE B 143 -11.21 -21.34 15.53
N GLN B 144 -11.68 -22.13 16.50
CA GLN B 144 -12.37 -23.39 16.27
C GLN B 144 -13.76 -23.30 16.88
N LYS B 145 -14.73 -24.08 16.37
CA LYS B 145 -16.07 -24.04 16.97
C LYS B 145 -16.43 -25.29 17.80
N ASP B 146 -15.86 -26.47 17.55
CA ASP B 146 -16.20 -27.60 18.42
C ASP B 146 -15.29 -27.60 19.64
N ARG B 147 -15.88 -27.27 20.80
CA ARG B 147 -15.22 -27.33 22.10
C ARG B 147 -14.70 -28.71 22.45
N ASN B 148 -15.19 -29.77 21.78
CA ASN B 148 -14.76 -31.12 22.09
C ASN B 148 -13.49 -31.53 21.33
N LYS B 149 -13.13 -30.79 20.29
CA LYS B 149 -11.86 -31.01 19.59
C LYS B 149 -10.74 -30.39 20.43
N ILE B 150 -10.48 -31.03 21.58
CA ILE B 150 -9.42 -30.56 22.46
C ILE B 150 -8.07 -30.87 21.84
N ASP B 151 -7.04 -30.13 22.27
CA ASP B 151 -5.70 -30.26 21.73
C ASP B 151 -4.75 -29.79 22.81
N ASP B 152 -4.00 -30.71 23.41
CA ASP B 152 -3.19 -30.37 24.58
C ASP B 152 -2.13 -29.31 24.28
N SER B 153 -1.70 -29.19 23.03
CA SER B 153 -0.65 -28.24 22.69
C SER B 153 -1.14 -26.81 22.59
N VAL B 154 -2.45 -26.57 22.51
CA VAL B 154 -2.92 -25.20 22.30
C VAL B 154 -4.02 -24.81 23.29
N ASP B 155 -4.57 -25.79 24.01
CA ASP B 155 -5.61 -25.54 24.99
C ASP B 155 -5.01 -24.94 26.26
N ALA B 156 -5.90 -24.46 27.14
CA ALA B 156 -5.53 -23.81 28.38
C ALA B 156 -6.46 -24.27 29.50
N PHE B 157 -5.91 -24.35 30.71
CA PHE B 157 -6.71 -24.54 31.92
C PHE B 157 -6.93 -23.19 32.59
N ASP B 158 -8.19 -22.76 32.69
CA ASP B 158 -8.52 -21.59 33.50
C ASP B 158 -8.53 -22.01 34.96
N MET B 159 -7.59 -21.49 35.76
CA MET B 159 -7.48 -21.83 37.17
C MET B 159 -8.00 -20.70 38.04
N ARG B 160 -8.73 -21.08 39.09
CA ARG B 160 -9.20 -20.13 40.08
C ARG B 160 -8.74 -20.56 41.47
N LYS B 161 -8.48 -19.57 42.32
CA LYS B 161 -8.29 -19.77 43.74
C LYS B 161 -9.12 -18.73 44.47
N LEU B 162 -10.08 -19.20 45.27
CA LEU B 162 -11.04 -18.31 45.91
C LEU B 162 -10.35 -17.53 47.03
N LEU B 163 -10.79 -16.30 47.22
CA LEU B 163 -10.25 -15.40 48.23
C LEU B 163 -11.24 -15.19 49.36
N PRO B 164 -10.75 -14.73 50.52
CA PRO B 164 -11.62 -14.55 51.71
C PRO B 164 -12.97 -13.87 51.50
N ARG B 165 -13.07 -12.87 50.62
CA ARG B 165 -14.35 -12.17 50.44
C ARG B 165 -15.45 -13.08 49.91
N GLU B 174 -16.59 -24.95 40.72
CA GLU B 174 -16.84 -26.07 39.82
C GLU B 174 -15.91 -27.21 40.25
N ASN B 175 -16.10 -28.39 39.67
CA ASN B 175 -15.28 -29.54 40.02
C ASN B 175 -14.91 -30.35 38.75
N GLY B 176 -14.73 -29.67 37.62
CA GLY B 176 -14.30 -30.33 36.41
C GLY B 176 -13.18 -29.66 35.62
N GLU B 177 -12.14 -30.45 35.35
CA GLU B 177 -11.23 -30.14 34.25
C GLU B 177 -11.85 -30.46 32.88
N LYS B 178 -13.14 -30.83 32.85
CA LYS B 178 -13.79 -31.32 31.63
C LYS B 178 -14.79 -30.32 31.03
N VAL B 179 -15.03 -29.19 31.70
CA VAL B 179 -15.81 -28.14 31.04
C VAL B 179 -14.98 -27.58 29.91
N TYR B 180 -15.38 -27.88 28.68
CA TYR B 180 -14.76 -27.30 27.48
C TYR B 180 -15.50 -26.03 27.10
N VAL B 181 -14.76 -24.92 27.02
CA VAL B 181 -15.32 -23.64 26.62
C VAL B 181 -14.46 -23.06 25.52
N LEU B 182 -15.05 -22.19 24.73
CA LEU B 182 -14.21 -21.58 23.71
C LEU B 182 -13.81 -20.17 24.13
N PRO B 183 -12.70 -19.64 23.58
CA PRO B 183 -12.17 -18.34 24.05
C PRO B 183 -13.17 -17.20 24.07
N ASN B 184 -14.03 -17.12 23.07
CA ASN B 184 -14.91 -15.97 22.92
C ASN B 184 -16.16 -16.05 23.77
N GLU B 185 -16.36 -17.12 24.55
CA GLU B 185 -17.44 -17.13 25.53
C GLU B 185 -16.99 -16.63 26.90
N ILE B 186 -15.69 -16.43 27.10
CA ILE B 186 -15.17 -15.79 28.30
C ILE B 186 -15.14 -14.29 28.05
N VAL B 187 -16.06 -13.56 28.69
CA VAL B 187 -16.25 -12.16 28.34
C VAL B 187 -15.87 -11.24 29.50
N PHE B 188 -16.50 -11.44 30.66
CA PHE B 188 -16.38 -10.50 31.79
C PHE B 188 -16.78 -9.10 31.33
N PHE C 58 -36.05 -1.80 14.25
CA PHE C 58 -36.19 -2.72 13.14
C PHE C 58 -34.90 -2.80 12.33
N TYR C 59 -34.32 -1.62 12.02
CA TYR C 59 -33.06 -1.58 11.26
C TYR C 59 -31.97 -2.40 11.95
N HIS C 60 -31.92 -2.33 13.29
CA HIS C 60 -30.98 -3.16 14.05
C HIS C 60 -31.25 -4.64 13.82
N VAL C 61 -32.52 -5.05 13.90
CA VAL C 61 -32.86 -6.45 13.68
C VAL C 61 -32.40 -6.91 12.30
N LEU C 62 -32.66 -6.09 11.26
CA LEU C 62 -32.19 -6.41 9.92
C LEU C 62 -30.68 -6.59 9.87
N GLN C 63 -29.92 -5.63 10.42
CA GLN C 63 -28.47 -5.75 10.51
C GLN C 63 -28.06 -7.01 11.25
N ASN C 64 -28.74 -7.30 12.37
CA ASN C 64 -28.45 -8.54 13.11
C ASN C 64 -28.59 -9.75 12.20
N GLU C 65 -29.76 -9.89 11.57
CA GLU C 65 -29.98 -10.95 10.60
C GLU C 65 -28.83 -11.04 9.60
N ILE C 66 -28.36 -9.88 9.12
CA ILE C 66 -27.26 -9.88 8.14
C ILE C 66 -25.97 -10.45 8.72
N HIS C 67 -25.65 -10.10 9.98
CA HIS C 67 -24.44 -10.62 10.60
C HIS C 67 -24.52 -12.13 10.76
N LEU C 68 -25.68 -12.64 11.20
CA LEU C 68 -25.90 -14.08 11.22
C LEU C 68 -25.64 -14.69 9.85
N LYS C 69 -26.08 -14.01 8.78
CA LYS C 69 -25.79 -14.46 7.42
C LYS C 69 -24.29 -14.60 7.18
N SER C 70 -23.55 -13.50 7.35
CA SER C 70 -22.11 -13.52 7.16
C SER C 70 -21.46 -14.63 7.97
N GLY C 71 -21.90 -14.82 9.21
CA GLY C 71 -21.43 -15.91 10.05
C GLY C 71 -21.74 -17.25 9.42
N ARG C 73 -23.85 -19.75 7.93
CA ARG C 73 -25.04 -19.45 8.72
C ARG C 73 -25.99 -18.58 7.90
N GLU C 74 -26.27 -19.03 6.68
CA GLU C 74 -27.01 -18.24 5.70
C GLU C 74 -28.52 -18.47 5.79
N LEU C 75 -28.97 -19.73 5.83
CA LEU C 75 -30.40 -20.03 5.80
C LEU C 75 -31.16 -19.30 6.91
N ALA C 76 -30.62 -19.33 8.13
CA ALA C 76 -31.28 -18.65 9.25
C ALA C 76 -31.48 -17.16 8.98
N ILE C 77 -30.49 -16.52 8.34
CA ILE C 77 -30.58 -15.08 8.10
C ILE C 77 -31.62 -14.74 7.04
N LYS C 78 -31.71 -15.56 5.98
CA LYS C 78 -32.78 -15.40 5.01
C LYS C 78 -34.14 -15.48 5.69
N LYS C 79 -34.30 -16.46 6.60
CA LYS C 79 -35.52 -16.56 7.40
C LYS C 79 -35.71 -15.33 8.29
N ASN C 80 -34.67 -14.93 9.01
CA ASN C 80 -34.74 -13.71 9.81
C ASN C 80 -35.10 -12.50 8.94
N LEU C 81 -34.43 -12.34 7.79
CA LEU C 81 -34.77 -11.24 6.89
C LEU C 81 -36.23 -11.34 6.43
N GLU C 82 -36.66 -12.50 5.91
CA GLU C 82 -38.05 -12.66 5.45
C GLU C 82 -39.04 -12.32 6.56
N LEU C 83 -38.73 -12.74 7.80
CA LEU C 83 -39.57 -12.36 8.93
C LEU C 83 -39.67 -10.84 9.04
N LEU C 84 -38.52 -10.15 9.05
CA LEU C 84 -38.51 -8.69 9.10
C LEU C 84 -39.42 -8.11 8.01
N ASN C 85 -39.34 -8.64 6.79
CA ASN C 85 -40.15 -8.11 5.68
C ASN C 85 -41.64 -8.23 6.00
N ARG C 86 -42.07 -9.38 6.48
CA ARG C 86 -43.47 -9.60 6.85
C ARG C 86 -43.84 -8.73 8.04
N PRO C 88 -43.76 -5.44 8.48
CA PRO C 88 -43.75 -4.75 7.19
C PRO C 88 -43.16 -3.34 7.30
N ASN C 89 -41.85 -3.25 7.09
CA ASN C 89 -41.09 -2.04 7.42
C ASN C 89 -41.72 -0.80 6.79
N ASP C 90 -41.47 0.35 7.44
CA ASP C 90 -42.09 1.61 7.06
C ASP C 90 -41.12 2.79 7.03
N PRO C 91 -39.83 2.48 7.19
CA PRO C 91 -38.77 3.45 7.41
C PRO C 91 -37.63 3.38 6.38
N LEU C 92 -36.82 4.44 6.32
CA LEU C 92 -35.78 4.49 5.27
C LEU C 92 -34.62 3.55 5.05
N THR C 93 -34.01 3.07 6.14
CA THR C 93 -32.77 2.28 5.99
C THR C 93 -33.32 0.87 5.94
N ILE C 94 -34.34 0.55 6.75
CA ILE C 94 -34.86 -0.81 6.76
C ILE C 94 -35.23 -1.24 5.34
N GLU C 95 -35.91 -0.36 4.60
CA GLU C 95 -36.32 -0.70 3.23
C GLU C 95 -35.10 -0.99 2.35
N LYS C 96 -34.05 -0.17 2.45
CA LYS C 96 -32.83 -0.40 1.66
C LYS C 96 -32.18 -1.72 2.04
N LEU C 97 -32.10 -2.02 3.35
CA LEU C 97 -31.49 -3.27 3.81
C LEU C 97 -32.24 -4.48 3.24
N SER C 98 -33.58 -4.46 3.32
CA SER C 98 -34.37 -5.57 2.80
C SER C 98 -34.18 -5.72 1.29
N ASP C 99 -34.21 -4.61 0.54
CA ASP C 99 -33.95 -4.66 -0.90
C ASP C 99 -32.59 -5.28 -1.20
N PHE C 100 -31.56 -4.89 -0.42
CA PHE C 100 -30.25 -5.50 -0.55
C PHE C 100 -30.31 -7.02 -0.37
N PHE C 101 -30.98 -7.49 0.69
CA PHE C 101 -30.98 -8.92 1.01
C PHE C 101 -31.57 -9.74 -0.14
N SER C 102 -32.72 -9.32 -0.66
CA SER C 102 -33.31 -10.09 -1.75
C SER C 102 -32.42 -10.01 -2.99
N LYS C 103 -31.84 -8.83 -3.28
CA LYS C 103 -30.86 -8.73 -4.36
C LYS C 103 -29.57 -9.47 -4.03
N MET C 104 -29.26 -9.65 -2.74
CA MET C 104 -28.13 -10.49 -2.40
C MET C 104 -28.38 -11.93 -2.78
N GLU C 105 -29.63 -12.39 -2.71
CA GLU C 105 -30.00 -13.79 -2.96
C GLU C 105 -30.74 -13.99 -4.28
N MET C 106 -30.66 -13.04 -5.20
CA MET C 106 -31.42 -13.08 -6.45
C MET C 106 -32.86 -13.51 -6.19
N GLU C 107 -33.53 -12.74 -5.35
CA GLU C 107 -34.93 -12.93 -5.00
C GLU C 107 -35.81 -11.88 -5.68
N LYS C 108 -37.10 -12.18 -5.76
CA LYS C 108 -38.08 -11.21 -6.24
C LYS C 108 -38.70 -10.40 -5.11
N GLU C 109 -38.66 -10.91 -3.88
CA GLU C 109 -39.14 -10.21 -2.70
C GLU C 109 -38.54 -8.82 -2.54
N SER C 110 -37.48 -8.49 -3.28
CA SER C 110 -36.88 -7.15 -3.19
C SER C 110 -37.89 -6.05 -3.49
N SER C 111 -38.60 -6.18 -4.62
CA SER C 111 -39.56 -5.16 -4.98
C SER C 111 -40.69 -5.08 -3.95
N LEU C 112 -41.11 -6.23 -3.41
CA LEU C 112 -42.33 -6.18 -2.63
C LEU C 112 -42.09 -5.59 -1.27
N VAL C 113 -40.83 -5.33 -0.91
CA VAL C 113 -40.55 -4.48 0.24
C VAL C 113 -41.04 -3.07 -0.02
N TYR C 114 -40.65 -2.52 -1.16
CA TYR C 114 -41.10 -1.19 -1.49
C TYR C 114 -42.58 -1.21 -1.85
N GLU C 115 -43.01 -2.22 -2.62
CA GLU C 115 -44.42 -2.34 -2.99
C GLU C 115 -45.32 -2.37 -1.76
N ASN C 116 -44.97 -3.21 -0.78
CA ASN C 116 -45.73 -3.26 0.46
C ASN C 116 -45.74 -1.90 1.14
N ALA C 117 -44.57 -1.27 1.25
CA ALA C 117 -44.50 0.06 1.85
C ALA C 117 -45.32 1.09 1.05
N ILE C 118 -45.37 0.95 -0.28
CA ILE C 118 -46.21 1.86 -1.08
C ILE C 118 -47.68 1.64 -0.72
N LYS C 119 -48.07 0.39 -0.52
CA LYS C 119 -49.45 0.08 -0.22
C LYS C 119 -49.89 0.67 1.13
N LYS C 120 -49.08 0.50 2.17
CA LYS C 120 -49.59 0.74 3.53
C LYS C 120 -49.53 2.21 3.95
N TYR C 121 -48.65 3.03 3.38
CA TYR C 121 -48.68 4.48 3.57
C TYR C 121 -48.42 5.21 2.26
N PRO C 122 -49.43 5.33 1.41
CA PRO C 122 -49.26 6.08 0.16
C PRO C 122 -49.02 7.57 0.38
N VAL C 123 -49.18 8.07 1.61
CA VAL C 123 -48.83 9.45 1.92
C VAL C 123 -47.43 9.78 1.43
N SER C 124 -46.50 8.84 1.59
CA SER C 124 -45.08 9.02 1.34
C SER C 124 -44.67 8.42 0.02
N THR C 125 -45.63 8.02 -0.81
CA THR C 125 -45.36 7.16 -1.96
C THR C 125 -44.30 7.76 -2.89
N GLU C 126 -44.29 9.08 -3.08
CA GLU C 126 -43.35 9.68 -4.03
C GLU C 126 -41.91 9.62 -3.52
N THR C 127 -41.69 10.01 -2.26
CA THR C 127 -40.32 9.88 -1.75
C THR C 127 -39.89 8.42 -1.70
N LEU C 128 -40.81 7.51 -1.36
CA LEU C 128 -40.50 6.09 -1.34
C LEU C 128 -40.07 5.61 -2.71
N CYS C 129 -40.82 5.99 -3.74
CA CYS C 129 -40.48 5.61 -5.11
C CYS C 129 -39.13 6.19 -5.52
N LEU C 130 -38.91 7.47 -5.25
CA LEU C 130 -37.64 8.09 -5.63
C LEU C 130 -36.47 7.44 -4.90
N SER C 131 -36.66 7.09 -3.62
CA SER C 131 -35.66 6.26 -2.93
C SER C 131 -35.46 4.94 -3.67
N TRP C 132 -36.56 4.21 -3.93
CA TRP C 132 -36.50 2.98 -4.71
C TRP C 132 -35.77 3.19 -6.04
N PHE C 133 -36.06 4.32 -6.71
CA PHE C 133 -35.47 4.58 -8.02
C PHE C 133 -33.95 4.69 -7.94
N ASP C 134 -33.43 5.53 -7.05
CA ASP C 134 -31.99 5.71 -6.90
C ASP C 134 -31.32 4.40 -6.49
N ASN C 135 -31.94 3.67 -5.57
CA ASN C 135 -31.39 2.39 -5.14
C ASN C 135 -31.32 1.41 -6.30
N SER C 136 -32.18 1.58 -7.30
CA SER C 136 -32.19 0.67 -8.43
C SER C 136 -31.17 1.06 -9.50
N ILE C 137 -31.03 2.37 -9.77
CA ILE C 137 -29.96 2.83 -10.66
C ILE C 137 -28.61 2.38 -10.13
N GLU C 138 -28.39 2.54 -8.82
CA GLU C 138 -27.11 2.15 -8.24
C GLU C 138 -26.84 0.66 -8.43
N LYS C 139 -27.82 -0.18 -8.13
CA LYS C 139 -27.60 -1.62 -8.24
C LYS C 139 -27.61 -2.09 -9.71
N TYR C 140 -27.83 -1.21 -10.68
CA TYR C 140 -27.94 -1.55 -12.09
C TYR C 140 -29.23 -2.33 -12.39
N ASP C 141 -30.22 -2.22 -11.52
CA ASP C 141 -31.48 -2.91 -11.73
C ASP C 141 -32.35 -1.99 -12.58
N PHE C 142 -32.12 -2.03 -13.90
CA PHE C 142 -32.91 -1.18 -14.80
C PHE C 142 -34.24 -1.79 -15.21
N LYS C 143 -34.44 -3.10 -15.04
CA LYS C 143 -35.68 -3.72 -15.49
C LYS C 143 -36.84 -3.26 -14.61
N VAL C 144 -36.55 -2.98 -13.33
CA VAL C 144 -37.58 -2.64 -12.34
C VAL C 144 -38.17 -1.27 -12.57
N PHE C 145 -37.52 -0.45 -13.41
CA PHE C 145 -37.89 0.95 -13.59
C PHE C 145 -39.39 1.11 -13.83
N ASN C 146 -39.92 0.29 -14.75
CA ASN C 146 -41.34 0.39 -15.10
C ASN C 146 -42.24 0.21 -13.88
N ARG C 147 -41.94 -0.80 -13.05
CA ARG C 147 -42.80 -1.10 -11.90
C ARG C 147 -42.82 0.07 -10.93
N ILE C 148 -41.65 0.67 -10.68
CA ILE C 148 -41.55 1.86 -9.86
C ILE C 148 -42.37 2.99 -10.46
N PHE C 149 -42.15 3.26 -11.76
CA PHE C 149 -42.85 4.39 -12.37
C PHE C 149 -44.35 4.20 -12.34
N MET C 150 -44.81 2.95 -12.40
CA MET C 150 -46.24 2.69 -12.38
C MET C 150 -46.85 3.16 -11.07
N TYR C 151 -46.27 2.76 -9.94
CA TYR C 151 -46.73 3.29 -8.66
C TYR C 151 -46.64 4.81 -8.65
N LEU C 152 -45.51 5.34 -9.10
CA LEU C 152 -45.27 6.77 -9.05
C LEU C 152 -46.28 7.54 -9.88
N ASN C 153 -46.95 6.88 -10.82
CA ASN C 153 -47.91 7.57 -11.68
C ASN C 153 -49.33 7.58 -11.12
N LYS C 154 -49.72 6.58 -10.34
CA LYS C 154 -51.10 6.55 -9.81
C LYS C 154 -51.18 7.45 -8.57
N GLY C 156 -50.11 10.38 -7.17
CA GLY C 156 -50.33 11.69 -7.77
C GLY C 156 -50.37 11.70 -9.29
N LYS C 157 -50.32 12.88 -9.91
CA LYS C 157 -50.16 13.02 -11.37
C LYS C 157 -49.26 14.21 -11.65
N SER C 158 -48.05 13.91 -12.09
CA SER C 158 -47.06 14.85 -12.59
C SER C 158 -46.91 14.58 -14.08
N ARG C 159 -46.68 15.62 -14.88
CA ARG C 159 -46.53 15.32 -16.29
C ARG C 159 -45.21 14.64 -16.56
N LEU C 160 -44.15 15.07 -15.87
CA LEU C 160 -42.87 14.40 -16.03
C LEU C 160 -42.95 12.93 -15.60
N HIS C 161 -43.65 12.61 -14.51
CA HIS C 161 -43.71 11.20 -14.12
C HIS C 161 -44.55 10.37 -15.10
N THR C 162 -45.56 10.94 -15.76
CA THR C 162 -46.15 10.18 -16.85
C THR C 162 -45.13 9.93 -17.96
N LEU C 163 -44.33 10.93 -18.30
CA LEU C 163 -43.25 10.74 -19.27
C LEU C 163 -42.29 9.61 -18.85
N TRP C 164 -41.87 9.58 -17.58
CA TRP C 164 -41.03 8.49 -17.10
C TRP C 164 -41.68 7.13 -17.36
N TYR C 165 -42.95 6.98 -16.94
CA TYR C 165 -43.65 5.72 -17.17
C TYR C 165 -43.65 5.33 -18.65
N ALA C 166 -44.10 6.24 -19.53
CA ALA C 166 -44.13 5.96 -20.97
C ALA C 166 -42.77 5.51 -21.48
N PHE C 167 -41.75 6.32 -21.22
CA PHE C 167 -40.42 6.00 -21.64
C PHE C 167 -39.98 4.64 -21.13
N SER C 168 -40.38 4.29 -19.88
CA SER C 168 -39.90 3.02 -19.36
C SER C 168 -40.47 1.85 -20.15
N PHE C 169 -41.65 2.01 -20.75
CA PHE C 169 -42.16 0.95 -21.61
C PHE C 169 -41.27 0.74 -22.83
N HIS C 170 -40.68 1.81 -23.35
CA HIS C 170 -39.69 1.61 -24.40
C HIS C 170 -38.50 0.82 -23.87
N LEU C 171 -38.03 1.16 -22.66
CA LEU C 171 -36.82 0.52 -22.15
C LEU C 171 -37.05 -0.96 -21.95
N LEU C 172 -38.20 -1.34 -21.40
CA LEU C 172 -38.56 -2.74 -21.32
C LEU C 172 -38.49 -3.40 -22.68
N LEU C 173 -39.14 -2.78 -23.69
CA LEU C 173 -39.26 -3.36 -25.03
C LEU C 173 -37.96 -3.90 -25.57
N GLN C 174 -36.83 -3.38 -25.09
CA GLN C 174 -35.52 -3.89 -25.49
C GLN C 174 -34.93 -4.80 -24.43
N GLU C 175 -35.70 -5.87 -24.13
CA GLU C 175 -35.19 -6.95 -23.29
C GLU C 175 -35.74 -8.31 -23.75
N GLY C 176 -36.29 -8.40 -24.97
CA GLY C 176 -36.46 -9.66 -25.67
C GLY C 176 -37.55 -10.59 -25.21
N GLU C 177 -38.37 -10.19 -24.24
CA GLU C 177 -39.56 -10.97 -23.90
C GLU C 177 -40.67 -10.46 -24.81
N THR C 178 -40.66 -11.00 -26.03
CA THR C 178 -41.54 -10.59 -27.11
C THR C 178 -42.99 -10.93 -26.83
N ASP C 179 -43.26 -11.68 -25.74
CA ASP C 179 -44.60 -12.20 -25.44
C ASP C 179 -45.58 -11.06 -25.20
N LYS C 180 -45.10 -9.99 -24.53
CA LYS C 180 -45.89 -8.82 -24.15
C LYS C 180 -45.47 -7.57 -24.96
N ALA C 181 -44.74 -7.76 -26.05
CA ALA C 181 -44.28 -6.64 -26.87
C ALA C 181 -45.43 -5.71 -27.26
N SER C 182 -46.44 -6.26 -27.91
CA SER C 182 -47.57 -5.45 -28.35
C SER C 182 -48.16 -4.70 -27.16
N LEU C 183 -48.32 -5.37 -26.03
CA LEU C 183 -48.95 -4.74 -24.87
C LEU C 183 -48.14 -3.53 -24.39
N TYR C 184 -46.82 -3.70 -24.29
CA TYR C 184 -45.96 -2.60 -23.85
C TYR C 184 -46.05 -1.42 -24.78
N ASN C 185 -45.99 -1.69 -26.09
CA ASN C 185 -46.02 -0.59 -27.06
C ASN C 185 -47.32 0.21 -26.94
N SER C 186 -48.45 -0.49 -26.86
CA SER C 186 -49.72 0.24 -26.79
C SER C 186 -49.82 0.98 -25.46
N LEU C 187 -49.29 0.41 -24.38
CA LEU C 187 -49.33 1.07 -23.09
C LEU C 187 -48.65 2.43 -23.15
N GLY C 188 -47.39 2.47 -23.62
CA GLY C 188 -46.73 3.76 -23.74
C GLY C 188 -47.41 4.68 -24.74
N LYS C 189 -47.99 4.12 -25.80
CA LYS C 189 -48.66 4.94 -26.80
C LYS C 189 -49.81 5.72 -26.18
N LYS C 190 -50.64 5.02 -25.38
CA LYS C 190 -51.79 5.67 -24.76
C LYS C 190 -51.35 6.76 -23.78
N LEU C 191 -50.24 6.50 -23.07
CA LEU C 191 -49.71 7.45 -22.10
C LEU C 191 -49.30 8.74 -22.78
N MET C 192 -48.55 8.65 -23.88
CA MET C 192 -48.17 9.89 -24.55
C MET C 192 -49.35 10.58 -25.21
N GLU C 193 -50.31 9.82 -25.73
CA GLU C 193 -51.49 10.49 -26.27
C GLU C 193 -52.29 11.16 -25.17
N GLY C 194 -52.26 10.60 -23.97
CA GLY C 194 -52.91 11.28 -22.85
C GLY C 194 -52.30 12.63 -22.51
N LEU C 195 -51.14 12.96 -23.08
CA LEU C 195 -50.44 14.18 -22.73
C LEU C 195 -50.42 15.21 -23.84
N GLN C 196 -51.17 15.02 -24.93
CA GLN C 196 -51.14 16.01 -26.00
C GLN C 196 -51.91 17.27 -25.62
N PRO C 197 -51.56 18.42 -26.22
CA PRO C 197 -50.53 18.59 -27.25
C PRO C 197 -49.14 18.52 -26.65
N PHE C 198 -48.16 18.00 -27.39
CA PHE C 198 -46.83 17.93 -26.82
C PHE C 198 -46.22 19.33 -26.77
N GLU C 199 -45.34 19.51 -25.79
CA GLU C 199 -44.80 20.82 -25.46
C GLU C 199 -43.36 21.03 -25.93
N ASN C 200 -42.63 19.98 -26.31
CA ASN C 200 -41.24 20.12 -26.73
C ASN C 200 -40.82 18.90 -27.52
N THR C 201 -39.66 18.98 -28.18
CA THR C 201 -39.24 17.87 -29.03
C THR C 201 -38.95 16.60 -28.25
N GLN C 202 -38.73 16.70 -26.93
CA GLN C 202 -38.44 15.50 -26.15
C GLN C 202 -39.70 14.66 -25.93
N GLU C 203 -40.82 15.32 -25.63
CA GLU C 203 -42.08 14.59 -25.53
C GLU C 203 -42.39 13.92 -26.86
N ILE C 204 -42.30 14.67 -27.95
CA ILE C 204 -42.54 14.14 -29.29
C ILE C 204 -41.65 12.92 -29.55
N TYR C 205 -40.39 12.99 -29.10
CA TYR C 205 -39.48 11.86 -29.29
C TYR C 205 -40.05 10.60 -28.66
N VAL C 206 -40.45 10.69 -27.38
CA VAL C 206 -40.88 9.50 -26.66
C VAL C 206 -42.08 8.86 -27.34
N TYR C 207 -42.97 9.69 -27.90
CA TYR C 207 -44.12 9.18 -28.64
C TYR C 207 -43.68 8.33 -29.82
N THR C 208 -42.73 8.86 -30.61
CA THR C 208 -42.27 8.14 -31.82
C THR C 208 -41.76 6.75 -31.47
N LEU C 209 -41.28 6.55 -30.24
CA LEU C 209 -40.78 5.25 -29.82
C LEU C 209 -41.84 4.16 -29.89
N PHE C 210 -43.12 4.51 -30.03
CA PHE C 210 -44.19 3.53 -30.05
C PHE C 210 -44.99 3.59 -31.33
N LEU C 211 -44.47 4.27 -32.34
CA LEU C 211 -45.19 4.51 -33.58
C LEU C 211 -44.54 3.74 -34.72
N SER C 212 -45.38 3.33 -35.68
CA SER C 212 -44.89 2.77 -36.91
C SER C 212 -44.31 3.86 -37.81
N SER C 213 -43.59 3.43 -38.83
CA SER C 213 -43.01 4.38 -39.77
C SER C 213 -44.09 5.26 -40.41
N LYS C 214 -45.29 4.72 -40.67
CA LYS C 214 -46.27 5.61 -41.29
C LYS C 214 -46.92 6.53 -40.28
N GLU C 215 -47.12 6.05 -39.05
CA GLU C 215 -47.64 6.95 -38.02
C GLU C 215 -46.62 8.04 -37.73
N ILE C 216 -45.32 7.70 -37.75
CA ILE C 216 -44.27 8.68 -37.46
C ILE C 216 -44.31 9.82 -38.46
N GLU C 217 -44.41 9.49 -39.75
CA GLU C 217 -44.46 10.53 -40.78
C GLU C 217 -45.73 11.37 -40.65
N GLN C 218 -46.86 10.74 -40.30
CA GLN C 218 -48.07 11.53 -40.13
C GLN C 218 -47.96 12.42 -38.90
N VAL C 219 -47.45 11.88 -37.77
CA VAL C 219 -47.34 12.70 -36.57
C VAL C 219 -46.41 13.90 -36.81
N LEU C 220 -45.20 13.67 -37.35
CA LEU C 220 -44.25 14.78 -37.48
C LEU C 220 -44.66 15.78 -38.56
N SER C 221 -45.26 15.31 -39.65
CA SER C 221 -45.70 16.24 -40.67
C SER C 221 -46.72 17.22 -40.13
N GLY C 222 -47.32 16.92 -38.99
CA GLY C 222 -48.32 17.79 -38.40
C GLY C 222 -47.85 18.57 -37.20
N VAL C 223 -46.56 18.59 -36.93
CA VAL C 223 -46.01 19.18 -35.73
C VAL C 223 -45.81 20.67 -35.97
N THR C 224 -46.24 21.49 -35.02
CA THR C 224 -46.03 22.93 -35.14
C THR C 224 -44.73 23.40 -34.52
N LEU C 225 -44.22 22.68 -33.51
CA LEU C 225 -42.93 23.04 -32.93
C LEU C 225 -41.80 22.76 -33.92
N PRO C 226 -40.77 23.61 -33.95
CA PRO C 226 -39.63 23.37 -34.84
C PRO C 226 -38.86 22.14 -34.38
N LEU C 227 -38.67 21.21 -35.31
CA LEU C 227 -37.99 19.97 -35.00
C LEU C 227 -36.52 20.20 -34.68
N ASP C 228 -35.99 19.36 -33.79
CA ASP C 228 -34.54 19.29 -33.60
C ASP C 228 -33.92 18.32 -34.62
N LEU C 229 -32.59 18.26 -34.62
CA LEU C 229 -31.90 17.41 -35.59
C LEU C 229 -32.32 15.96 -35.38
N GLU C 230 -32.52 15.57 -34.13
CA GLU C 230 -32.98 14.23 -33.82
C GLU C 230 -34.22 13.85 -34.62
N LEU C 231 -35.25 14.69 -34.55
CA LEU C 231 -36.52 14.37 -35.19
C LEU C 231 -36.49 14.59 -36.69
N LYS C 232 -35.70 15.56 -37.16
CA LYS C 232 -35.55 15.74 -38.59
C LYS C 232 -35.02 14.47 -39.23
N LEU C 233 -33.99 13.87 -38.60
CA LEU C 233 -33.42 12.63 -39.12
C LEU C 233 -34.44 11.48 -39.09
N LEU C 234 -35.24 11.43 -38.02
CA LEU C 234 -36.26 10.39 -37.91
C LEU C 234 -37.38 10.61 -38.92
N TYR C 235 -37.74 11.88 -39.14
CA TYR C 235 -38.73 12.23 -40.13
C TYR C 235 -38.30 11.73 -41.51
N MET C 236 -37.08 12.06 -41.92
CA MET C 236 -36.58 11.65 -43.22
C MET C 236 -36.48 10.14 -43.33
N LYS C 237 -36.09 9.48 -42.23
CA LYS C 237 -36.03 8.02 -42.22
C LYS C 237 -37.38 7.41 -42.55
N ALA C 238 -38.43 7.90 -41.89
CA ALA C 238 -39.76 7.33 -42.07
C ALA C 238 -40.26 7.52 -43.48
N MET C 239 -39.97 8.70 -44.07
CA MET C 239 -40.46 8.97 -45.41
C MET C 239 -39.78 8.08 -46.44
N LYS C 240 -38.48 7.81 -46.28
CA LYS C 240 -37.82 6.84 -47.14
C LYS C 240 -38.42 5.45 -46.99
N GLU C 241 -38.61 5.02 -45.74
CA GLU C 241 -39.18 3.70 -45.49
C GLU C 241 -40.61 3.61 -46.02
N ASN C 242 -41.35 4.71 -45.98
CA ASN C 242 -42.72 4.69 -46.48
C ASN C 242 -42.81 5.09 -47.93
N ALA C 243 -41.69 5.23 -48.64
CA ALA C 243 -41.69 5.63 -50.04
C ALA C 243 -42.41 6.96 -50.28
N SER C 244 -42.43 7.84 -49.28
CA SER C 244 -43.03 9.16 -49.39
C SER C 244 -42.10 10.09 -50.17
N PHE C 245 -41.83 9.72 -51.42
CA PHE C 245 -40.70 10.35 -52.12
C PHE C 245 -41.00 11.79 -52.50
N GLU C 246 -42.25 12.09 -52.88
CA GLU C 246 -42.61 13.48 -53.13
C GLU C 246 -42.40 14.30 -51.87
N ALA C 247 -42.92 13.81 -50.74
CA ALA C 247 -42.68 14.50 -49.48
C ALA C 247 -41.19 14.53 -49.16
N LEU C 248 -40.53 13.37 -49.25
CA LEU C 248 -39.09 13.30 -49.02
C LEU C 248 -38.36 14.34 -49.85
N HIS C 249 -38.65 14.38 -51.15
CA HIS C 249 -37.90 15.26 -52.03
C HIS C 249 -38.16 16.72 -51.70
N ALA C 250 -39.41 17.07 -51.43
CA ALA C 250 -39.69 18.45 -51.03
C ALA C 250 -38.93 18.83 -49.77
N TYR C 251 -39.01 18.00 -48.71
CA TYR C 251 -38.36 18.32 -47.45
C TYR C 251 -36.87 18.47 -47.64
N THR C 252 -36.24 17.48 -48.28
CA THR C 252 -34.79 17.54 -48.45
C THR C 252 -34.39 18.73 -49.31
N GLU C 253 -35.15 19.02 -50.37
CA GLU C 253 -34.81 20.17 -51.20
C GLU C 253 -34.81 21.45 -50.39
N LYS C 254 -35.77 21.59 -49.46
CA LYS C 254 -35.83 22.77 -48.60
C LYS C 254 -34.60 22.82 -47.69
N LEU C 255 -34.28 21.69 -47.04
CA LEU C 255 -33.11 21.64 -46.17
C LEU C 255 -31.84 21.98 -46.94
N LEU C 256 -31.56 21.24 -48.02
CA LEU C 256 -30.27 21.37 -48.68
C LEU C 256 -30.09 22.72 -49.34
N PHE C 257 -31.13 23.26 -49.98
CA PHE C 257 -30.98 24.44 -50.83
C PHE C 257 -31.33 25.76 -50.14
N LYS C 258 -32.48 25.85 -49.48
CA LYS C 258 -32.76 27.11 -48.81
C LYS C 258 -32.13 27.17 -47.42
N GLU C 259 -32.14 26.06 -46.68
CA GLU C 259 -31.48 25.97 -45.39
C GLU C 259 -29.97 25.78 -45.50
N LYS C 260 -29.47 25.44 -46.69
CA LYS C 260 -28.03 25.22 -46.95
C LYS C 260 -27.42 24.24 -45.95
N PHE C 261 -28.13 23.13 -45.69
CA PHE C 261 -27.72 22.18 -44.67
C PHE C 261 -26.38 21.52 -45.02
N ASP C 262 -26.22 21.05 -46.25
CA ASP C 262 -24.97 20.43 -46.70
C ASP C 262 -24.64 19.16 -45.92
N ASP C 263 -25.58 18.24 -45.94
CA ASP C 263 -25.51 16.97 -45.22
C ASP C 263 -25.53 15.86 -46.26
N PHE C 264 -24.45 15.09 -46.34
CA PHE C 264 -24.35 14.11 -47.42
C PHE C 264 -25.44 13.05 -47.32
N ASP C 265 -25.77 12.59 -46.11
CA ASP C 265 -26.86 11.64 -45.97
C ASP C 265 -28.15 12.23 -46.55
N THR C 266 -28.35 13.55 -46.37
CA THR C 266 -29.55 14.21 -46.92
C THR C 266 -29.49 14.33 -48.42
N TRP C 267 -28.31 14.63 -48.95
CA TRP C 267 -28.14 14.69 -50.40
C TRP C 267 -28.53 13.36 -51.03
N LYS C 268 -28.13 12.26 -50.40
CA LYS C 268 -28.41 10.94 -50.95
C LYS C 268 -29.91 10.68 -50.96
N LEU C 269 -30.63 11.19 -49.95
CA LEU C 269 -32.08 11.06 -49.97
C LEU C 269 -32.72 11.99 -51.01
N TRP C 270 -32.05 13.10 -51.33
CA TRP C 270 -32.63 14.03 -52.29
C TRP C 270 -32.59 13.47 -53.71
N ILE C 271 -31.45 12.90 -54.11
CA ILE C 271 -31.36 12.33 -55.45
C ILE C 271 -32.13 11.01 -55.54
N LEU C 272 -32.21 10.27 -54.44
CA LEU C 272 -33.01 9.05 -54.46
C LEU C 272 -34.49 9.37 -54.58
N SER C 273 -34.99 10.23 -53.69
CA SER C 273 -36.36 10.73 -53.81
C SER C 273 -36.61 11.32 -55.19
N GLY C 274 -35.62 12.01 -55.75
CA GLY C 274 -35.83 12.69 -57.01
C GLY C 274 -36.08 11.73 -58.16
N LYS C 275 -35.21 10.73 -58.32
CA LYS C 275 -35.42 9.77 -59.41
C LYS C 275 -36.75 9.07 -59.26
N GLU C 276 -37.14 8.76 -58.02
CA GLU C 276 -38.34 7.98 -57.81
C GLU C 276 -39.58 8.75 -58.20
N ILE C 277 -39.59 10.07 -58.02
CA ILE C 277 -40.75 10.85 -58.42
C ILE C 277 -40.59 11.29 -59.86
N GLY C 278 -39.66 10.63 -60.58
CA GLY C 278 -39.59 10.71 -62.02
C GLY C 278 -38.49 11.57 -62.60
N LYS C 279 -37.85 12.42 -61.80
CA LYS C 279 -36.86 13.34 -62.33
C LYS C 279 -35.76 12.57 -63.06
N SER C 280 -35.10 13.26 -63.99
CA SER C 280 -34.06 12.67 -64.82
C SER C 280 -32.69 13.05 -64.28
N PHE C 281 -31.65 12.36 -64.79
CA PHE C 281 -30.28 12.73 -64.44
C PHE C 281 -30.07 14.22 -64.61
N GLU C 282 -30.53 14.77 -65.73
CA GLU C 282 -30.21 16.15 -66.06
C GLU C 282 -30.81 17.10 -65.04
N GLU C 283 -32.11 16.95 -64.73
CA GLU C 283 -32.75 17.93 -63.86
C GLU C 283 -32.10 18.02 -62.48
N LEU C 284 -31.58 16.91 -61.95
CA LEU C 284 -30.89 16.99 -60.68
C LEU C 284 -29.50 17.60 -60.83
N ASP C 285 -28.71 17.14 -61.81
CA ASP C 285 -27.32 17.62 -61.95
C ASP C 285 -27.25 19.12 -62.15
N GLN C 286 -28.22 19.70 -62.89
CA GLN C 286 -28.21 21.14 -63.15
C GLN C 286 -28.29 21.98 -61.87
N LYS C 287 -28.81 21.42 -60.77
CA LYS C 287 -28.83 22.11 -59.49
C LYS C 287 -27.53 21.96 -58.71
N LEU C 288 -26.63 21.06 -59.11
CA LEU C 288 -25.38 20.83 -58.38
C LEU C 288 -24.29 21.69 -59.01
N THR C 289 -24.25 22.94 -58.57
CA THR C 289 -23.30 23.91 -59.10
C THR C 289 -22.04 23.91 -58.24
N LEU C 290 -22.16 24.32 -56.99
CA LEU C 290 -21.02 24.49 -56.09
C LEU C 290 -20.14 23.27 -56.10
N PRO C 291 -18.83 23.41 -56.03
CA PRO C 291 -17.91 22.27 -55.95
C PRO C 291 -17.55 21.89 -54.51
N THR C 292 -18.56 21.69 -53.68
CA THR C 292 -18.30 21.19 -52.34
C THR C 292 -17.89 19.73 -52.42
N ARG C 293 -17.21 19.28 -51.37
CA ARG C 293 -16.85 17.88 -51.30
C ARG C 293 -18.09 17.01 -51.38
N ASN C 294 -19.17 17.42 -50.71
CA ASN C 294 -20.40 16.62 -50.71
C ASN C 294 -20.98 16.51 -52.11
N ILE C 295 -21.02 17.63 -52.82
CA ILE C 295 -21.59 17.62 -54.16
C ILE C 295 -20.68 16.86 -55.12
N SER C 296 -19.36 17.03 -54.99
CA SER C 296 -18.44 16.31 -55.89
C SER C 296 -18.64 14.81 -55.77
N LEU C 297 -18.64 14.28 -54.53
CA LEU C 297 -18.88 12.86 -54.36
C LEU C 297 -20.30 12.50 -54.73
N LEU C 298 -21.23 13.42 -54.48
CA LEU C 298 -22.62 13.18 -54.86
C LEU C 298 -22.74 12.88 -56.34
N LYS C 299 -21.89 13.50 -57.18
CA LYS C 299 -21.97 13.25 -58.62
C LYS C 299 -21.70 11.78 -58.92
N ILE C 300 -20.77 11.19 -58.19
CA ILE C 300 -20.51 9.75 -58.30
C ILE C 300 -21.78 8.97 -57.95
N GLU C 301 -22.40 9.27 -56.82
CA GLU C 301 -23.64 8.60 -56.43
C GLU C 301 -24.73 8.81 -57.46
N LEU C 302 -24.76 10.00 -58.09
CA LEU C 302 -25.83 10.28 -59.04
C LEU C 302 -25.64 9.47 -60.32
N ASP C 303 -24.39 9.30 -60.75
CA ASP C 303 -24.13 8.43 -61.91
C ASP C 303 -24.52 6.99 -61.61
N ILE C 304 -24.09 6.48 -60.45
CA ILE C 304 -24.47 5.13 -60.05
C ILE C 304 -25.99 4.97 -60.09
N LEU C 305 -26.70 5.96 -59.55
CA LEU C 305 -28.14 5.84 -59.38
C LEU C 305 -28.86 5.71 -60.70
N TYR C 306 -28.36 6.39 -61.73
CA TYR C 306 -28.92 6.32 -63.06
C TYR C 306 -28.19 5.33 -63.96
N SER C 307 -27.42 4.41 -63.37
CA SER C 307 -26.63 3.41 -64.11
C SER C 307 -25.76 4.04 -65.22
N ARG C 308 -25.49 5.34 -65.11
CA ARG C 308 -24.51 5.99 -65.97
C ARG C 308 -23.09 5.59 -65.57
N ASN C 309 -22.15 5.98 -66.42
CA ASN C 309 -20.76 5.61 -66.22
C ASN C 309 -20.08 6.55 -65.25
N ILE C 310 -19.27 5.96 -64.39
CA ILE C 310 -18.77 6.60 -63.18
C ILE C 310 -17.48 7.39 -63.44
N GLU C 311 -16.73 7.01 -64.48
CA GLU C 311 -15.34 7.42 -64.66
C GLU C 311 -15.14 8.92 -64.63
N THR C 312 -16.01 9.65 -65.34
CA THR C 312 -15.82 11.10 -65.44
C THR C 312 -15.96 11.77 -64.08
N SER C 313 -16.99 11.37 -63.31
CA SER C 313 -17.24 12.00 -62.02
C SER C 313 -16.16 11.67 -61.01
N VAL C 314 -15.49 10.51 -61.14
CA VAL C 314 -14.43 10.19 -60.19
C VAL C 314 -13.18 11.00 -60.49
N GLU C 315 -12.87 11.20 -61.78
CA GLU C 315 -11.68 11.97 -62.09
C GLU C 315 -11.87 13.42 -61.70
N ASN C 316 -13.08 13.95 -61.86
CA ASN C 316 -13.32 15.33 -61.47
C ASN C 316 -13.16 15.49 -59.97
N TYR C 317 -13.61 14.50 -59.20
CA TYR C 317 -13.39 14.55 -57.76
C TYR C 317 -11.90 14.44 -57.46
N TYR C 318 -11.22 13.49 -58.09
CA TYR C 318 -9.79 13.32 -57.84
C TYR C 318 -9.01 14.60 -58.11
N GLN C 319 -9.25 15.23 -59.26
CA GLN C 319 -8.54 16.46 -59.54
C GLN C 319 -8.78 17.50 -58.46
N LYS C 320 -9.98 17.50 -57.89
CA LYS C 320 -10.36 18.52 -56.93
C LYS C 320 -9.83 18.21 -55.53
N PHE C 321 -9.52 16.94 -55.20
CA PHE C 321 -9.27 16.57 -53.81
C PHE C 321 -8.07 15.64 -53.61
N ASN C 322 -7.17 15.52 -54.60
CA ASN C 322 -6.03 14.63 -54.42
C ASN C 322 -5.02 15.15 -53.40
N THR C 323 -5.01 16.44 -53.12
CA THR C 323 -4.13 17.01 -52.08
C THR C 323 -4.75 16.98 -50.69
N LYS C 324 -5.94 16.43 -50.53
CA LYS C 324 -6.57 16.28 -49.24
C LYS C 324 -6.47 14.81 -48.82
N LEU C 325 -6.25 14.57 -47.53
CA LEU C 325 -5.98 13.20 -47.11
C LEU C 325 -7.23 12.33 -47.19
N CYS C 326 -8.40 12.93 -47.22
CA CYS C 326 -9.64 12.16 -47.33
C CYS C 326 -9.82 11.47 -48.67
N CYS C 327 -9.02 11.84 -49.68
CA CYS C 327 -9.27 11.43 -51.05
C CYS C 327 -9.34 9.91 -51.18
N TYR C 328 -8.35 9.20 -50.65
CA TYR C 328 -8.38 7.74 -50.80
C TYR C 328 -9.56 7.13 -50.07
N ALA C 329 -9.82 7.59 -48.84
CA ALA C 329 -10.93 7.03 -48.09
C ALA C 329 -12.25 7.22 -48.81
N ASP C 330 -12.41 8.36 -49.50
CA ASP C 330 -13.68 8.68 -50.16
C ASP C 330 -13.88 7.85 -51.43
N LEU C 331 -12.88 7.83 -52.32
CA LEU C 331 -13.07 7.14 -53.59
C LEU C 331 -12.98 5.62 -53.46
N SER C 332 -12.24 5.10 -52.48
CA SER C 332 -12.15 3.65 -52.32
C SER C 332 -13.50 3.04 -51.99
N GLN C 333 -14.44 3.88 -51.56
CA GLN C 333 -15.79 3.41 -51.31
C GLN C 333 -16.44 2.84 -52.56
N TYR C 334 -16.12 3.39 -53.73
CA TYR C 334 -16.77 2.95 -54.96
C TYR C 334 -15.92 1.96 -55.73
N GLU C 335 -16.55 1.34 -56.72
CA GLU C 335 -15.92 0.38 -57.64
C GLU C 335 -15.15 1.17 -58.68
N LEU C 336 -13.84 1.32 -58.46
CA LEU C 336 -13.06 2.20 -59.33
C LEU C 336 -12.72 1.52 -60.65
N PRO C 337 -12.78 2.25 -61.75
CA PRO C 337 -12.38 1.68 -63.04
C PRO C 337 -10.89 1.42 -63.11
N THR C 338 -10.54 0.36 -63.85
CA THR C 338 -9.15 0.09 -64.23
C THR C 338 -8.43 1.33 -64.74
N SER C 339 -9.05 2.04 -65.69
CA SER C 339 -8.36 3.15 -66.36
C SER C 339 -7.98 4.25 -65.38
N PHE C 340 -8.76 4.41 -64.30
CA PHE C 340 -8.50 5.48 -63.34
C PHE C 340 -7.14 5.31 -62.68
N ILE C 341 -6.70 4.08 -62.47
CA ILE C 341 -5.33 3.82 -62.04
C ILE C 341 -4.32 4.26 -63.13
N GLU C 350 6.20 13.88 -57.44
CA GLU C 350 5.24 14.97 -57.37
C GLU C 350 5.59 15.95 -56.27
N GLU C 351 5.27 17.23 -56.50
CA GLU C 351 5.59 18.29 -55.54
C GLU C 351 4.67 18.29 -54.33
N ASN C 352 3.61 17.47 -54.33
CA ASN C 352 2.63 17.47 -53.25
C ASN C 352 2.66 16.15 -52.51
N LEU C 353 2.97 16.22 -51.22
CA LEU C 353 3.11 15.02 -50.42
C LEU C 353 1.78 14.25 -50.30
N ILE C 354 0.69 14.93 -49.97
CA ILE C 354 -0.58 14.23 -49.80
C ILE C 354 -1.00 13.56 -51.11
N THR C 355 -0.67 14.16 -52.25
CA THR C 355 -0.98 13.52 -53.51
C THR C 355 -0.27 12.18 -53.63
N VAL C 356 1.03 12.16 -53.29
CA VAL C 356 1.79 10.91 -53.35
C VAL C 356 1.18 9.87 -52.40
N VAL C 357 0.78 10.30 -51.20
CA VAL C 357 0.16 9.41 -50.24
C VAL C 357 -1.08 8.76 -50.84
N ASN C 358 -2.03 9.59 -51.30
CA ASN C 358 -3.23 9.05 -51.94
C ASN C 358 -2.87 8.08 -53.05
N ASN C 359 -2.01 8.51 -53.99
CA ASN C 359 -1.73 7.66 -55.14
C ASN C 359 -1.09 6.34 -54.71
N ARG C 360 -0.14 6.39 -53.77
CA ARG C 360 0.48 5.16 -53.29
C ARG C 360 -0.52 4.25 -52.61
N LYS C 361 -1.51 4.84 -51.91
CA LYS C 361 -2.59 4.04 -51.33
C LYS C 361 -3.48 3.45 -52.42
N PHE C 362 -3.70 4.18 -53.51
CA PHE C 362 -4.53 3.67 -54.58
C PHE C 362 -3.90 2.46 -55.22
N VAL C 363 -2.61 2.57 -55.53
CA VAL C 363 -1.84 1.49 -56.15
C VAL C 363 -1.50 0.40 -55.14
N ASN C 364 -1.76 0.64 -53.85
CA ASN C 364 -1.35 -0.25 -52.77
C ASN C 364 0.12 -0.62 -52.89
N GLN C 365 0.96 0.41 -52.84
CA GLN C 365 2.41 0.27 -52.89
C GLN C 365 2.90 -0.14 -51.51
N THR C 366 3.58 -1.28 -51.39
CA THR C 366 3.96 -1.70 -50.05
C THR C 366 5.23 -1.02 -49.55
N ASP C 367 6.23 -0.82 -50.43
CA ASP C 367 7.48 -0.17 -50.02
C ASP C 367 7.44 1.32 -50.38
N ASN C 368 7.59 2.17 -49.35
CA ASN C 368 7.43 3.62 -49.51
C ASN C 368 8.61 4.42 -48.96
N TRP C 369 9.75 3.78 -48.69
CA TRP C 369 10.86 4.49 -48.11
C TRP C 369 11.42 5.54 -49.09
N ASP C 370 11.12 5.45 -50.40
CA ASP C 370 11.46 6.52 -51.34
C ASP C 370 10.83 7.83 -50.89
N VAL C 371 9.49 7.82 -50.79
CA VAL C 371 8.74 8.99 -50.37
C VAL C 371 9.27 9.50 -49.03
N TYR C 372 9.54 8.57 -48.09
CA TYR C 372 9.94 8.98 -46.75
C TYR C 372 11.20 9.83 -46.78
N GLU C 373 12.19 9.49 -47.62
CA GLU C 373 13.42 10.27 -47.60
C GLU C 373 13.23 11.67 -48.18
N ARG C 374 12.20 11.87 -49.01
CA ARG C 374 11.88 13.21 -49.48
C ARG C 374 11.25 14.08 -48.38
N PHE C 375 10.37 13.49 -47.57
CA PHE C 375 9.57 14.24 -46.63
C PHE C 375 9.81 13.79 -45.19
N SER C 376 11.01 13.27 -44.91
CA SER C 376 11.34 12.80 -43.57
C SER C 376 11.28 13.89 -42.51
N THR C 377 11.42 15.14 -42.90
CA THR C 377 11.48 16.24 -41.95
C THR C 377 10.08 16.72 -41.61
N LYS C 378 9.77 16.78 -40.32
CA LYS C 378 8.47 17.25 -39.89
C LYS C 378 8.37 18.72 -40.25
N GLU C 379 7.34 19.06 -41.02
CA GLU C 379 7.06 20.42 -41.39
C GLU C 379 5.58 20.65 -41.18
N GLY C 380 5.19 21.90 -41.07
CA GLY C 380 3.82 22.23 -40.76
C GLY C 380 3.66 22.55 -39.30
N ALA C 381 2.40 22.56 -38.86
CA ALA C 381 2.07 22.84 -37.47
C ALA C 381 2.71 21.80 -36.56
N GLU C 382 3.10 22.26 -35.37
CA GLU C 382 3.83 21.41 -34.43
C GLU C 382 3.04 20.18 -34.05
N TYR C 383 1.76 20.37 -33.73
CA TYR C 383 0.94 19.29 -33.21
C TYR C 383 0.35 18.41 -34.29
N ASP C 384 0.54 18.76 -35.56
CA ASP C 384 0.01 17.93 -36.62
C ASP C 384 0.92 16.72 -36.82
N SER C 385 0.47 15.79 -37.65
CA SER C 385 1.26 14.62 -38.00
C SER C 385 1.80 14.79 -39.41
N ASN C 386 2.85 14.04 -39.70
CA ASN C 386 3.41 14.10 -41.03
C ASN C 386 2.72 13.05 -41.87
N PRO C 387 1.99 13.44 -42.92
CA PRO C 387 1.20 12.47 -43.68
C PRO C 387 2.04 11.35 -44.28
N VAL C 388 3.35 11.57 -44.47
CA VAL C 388 4.24 10.51 -44.97
C VAL C 388 4.12 9.25 -44.14
N ASN C 389 3.92 9.41 -42.83
CA ASN C 389 3.98 8.24 -41.99
C ASN C 389 2.74 7.38 -42.11
N GLU C 390 1.69 7.87 -42.81
CA GLU C 390 0.65 6.99 -43.29
C GLU C 390 1.23 5.92 -44.21
N LEU C 391 2.20 6.31 -45.04
CA LEU C 391 2.81 5.33 -45.91
C LEU C 391 3.87 4.52 -45.19
N THR C 392 4.65 5.15 -44.31
CA THR C 392 5.68 4.37 -43.62
C THR C 392 5.04 3.36 -42.70
N LEU C 393 3.99 3.76 -41.97
CA LEU C 393 3.28 2.82 -41.11
C LEU C 393 2.75 1.63 -41.91
N ARG C 394 2.22 1.89 -43.11
CA ARG C 394 1.77 0.82 -43.98
C ARG C 394 2.90 -0.15 -44.30
N THR C 395 4.08 0.40 -44.67
CA THR C 395 5.22 -0.45 -45.03
C THR C 395 5.73 -1.23 -43.83
N ILE C 396 5.69 -0.63 -42.65
CA ILE C 396 6.14 -1.38 -41.49
C ILE C 396 5.19 -2.52 -41.18
N VAL C 397 3.88 -2.27 -41.25
CA VAL C 397 2.91 -3.32 -40.92
C VAL C 397 2.99 -4.46 -41.92
N SER C 398 3.22 -4.13 -43.19
CA SER C 398 3.39 -5.17 -44.19
C SER C 398 4.66 -5.97 -43.97
N ASP C 399 5.65 -5.41 -43.29
CA ASP C 399 6.91 -6.10 -43.07
C ASP C 399 6.92 -6.92 -41.79
N LEU C 400 5.99 -6.68 -40.87
CA LEU C 400 5.97 -7.43 -39.62
C LEU C 400 5.70 -8.91 -39.90
N ASP C 401 6.49 -9.78 -39.26
CA ASP C 401 6.33 -11.22 -39.46
C ASP C 401 6.47 -12.02 -38.18
N SER C 402 6.37 -11.38 -37.01
CA SER C 402 6.40 -12.01 -35.69
C SER C 402 7.79 -12.55 -35.30
N SER C 403 8.84 -12.34 -36.11
CA SER C 403 10.17 -12.79 -35.67
C SER C 403 10.87 -11.72 -34.83
N PRO C 404 11.53 -12.14 -33.74
CA PRO C 404 12.12 -11.15 -32.81
C PRO C 404 12.99 -10.12 -33.50
N GLN C 405 13.80 -10.51 -34.48
CA GLN C 405 14.61 -9.53 -35.19
C GLN C 405 13.74 -8.54 -35.93
N ASN C 406 12.69 -9.04 -36.58
CA ASN C 406 11.80 -8.14 -37.32
C ASN C 406 11.11 -7.15 -36.36
N THR C 407 10.62 -7.65 -35.22
CA THR C 407 10.04 -6.75 -34.23
C THR C 407 11.05 -5.66 -33.84
N ILE C 408 12.26 -6.07 -33.44
CA ILE C 408 13.26 -5.12 -32.98
C ILE C 408 13.63 -4.14 -34.08
N LYS C 409 13.79 -4.64 -35.30
CA LYS C 409 14.03 -3.75 -36.44
C LYS C 409 12.92 -2.70 -36.54
N ASN C 410 11.67 -3.13 -36.51
CA ASN C 410 10.61 -2.16 -36.70
C ASN C 410 10.40 -1.28 -35.46
N ILE C 411 10.86 -1.73 -34.28
CA ILE C 411 10.86 -0.84 -33.11
C ILE C 411 11.84 0.31 -33.33
N VAL C 412 13.03 0.01 -33.85
CA VAL C 412 14.00 1.05 -34.18
C VAL C 412 13.39 2.01 -35.19
N LEU C 413 12.70 1.47 -36.19
CA LEU C 413 12.07 2.30 -37.20
C LEU C 413 11.00 3.18 -36.59
N LEU C 414 10.09 2.58 -35.80
CA LEU C 414 8.99 3.37 -35.26
C LEU C 414 9.52 4.42 -34.31
N LYS C 415 10.45 4.04 -33.43
CA LYS C 415 11.09 5.03 -32.57
C LYS C 415 11.72 6.16 -33.40
N HIS C 416 12.34 5.81 -34.52
CA HIS C 416 13.00 6.82 -35.34
C HIS C 416 11.99 7.81 -35.92
N LEU C 417 10.86 7.31 -36.44
CA LEU C 417 9.89 8.22 -37.05
C LEU C 417 9.23 9.09 -36.00
N LEU C 418 9.11 8.59 -34.78
CA LEU C 418 8.51 9.40 -33.72
C LEU C 418 9.49 10.45 -33.19
N GLU C 419 10.78 10.32 -33.49
CA GLU C 419 11.73 11.37 -33.12
C GLU C 419 11.27 12.70 -33.66
N GLN C 420 10.81 12.72 -34.91
CA GLN C 420 10.33 13.95 -35.51
C GLN C 420 8.82 14.10 -35.51
N ASP C 421 8.06 13.03 -35.73
CA ASP C 421 6.61 13.14 -35.67
C ASP C 421 6.21 12.80 -34.23
N LYS C 422 6.41 13.80 -33.35
CA LYS C 422 6.33 13.58 -31.91
C LYS C 422 4.99 12.97 -31.48
N TYR C 423 3.91 13.37 -32.13
CA TYR C 423 2.56 13.11 -31.62
C TYR C 423 1.76 12.15 -32.49
N ASN C 424 2.41 11.32 -33.29
CA ASN C 424 1.71 10.44 -34.21
C ASN C 424 1.12 9.27 -33.41
N TYR C 425 -0.19 9.34 -33.11
CA TYR C 425 -0.75 8.37 -32.16
C TYR C 425 -0.70 6.94 -32.71
N LYS C 426 -0.86 6.77 -34.03
CA LYS C 426 -0.84 5.42 -34.58
C LYS C 426 0.55 4.79 -34.43
N LEU C 427 1.59 5.58 -34.70
CA LEU C 427 2.94 5.07 -34.51
C LEU C 427 3.15 4.66 -33.06
N LYS C 428 2.66 5.48 -32.11
CA LYS C 428 2.80 5.16 -30.70
C LYS C 428 2.03 3.89 -30.34
N LEU C 429 0.79 3.74 -30.82
CA LEU C 429 0.06 2.51 -30.48
C LEU C 429 0.75 1.28 -31.04
N TRP C 430 1.29 1.39 -32.27
CA TRP C 430 2.03 0.26 -32.82
C TRP C 430 3.32 0.02 -32.05
N LEU C 431 3.95 1.08 -31.55
CA LEU C 431 5.18 0.91 -30.78
C LEU C 431 4.92 0.11 -29.51
N MET C 432 3.85 0.44 -28.79
CA MET C 432 3.41 -0.36 -27.65
C MET C 432 3.15 -1.81 -28.06
N LYS C 433 2.53 -2.00 -29.24
CA LYS C 433 2.18 -3.34 -29.69
C LYS C 433 3.43 -4.20 -29.94
N LEU C 434 4.47 -3.62 -30.55
CA LEU C 434 5.69 -4.40 -30.73
C LEU C 434 6.36 -4.68 -29.41
N TYR C 435 6.31 -3.72 -28.48
CA TYR C 435 6.93 -3.97 -27.18
C TYR C 435 6.22 -5.08 -26.43
N SER C 436 4.90 -5.24 -26.65
CA SER C 436 4.19 -6.33 -25.98
C SER C 436 4.60 -7.71 -26.50
N GLN C 437 5.29 -7.78 -27.63
CA GLN C 437 5.76 -9.07 -28.14
C GLN C 437 6.97 -9.60 -27.41
N LEU C 438 7.71 -8.72 -26.71
CA LEU C 438 8.96 -9.06 -26.07
C LEU C 438 8.83 -8.96 -24.55
N ASN C 439 9.95 -9.13 -23.87
CA ASN C 439 10.04 -9.05 -22.42
C ASN C 439 10.39 -7.66 -21.94
N THR C 440 10.23 -6.64 -22.79
CA THR C 440 10.64 -5.28 -22.45
C THR C 440 9.50 -4.53 -21.76
N ASN C 441 9.05 -5.06 -20.61
CA ASN C 441 7.75 -4.71 -20.05
C ASN C 441 7.66 -3.32 -19.44
N ASP C 442 8.78 -2.72 -19.05
CA ASP C 442 8.78 -1.40 -18.44
C ASP C 442 8.85 -0.27 -19.49
N LEU C 443 8.71 -0.61 -20.77
CA LEU C 443 8.77 0.37 -21.84
C LEU C 443 7.41 0.77 -22.39
N ILE C 444 6.32 0.11 -21.99
CA ILE C 444 5.01 0.45 -22.55
C ILE C 444 4.34 1.57 -21.77
N PHE C 445 4.39 1.58 -20.44
CA PHE C 445 3.74 2.65 -19.68
C PHE C 445 4.20 4.04 -20.08
N PRO C 446 5.48 4.32 -20.26
CA PRO C 446 5.84 5.68 -20.72
C PRO C 446 5.13 6.10 -21.98
N ILE C 447 4.98 5.22 -22.97
CA ILE C 447 4.26 5.58 -24.19
C ILE C 447 2.81 5.88 -23.88
N TYR C 448 2.18 4.99 -23.11
CA TYR C 448 0.77 5.08 -22.76
C TYR C 448 0.43 6.42 -22.09
N ASN C 449 1.16 6.77 -21.03
CA ASN C 449 0.93 8.06 -20.39
C ASN C 449 1.30 9.21 -21.31
N GLY C 450 2.24 9.02 -22.22
CA GLY C 450 2.59 10.09 -23.15
C GLY C 450 1.45 10.46 -24.07
N LEU C 451 0.56 9.50 -24.36
CA LEU C 451 -0.67 9.75 -25.09
C LEU C 451 -1.71 10.52 -24.28
N LYS C 452 -1.47 10.77 -22.99
CA LYS C 452 -2.44 11.40 -22.10
C LYS C 452 -3.79 10.66 -22.13
N ILE C 453 -3.73 9.33 -22.24
CA ILE C 453 -4.90 8.48 -22.10
C ILE C 453 -5.49 8.64 -20.71
N ARG C 454 -6.78 8.99 -20.63
CA ARG C 454 -7.41 9.23 -19.34
C ARG C 454 -8.89 8.93 -19.44
N MET C 455 -9.51 8.76 -18.27
CA MET C 455 -10.97 8.53 -18.10
C MET C 455 -11.40 7.42 -19.06
N THR C 456 -12.41 7.63 -19.90
CA THR C 456 -13.00 6.53 -20.66
C THR C 456 -11.98 5.84 -21.54
N GLN C 457 -10.93 6.55 -21.94
CA GLN C 457 -9.91 5.91 -22.75
C GLN C 457 -9.27 4.71 -22.04
N HIS C 458 -9.19 4.74 -20.71
CA HIS C 458 -8.69 3.57 -19.99
C HIS C 458 -9.51 2.33 -20.32
N GLU C 459 -10.84 2.48 -20.31
CA GLU C 459 -11.71 1.33 -20.58
C GLU C 459 -11.46 0.81 -21.98
N THR C 460 -11.18 1.69 -22.93
CA THR C 460 -11.01 1.25 -24.32
C THR C 460 -9.57 0.86 -24.66
N LEU C 461 -8.57 1.33 -23.90
CA LEU C 461 -7.19 1.10 -24.29
C LEU C 461 -6.32 0.48 -23.23
N ASN C 462 -6.80 0.20 -22.02
CA ASN C 462 -5.83 -0.20 -21.01
C ASN C 462 -5.18 -1.55 -21.33
N TYR C 463 -5.78 -2.34 -22.23
CA TYR C 463 -5.23 -3.64 -22.57
C TYR C 463 -3.85 -3.53 -23.20
N TYR C 464 -3.52 -2.38 -23.78
CA TYR C 464 -2.15 -2.17 -24.22
C TYR C 464 -1.16 -2.39 -23.09
N LEU C 465 -1.62 -2.30 -21.84
CA LEU C 465 -0.73 -2.45 -20.69
C LEU C 465 -0.69 -3.87 -20.17
N THR C 466 -1.19 -4.82 -20.96
CA THR C 466 -1.29 -6.22 -20.53
C THR C 466 0.04 -6.80 -20.02
N THR C 467 1.16 -6.49 -20.69
CA THR C 467 2.43 -7.10 -20.32
C THR C 467 3.24 -6.26 -19.34
N THR C 468 2.71 -5.15 -18.84
CA THR C 468 3.56 -4.27 -18.05
C THR C 468 4.02 -4.99 -16.79
N ASN C 469 5.16 -4.57 -16.29
CA ASN C 469 5.80 -5.27 -15.19
C ASN C 469 5.21 -4.89 -13.84
N PRO C 470 5.30 -5.81 -12.87
CA PRO C 470 4.73 -5.56 -11.52
C PRO C 470 5.60 -4.65 -10.65
N SER C 471 5.85 -3.45 -11.12
CA SER C 471 6.55 -2.47 -10.29
C SER C 471 5.53 -1.72 -9.44
N LYS C 472 6.02 -1.16 -8.34
CA LYS C 472 5.14 -0.38 -7.47
C LYS C 472 4.59 0.85 -8.19
N ILE C 473 5.41 1.50 -9.02
CA ILE C 473 4.90 2.66 -9.74
C ILE C 473 3.77 2.23 -10.65
N ASN C 474 3.88 1.04 -11.25
CA ASN C 474 2.81 0.54 -12.07
C ASN C 474 1.56 0.20 -11.24
N LEU C 475 1.75 -0.47 -10.09
CA LEU C 475 0.63 -0.68 -9.17
C LEU C 475 -0.20 0.58 -9.00
N ASP C 476 0.47 1.68 -8.63
CA ASP C 476 -0.21 2.93 -8.39
C ASP C 476 -0.96 3.40 -9.63
N ALA C 477 -0.35 3.22 -10.80
CA ALA C 477 -1.00 3.63 -12.03
C ALA C 477 -2.27 2.83 -12.25
N TRP C 478 -2.23 1.53 -11.94
CA TRP C 478 -3.40 0.69 -12.09
C TRP C 478 -4.46 1.08 -11.09
N VAL C 479 -4.07 1.32 -9.83
CA VAL C 479 -5.03 1.81 -8.84
C VAL C 479 -5.68 3.08 -9.35
N ASP C 480 -4.92 3.94 -10.02
CA ASP C 480 -5.52 5.19 -10.50
C ASP C 480 -6.52 4.93 -11.60
N ILE C 481 -6.26 3.94 -12.46
CA ILE C 481 -7.26 3.51 -13.44
C ILE C 481 -8.49 2.95 -12.72
N TYR C 482 -8.29 2.19 -11.65
CA TYR C 482 -9.46 1.73 -10.89
C TYR C 482 -10.24 2.92 -10.32
N ARG C 483 -9.54 3.93 -9.83
CA ARG C 483 -10.20 5.17 -9.41
C ARG C 483 -11.12 5.69 -10.52
N PHE C 484 -10.68 5.59 -11.78
CA PHE C 484 -11.53 6.04 -12.88
C PHE C 484 -12.87 5.30 -12.85
N TYR C 485 -12.83 3.99 -12.69
CA TYR C 485 -14.04 3.19 -12.70
C TYR C 485 -14.95 3.56 -11.53
N LEU C 486 -14.37 3.70 -10.34
CA LEU C 486 -15.14 4.12 -9.17
C LEU C 486 -15.83 5.45 -9.42
N THR C 487 -15.05 6.39 -9.97
CA THR C 487 -15.54 7.73 -10.23
C THR C 487 -16.64 7.71 -11.29
N SER C 488 -16.38 6.99 -12.39
CA SER C 488 -17.35 6.94 -13.48
C SER C 488 -18.62 6.22 -13.06
N LYS C 489 -18.49 5.24 -12.16
CA LYS C 489 -19.68 4.53 -11.71
C LYS C 489 -20.66 5.51 -11.07
N GLN C 490 -20.15 6.35 -10.16
CA GLN C 490 -21.04 7.30 -9.50
C GLN C 490 -21.47 8.41 -10.47
N GLU C 491 -20.57 8.91 -11.31
CA GLU C 491 -20.95 10.03 -12.15
C GLU C 491 -22.05 9.65 -13.16
N ILE C 492 -21.99 8.45 -13.74
CA ILE C 492 -23.02 8.08 -14.71
C ILE C 492 -24.36 7.85 -14.00
N LYS C 493 -24.30 7.34 -12.76
CA LYS C 493 -25.51 7.17 -11.98
C LYS C 493 -26.15 8.52 -11.70
N GLU C 494 -25.36 9.47 -11.22
CA GLU C 494 -25.90 10.79 -10.98
C GLU C 494 -26.39 11.44 -12.26
N SER C 495 -25.77 11.08 -13.40
CA SER C 495 -26.23 11.64 -14.68
C SER C 495 -27.55 11.03 -15.16
N ILE C 496 -27.83 9.76 -14.82
CA ILE C 496 -29.10 9.14 -15.18
C ILE C 496 -30.23 9.78 -14.39
N ILE C 497 -30.01 9.99 -13.10
CA ILE C 497 -30.97 10.70 -12.28
C ILE C 497 -31.28 12.07 -12.88
N GLN C 498 -30.22 12.82 -13.23
CA GLN C 498 -30.45 14.18 -13.71
C GLN C 498 -31.05 14.19 -15.11
N GLY C 499 -30.66 13.25 -15.96
CA GLY C 499 -31.28 13.14 -17.26
C GLY C 499 -32.78 12.93 -17.16
N PHE C 500 -33.21 12.11 -16.18
CA PHE C 500 -34.63 11.92 -15.91
C PHE C 500 -35.27 13.15 -15.28
N ASP C 501 -34.55 13.86 -14.40
CA ASP C 501 -35.20 15.00 -13.75
C ASP C 501 -35.45 16.11 -14.75
N ASN C 502 -34.50 16.36 -15.65
CA ASN C 502 -34.79 17.10 -16.88
C ASN C 502 -35.54 16.18 -17.85
N GLY C 503 -35.81 16.61 -19.04
CA GLY C 503 -36.67 15.71 -19.77
C GLY C 503 -35.97 15.11 -20.96
N VAL C 504 -34.68 14.77 -20.77
CA VAL C 504 -33.76 14.54 -21.87
C VAL C 504 -33.81 13.08 -22.33
N PHE C 505 -35.01 12.62 -22.72
CA PHE C 505 -35.16 11.22 -23.14
C PHE C 505 -34.36 10.93 -24.40
N ASN C 506 -34.07 11.98 -25.18
CA ASN C 506 -33.15 11.96 -26.31
C ASN C 506 -31.83 11.27 -26.00
N LYS C 507 -31.41 11.29 -24.74
CA LYS C 507 -30.09 10.82 -24.39
C LYS C 507 -30.06 9.82 -23.23
N LEU C 508 -31.22 9.43 -22.68
CA LEU C 508 -31.21 8.57 -21.51
C LEU C 508 -30.80 7.14 -21.83
N GLU C 509 -31.23 6.62 -22.98
CA GLU C 509 -30.84 5.26 -23.31
C GLU C 509 -29.33 5.17 -23.51
N GLY C 510 -28.75 6.25 -24.04
CA GLY C 510 -27.30 6.33 -24.10
C GLY C 510 -26.65 6.27 -22.73
N PHE C 511 -27.18 7.03 -21.77
CA PHE C 511 -26.62 6.99 -20.43
C PHE C 511 -26.74 5.60 -19.83
N ILE C 512 -27.93 4.97 -19.99
CA ILE C 512 -28.17 3.67 -19.37
C ILE C 512 -27.25 2.62 -19.98
N ASN C 513 -27.18 2.58 -21.31
CA ASN C 513 -26.32 1.59 -21.95
C ASN C 513 -24.86 1.84 -21.62
N PHE C 514 -24.45 3.10 -21.55
CA PHE C 514 -23.08 3.41 -21.15
C PHE C 514 -22.78 2.81 -19.78
N SER C 515 -23.64 3.09 -18.82
CA SER C 515 -23.47 2.51 -17.49
C SER C 515 -23.43 0.98 -17.58
N LYS C 516 -24.42 0.38 -18.25
CA LYS C 516 -24.46 -1.07 -18.38
C LYS C 516 -23.15 -1.63 -18.94
N ARG C 517 -22.64 -1.05 -20.01
CA ARG C 517 -21.39 -1.56 -20.60
C ARG C 517 -20.19 -1.37 -19.69
N MET C 518 -20.25 -0.51 -18.67
CA MET C 518 -19.14 -0.33 -17.72
C MET C 518 -19.28 -1.15 -16.44
N GLN C 519 -20.43 -1.79 -16.23
CA GLN C 519 -20.67 -2.42 -14.94
C GLN C 519 -19.76 -3.62 -14.69
N ASN C 520 -19.47 -4.40 -15.73
CA ASN C 520 -18.69 -5.63 -15.57
C ASN C 520 -17.92 -5.94 -16.86
N SER C 521 -17.08 -5.02 -17.28
CA SER C 521 -16.35 -5.14 -18.53
C SER C 521 -15.07 -5.95 -18.36
N ILE C 522 -14.56 -6.49 -19.47
CA ILE C 522 -13.28 -7.18 -19.42
C ILE C 522 -12.19 -6.23 -19.01
N SER C 523 -12.34 -4.94 -19.36
CA SER C 523 -11.34 -3.97 -18.97
C SER C 523 -11.41 -3.67 -17.49
N LEU C 524 -12.61 -3.61 -16.91
CA LEU C 524 -12.64 -3.42 -15.46
C LEU C 524 -12.08 -4.62 -14.72
N ASN C 525 -12.48 -5.81 -15.11
CA ASN C 525 -12.01 -6.99 -14.40
C ASN C 525 -10.53 -7.27 -14.65
N PHE C 526 -10.02 -6.96 -15.83
CA PHE C 526 -8.58 -7.03 -15.99
C PHE C 526 -7.88 -6.06 -15.04
N THR C 527 -8.44 -4.86 -14.88
CA THR C 527 -7.84 -3.91 -13.96
C THR C 527 -7.75 -4.48 -12.56
N VAL C 528 -8.82 -5.14 -12.08
CA VAL C 528 -8.76 -5.75 -10.75
C VAL C 528 -7.76 -6.89 -10.72
N ALA C 529 -7.77 -7.77 -11.75
CA ALA C 529 -6.77 -8.85 -11.82
C ALA C 529 -5.35 -8.33 -11.72
N LYS C 530 -5.03 -7.24 -12.45
CA LYS C 530 -3.67 -6.70 -12.40
C LYS C 530 -3.30 -6.22 -11.00
N ILE C 531 -4.19 -5.46 -10.37
CA ILE C 531 -3.90 -4.92 -9.05
C ILE C 531 -3.64 -6.05 -8.08
N LEU C 532 -4.47 -7.10 -8.11
CA LEU C 532 -4.24 -8.23 -7.22
C LEU C 532 -2.92 -8.91 -7.52
N GLN C 533 -2.62 -9.11 -8.80
CA GLN C 533 -1.38 -9.80 -9.19
C GLN C 533 -0.15 -9.03 -8.70
N ILE C 534 -0.07 -7.73 -8.98
CA ILE C 534 1.09 -6.91 -8.58
C ILE C 534 1.19 -6.78 -7.08
N SER C 535 0.04 -6.67 -6.41
CA SER C 535 0.06 -6.53 -4.97
C SER C 535 0.67 -7.76 -4.31
N THR C 536 0.26 -8.95 -4.75
CA THR C 536 0.78 -10.13 -4.10
C THR C 536 2.20 -10.42 -4.54
N ILE C 537 2.64 -9.93 -5.70
CA ILE C 537 4.03 -10.18 -6.12
C ILE C 537 4.99 -9.30 -5.31
N LEU C 538 4.75 -7.99 -5.27
CA LEU C 538 5.36 -7.16 -4.25
C LEU C 538 4.85 -7.62 -2.88
N GLY C 539 5.44 -7.10 -1.84
CA GLY C 539 4.81 -7.55 -0.61
C GLY C 539 3.60 -6.77 -0.14
N THR C 540 3.12 -5.80 -0.91
CA THR C 540 2.27 -4.74 -0.39
C THR C 540 0.83 -5.19 -0.20
N ASP C 541 0.43 -5.42 1.04
CA ASP C 541 -0.86 -6.05 1.30
C ASP C 541 -1.97 -5.06 1.62
N GLY C 542 -1.66 -3.76 1.70
CA GLY C 542 -2.71 -2.79 1.92
C GLY C 542 -3.74 -2.78 0.82
N TYR C 543 -3.34 -3.16 -0.39
CA TYR C 543 -4.24 -3.17 -1.54
C TYR C 543 -5.09 -4.43 -1.58
N LEU C 544 -4.50 -5.58 -1.19
CA LEU C 544 -5.24 -6.83 -1.12
C LEU C 544 -6.55 -6.73 -0.38
N ASN C 545 -6.58 -6.10 0.77
CA ASN C 545 -7.81 -6.16 1.56
C ASN C 545 -8.98 -5.50 0.86
N TYR C 546 -8.75 -4.36 0.20
CA TYR C 546 -9.82 -3.66 -0.49
C TYR C 546 -10.40 -4.48 -1.64
N PHE C 547 -9.54 -5.03 -2.50
CA PHE C 547 -10.03 -5.69 -3.69
C PHE C 547 -10.56 -7.10 -3.44
N ILE C 548 -10.10 -7.78 -2.40
CA ILE C 548 -10.78 -9.01 -2.05
C ILE C 548 -12.23 -8.71 -1.73
N HIS C 549 -12.47 -7.59 -1.05
CA HIS C 549 -13.82 -7.20 -0.69
C HIS C 549 -14.67 -6.95 -1.93
N TYR C 550 -14.08 -6.35 -2.96
CA TYR C 550 -14.80 -6.19 -4.23
C TYR C 550 -15.24 -7.55 -4.77
N LEU C 551 -14.33 -8.53 -4.78
CA LEU C 551 -14.69 -9.84 -5.32
C LEU C 551 -15.79 -10.47 -4.49
N LYS C 552 -15.62 -10.46 -3.17
CA LYS C 552 -16.60 -11.11 -2.30
C LYS C 552 -17.97 -10.44 -2.41
N THR C 553 -18.00 -9.14 -2.70
CA THR C 553 -19.25 -8.41 -2.87
C THR C 553 -19.85 -8.58 -4.26
N ASN C 554 -19.08 -9.04 -5.24
CA ASN C 554 -19.52 -9.07 -6.63
C ASN C 554 -19.41 -10.45 -7.26
N GLU C 555 -19.63 -11.50 -6.48
CA GLU C 555 -19.43 -12.83 -7.06
C GLU C 555 -20.30 -13.05 -8.29
N ALA C 556 -21.53 -12.53 -8.27
CA ALA C 556 -22.42 -12.73 -9.41
C ALA C 556 -21.83 -12.12 -10.68
N LEU C 557 -21.26 -10.92 -10.58
CA LEU C 557 -20.57 -10.35 -11.72
C LEU C 557 -19.35 -11.16 -12.11
N ILE C 558 -18.53 -11.55 -11.12
CA ILE C 558 -17.26 -12.21 -11.43
C ILE C 558 -17.51 -13.49 -12.24
N VAL C 559 -18.59 -14.22 -11.93
CA VAL C 559 -18.86 -15.47 -12.64
C VAL C 559 -19.69 -15.28 -13.91
N SER C 560 -20.12 -14.06 -14.23
CA SER C 560 -20.88 -13.85 -15.46
C SER C 560 -19.95 -13.60 -16.66
N ASP C 561 -20.56 -13.28 -17.79
CA ASP C 561 -19.84 -12.91 -19.00
C ASP C 561 -19.56 -11.42 -18.99
N TYR C 562 -18.29 -11.06 -19.19
CA TYR C 562 -17.88 -9.67 -19.14
C TYR C 562 -18.08 -9.00 -20.50
N THR C 563 -18.42 -7.71 -20.46
CA THR C 563 -18.55 -6.89 -21.65
C THR C 563 -17.18 -6.49 -22.22
N ASP C 564 -17.09 -6.43 -23.54
CA ASP C 564 -15.88 -5.97 -24.21
C ASP C 564 -16.15 -4.64 -24.90
N ASN C 565 -15.55 -3.56 -24.41
CA ASN C 565 -15.55 -2.30 -25.13
C ASN C 565 -14.14 -1.90 -25.60
N ARG C 566 -13.23 -2.88 -25.71
CA ARG C 566 -11.84 -2.57 -26.02
C ARG C 566 -11.68 -2.09 -27.46
N ASP C 567 -10.69 -1.22 -27.67
CA ASP C 567 -10.44 -0.59 -28.97
C ASP C 567 -9.29 -1.30 -29.70
N PHE C 568 -9.64 -2.24 -30.59
CA PHE C 568 -8.69 -2.86 -31.50
C PHE C 568 -8.69 -2.23 -32.90
N LYS C 569 -9.36 -1.09 -33.07
CA LYS C 569 -9.54 -0.47 -34.38
C LYS C 569 -8.67 0.75 -34.62
N SER C 570 -8.29 1.50 -33.57
CA SER C 570 -7.71 2.83 -33.75
C SER C 570 -6.36 2.79 -34.45
N GLU C 571 -5.57 1.77 -34.17
CA GLU C 571 -4.26 1.59 -34.75
C GLU C 571 -4.32 1.34 -36.25
N TRP C 572 -5.49 0.94 -36.76
CA TRP C 572 -5.66 0.58 -38.16
C TRP C 572 -6.30 1.69 -38.99
N ASN C 573 -6.52 2.86 -38.38
CA ASN C 573 -7.24 3.96 -39.00
C ASN C 573 -6.58 4.39 -40.31
N GLY C 574 -7.29 4.21 -41.42
CA GLY C 574 -6.75 4.49 -42.73
C GLY C 574 -5.85 3.42 -43.29
N LEU C 575 -6.00 2.20 -42.82
CA LEU C 575 -5.32 1.05 -43.39
C LEU C 575 -6.31 -0.09 -43.44
N GLU C 576 -5.95 -1.14 -44.19
CA GLU C 576 -6.73 -2.36 -44.23
C GLU C 576 -6.15 -3.32 -43.20
N LYS C 577 -7.01 -3.79 -42.28
CA LYS C 577 -6.61 -4.62 -41.15
C LYS C 577 -6.38 -6.06 -41.61
N ILE C 578 -5.12 -6.37 -41.93
CA ILE C 578 -4.68 -7.74 -42.14
C ILE C 578 -4.55 -8.45 -40.79
N ASP C 579 -4.46 -9.78 -40.82
CA ASP C 579 -4.03 -10.52 -39.65
C ASP C 579 -2.56 -10.20 -39.38
N CYS C 580 -2.20 -10.15 -38.10
CA CYS C 580 -0.96 -9.49 -37.69
C CYS C 580 -0.62 -9.88 -36.26
N ILE C 581 0.41 -9.22 -35.70
CA ILE C 581 0.81 -9.41 -34.31
C ILE C 581 -0.21 -8.71 -33.42
N ASP C 582 -0.49 -9.31 -32.27
CA ASP C 582 -1.51 -8.86 -31.35
C ASP C 582 -0.93 -8.66 -29.95
N VAL C 583 -1.55 -7.75 -29.21
CA VAL C 583 -1.23 -7.67 -27.79
C VAL C 583 -1.65 -8.97 -27.12
N PRO C 584 -0.77 -9.63 -26.37
CA PRO C 584 -1.11 -10.95 -25.84
C PRO C 584 -2.15 -10.92 -24.72
N VAL C 585 -3.42 -10.71 -25.03
CA VAL C 585 -4.46 -10.76 -24.01
C VAL C 585 -4.94 -12.20 -23.85
N ASN C 586 -5.50 -12.49 -22.66
CA ASN C 586 -6.04 -13.81 -22.30
C ASN C 586 -7.25 -13.59 -21.38
N ASP C 587 -8.42 -13.38 -21.98
CA ASP C 587 -9.58 -12.99 -21.18
C ASP C 587 -10.04 -14.08 -20.22
N VAL C 588 -9.91 -15.36 -20.60
CA VAL C 588 -10.38 -16.43 -19.72
C VAL C 588 -9.49 -16.50 -18.47
N ALA C 589 -8.17 -16.39 -18.66
CA ALA C 589 -7.27 -16.32 -17.49
C ALA C 589 -7.68 -15.19 -16.55
N THR C 590 -8.09 -14.04 -17.09
CA THR C 590 -8.54 -12.97 -16.22
C THR C 590 -9.65 -13.46 -15.28
N LYS C 591 -10.68 -14.10 -15.84
CA LYS C 591 -11.76 -14.65 -15.02
C LYS C 591 -11.24 -15.65 -13.99
N LEU C 592 -10.37 -16.57 -14.43
CA LEU C 592 -9.87 -17.60 -13.54
C LEU C 592 -9.09 -16.99 -12.38
N LYS C 593 -8.24 -16.00 -12.69
CA LYS C 593 -7.50 -15.28 -11.64
C LYS C 593 -8.46 -14.70 -10.61
N LEU C 594 -9.50 -13.99 -11.06
CA LEU C 594 -10.45 -13.44 -10.11
C LEU C 594 -11.14 -14.55 -9.33
N LEU C 595 -11.36 -15.71 -9.96
CA LEU C 595 -11.92 -16.84 -9.23
C LEU C 595 -10.94 -17.39 -8.21
N VAL C 596 -9.63 -17.43 -8.55
CA VAL C 596 -8.65 -17.93 -7.58
C VAL C 596 -8.70 -17.09 -6.30
N TYR C 597 -8.55 -15.78 -6.42
CA TYR C 597 -8.58 -14.93 -5.21
C TYR C 597 -9.92 -15.04 -4.50
N SER C 598 -11.02 -15.12 -5.26
CA SER C 598 -12.34 -15.32 -4.66
C SER C 598 -12.37 -16.59 -3.81
N ILE C 599 -11.66 -17.64 -4.23
CA ILE C 599 -11.69 -18.91 -3.51
C ILE C 599 -10.75 -18.90 -2.32
N VAL C 600 -9.55 -18.34 -2.50
CA VAL C 600 -8.59 -18.22 -1.41
C VAL C 600 -9.21 -17.56 -0.20
N PHE C 601 -9.94 -16.46 -0.42
CA PHE C 601 -10.55 -15.73 0.68
C PHE C 601 -12.01 -16.11 0.92
N GLU C 602 -12.42 -17.29 0.45
CA GLU C 602 -13.74 -17.78 0.78
C GLU C 602 -13.68 -18.45 2.15
N ASP C 603 -14.59 -18.05 3.02
CA ASP C 603 -14.53 -18.51 4.40
C ASP C 603 -15.53 -19.60 4.72
N GLN C 604 -16.61 -19.76 3.95
CA GLN C 604 -17.65 -20.72 4.28
C GLN C 604 -17.70 -21.91 3.33
N ASP C 605 -18.03 -21.72 2.05
CA ASP C 605 -18.17 -22.86 1.15
C ASP C 605 -17.59 -22.46 -0.20
N ALA C 606 -16.49 -23.11 -0.58
CA ALA C 606 -15.79 -22.80 -1.82
C ALA C 606 -16.24 -23.69 -2.96
N SER C 607 -17.20 -24.60 -2.71
CA SER C 607 -17.62 -25.55 -3.74
C SER C 607 -18.19 -24.83 -4.95
N ARG C 608 -19.14 -23.91 -4.71
CA ARG C 608 -19.76 -23.17 -5.80
C ARG C 608 -18.72 -22.55 -6.73
N LEU C 609 -17.81 -21.74 -6.17
CA LEU C 609 -16.78 -21.07 -6.98
C LEU C 609 -15.86 -22.08 -7.64
N LEU C 610 -15.58 -23.20 -6.96
CA LEU C 610 -14.72 -24.22 -7.55
C LEU C 610 -15.44 -24.98 -8.66
N LYS C 611 -16.76 -25.14 -8.55
CA LYS C 611 -17.56 -25.65 -9.65
C LYS C 611 -17.39 -24.77 -10.89
N VAL C 612 -17.60 -23.47 -10.73
CA VAL C 612 -17.38 -22.53 -11.82
C VAL C 612 -15.96 -22.67 -12.37
N PHE C 613 -14.98 -22.71 -11.47
CA PHE C 613 -13.57 -22.77 -11.86
C PHE C 613 -13.34 -23.94 -12.80
N ASN C 614 -13.83 -25.12 -12.42
CA ASN C 614 -13.57 -26.34 -13.17
C ASN C 614 -14.27 -26.33 -14.54
N LYS C 615 -15.48 -25.79 -14.60
CA LYS C 615 -16.15 -25.68 -15.89
C LYS C 615 -15.32 -24.83 -16.84
N ILE C 616 -14.78 -23.71 -16.33
CA ILE C 616 -14.02 -22.81 -17.20
C ILE C 616 -12.77 -23.52 -17.71
N THR C 617 -11.96 -24.05 -16.79
CA THR C 617 -10.70 -24.68 -17.19
C THR C 617 -10.96 -25.84 -18.15
N SER C 618 -12.05 -26.57 -17.96
CA SER C 618 -12.28 -27.72 -18.82
C SER C 618 -12.54 -27.32 -20.27
N ASN C 619 -12.98 -26.08 -20.51
CA ASN C 619 -13.26 -25.58 -21.85
C ASN C 619 -12.30 -24.47 -22.28
N ALA C 620 -11.06 -24.50 -21.82
CA ALA C 620 -10.29 -23.27 -21.66
C ALA C 620 -9.58 -22.81 -22.94
N LYS C 621 -9.10 -23.71 -23.79
CA LYS C 621 -8.31 -23.34 -25.00
C LYS C 621 -6.93 -22.75 -24.64
N PHE C 622 -6.31 -23.28 -23.60
CA PHE C 622 -5.06 -22.74 -23.11
C PHE C 622 -3.83 -23.40 -23.73
N SER C 623 -2.70 -22.71 -23.63
CA SER C 623 -1.39 -23.28 -23.90
C SER C 623 -1.05 -24.38 -22.88
N VAL C 624 0.01 -25.14 -23.17
CA VAL C 624 0.37 -26.28 -22.33
C VAL C 624 0.68 -25.80 -20.92
N PHE C 625 1.46 -24.73 -20.80
CA PHE C 625 1.80 -24.27 -19.46
C PHE C 625 0.59 -23.64 -18.78
N ASP C 626 -0.21 -22.88 -19.51
CA ASP C 626 -1.40 -22.32 -18.89
C ASP C 626 -2.31 -23.44 -18.36
N ASN C 627 -2.42 -24.55 -19.09
CA ASN C 627 -3.27 -25.62 -18.60
C ASN C 627 -2.69 -26.18 -17.31
N LEU C 628 -1.37 -26.40 -17.29
CA LEU C 628 -0.72 -26.89 -16.08
C LEU C 628 -1.01 -25.96 -14.90
N LEU C 629 -0.86 -24.64 -15.13
CA LEU C 629 -0.91 -23.69 -14.04
C LEU C 629 -2.27 -23.71 -13.33
N TYR C 630 -3.36 -23.80 -14.09
CA TYR C 630 -4.67 -23.81 -13.44
C TYR C 630 -5.03 -25.17 -12.89
N LYS C 631 -4.39 -26.24 -13.38
CA LYS C 631 -4.60 -27.52 -12.71
C LYS C 631 -3.95 -27.49 -11.35
N LEU C 632 -2.72 -26.97 -11.28
CA LEU C 632 -2.05 -26.72 -10.01
C LEU C 632 -2.90 -25.83 -9.11
N TYR C 633 -3.43 -24.73 -9.64
CA TYR C 633 -4.31 -23.91 -8.82
C TYR C 633 -5.49 -24.72 -8.32
N PHE C 634 -6.08 -25.53 -9.21
CA PHE C 634 -7.23 -26.33 -8.82
C PHE C 634 -6.89 -27.24 -7.65
N ASN C 635 -5.85 -28.06 -7.78
CA ASN C 635 -5.53 -29.02 -6.72
C ASN C 635 -5.13 -28.31 -5.43
N LEU C 636 -4.37 -27.22 -5.55
CA LEU C 636 -3.96 -26.48 -4.36
C LEU C 636 -5.17 -25.87 -3.66
N LEU C 637 -6.09 -25.28 -4.42
CA LEU C 637 -7.29 -24.71 -3.80
C LEU C 637 -8.16 -25.77 -3.15
N LYS C 638 -8.23 -26.97 -3.74
CA LYS C 638 -9.10 -27.99 -3.15
C LYS C 638 -8.49 -28.59 -1.88
N ILE C 639 -7.16 -28.76 -1.82
CA ILE C 639 -6.56 -29.25 -0.57
C ILE C 639 -6.87 -28.30 0.58
N THR C 640 -6.74 -27.01 0.33
CA THR C 640 -6.77 -26.00 1.36
C THR C 640 -8.17 -25.53 1.74
N LYS C 641 -9.15 -25.69 0.86
CA LYS C 641 -10.43 -25.01 1.01
C LYS C 641 -11.58 -26.01 1.01
N THR C 642 -11.30 -27.30 1.26
CA THR C 642 -12.33 -28.34 1.29
C THR C 642 -12.08 -29.32 2.42
N ASN C 645 -11.02 -36.30 2.10
CA ASN C 645 -10.58 -37.36 3.02
C ASN C 645 -9.09 -37.65 2.83
N PRO C 646 -8.46 -38.30 3.82
CA PRO C 646 -6.99 -38.45 3.79
C PRO C 646 -6.42 -39.02 2.50
N GLN C 647 -7.15 -39.87 1.77
CA GLN C 647 -6.60 -40.38 0.52
C GLN C 647 -6.90 -39.47 -0.67
N GLU C 648 -8.03 -38.75 -0.67
CA GLU C 648 -8.22 -37.70 -1.66
C GLU C 648 -7.16 -36.62 -1.51
N THR C 649 -6.90 -36.20 -0.27
CA THR C 649 -5.88 -35.18 0.02
C THR C 649 -4.53 -35.61 -0.51
N GLN C 650 -4.08 -36.81 -0.14
CA GLN C 650 -2.79 -37.30 -0.60
C GLN C 650 -2.74 -37.39 -2.12
N SER C 651 -3.88 -37.71 -2.75
CA SER C 651 -3.93 -37.83 -4.20
C SER C 651 -3.58 -36.52 -4.88
N LEU C 652 -4.28 -35.43 -4.50
CA LEU C 652 -4.03 -34.11 -5.08
C LEU C 652 -2.64 -33.59 -4.72
N TYR C 653 -2.21 -33.78 -3.48
CA TYR C 653 -0.89 -33.32 -3.10
C TYR C 653 0.18 -33.93 -3.99
N ASN C 654 0.03 -35.22 -4.31
CA ASN C 654 1.09 -35.88 -5.06
C ASN C 654 1.19 -35.31 -6.47
N TYR C 655 0.07 -34.83 -7.02
CA TYR C 655 0.13 -34.12 -8.29
C TYR C 655 0.94 -32.85 -8.15
N LEU C 656 0.63 -32.03 -7.13
CA LEU C 656 1.45 -30.87 -6.80
C LEU C 656 2.89 -31.28 -6.55
N GLN C 657 3.09 -32.37 -5.80
CA GLN C 657 4.44 -32.82 -5.51
C GLN C 657 5.18 -33.17 -6.79
N LYS C 658 4.48 -33.78 -7.74
CA LYS C 658 5.11 -34.26 -8.97
C LYS C 658 5.53 -33.11 -9.90
N ASN C 659 4.76 -32.03 -9.98
CA ASN C 659 4.98 -31.02 -11.00
C ASN C 659 5.52 -29.69 -10.49
N LEU C 660 5.56 -29.45 -9.18
CA LEU C 660 6.24 -28.27 -8.67
C LEU C 660 7.73 -28.60 -8.60
N LYS C 661 8.32 -28.63 -9.79
CA LYS C 661 9.72 -28.93 -10.01
C LYS C 661 10.21 -28.07 -11.17
N THR C 662 11.43 -27.56 -11.06
CA THR C 662 11.93 -26.72 -12.14
C THR C 662 12.01 -27.51 -13.43
N ASP C 663 12.49 -28.76 -13.36
CA ASP C 663 12.59 -29.56 -14.58
C ASP C 663 11.23 -29.67 -15.27
N LYS C 664 10.15 -29.70 -14.50
CA LYS C 664 8.82 -29.68 -15.11
C LYS C 664 8.43 -28.28 -15.55
N LEU C 665 8.48 -27.32 -14.64
CA LEU C 665 7.96 -25.99 -14.99
C LEU C 665 8.79 -25.30 -16.08
N LYS C 666 9.97 -25.83 -16.40
CA LYS C 666 10.73 -25.31 -17.52
C LYS C 666 9.87 -25.12 -18.77
N ILE C 667 8.77 -25.89 -18.89
CA ILE C 667 7.97 -25.78 -20.10
C ILE C 667 7.39 -24.39 -20.25
N LEU C 668 7.38 -23.60 -19.19
CA LEU C 668 6.93 -22.22 -19.27
C LEU C 668 7.82 -21.36 -20.16
N ILE C 669 9.06 -21.80 -20.41
CA ILE C 669 10.05 -21.05 -21.18
C ILE C 669 9.81 -21.24 -22.68
N PRO C 670 9.50 -20.19 -23.44
CA PRO C 670 9.20 -20.39 -24.86
C PRO C 670 10.47 -20.73 -25.64
N GLU C 671 10.27 -21.37 -26.79
CA GLU C 671 11.43 -21.70 -27.62
C GLU C 671 12.12 -20.42 -28.09
N ASN C 672 11.32 -19.41 -28.46
CA ASN C 672 11.83 -18.07 -28.70
C ASN C 672 12.01 -17.37 -27.35
N LEU C 673 13.25 -17.35 -26.84
CA LEU C 673 13.51 -16.71 -25.55
C LEU C 673 13.19 -15.23 -25.57
N LEU C 674 13.25 -14.59 -26.73
CA LEU C 674 12.97 -13.16 -26.76
C LEU C 674 11.47 -12.86 -26.73
N SER C 675 10.61 -13.89 -26.77
CA SER C 675 9.17 -13.66 -26.72
C SER C 675 8.75 -13.24 -25.32
N GLY C 676 7.83 -12.27 -25.27
CA GLY C 676 7.29 -11.84 -24.00
C GLY C 676 6.55 -12.92 -23.24
N GLU C 677 6.18 -14.02 -23.90
CA GLU C 677 5.53 -15.10 -23.18
C GLU C 677 6.36 -15.57 -21.99
N LEU C 678 7.69 -15.40 -22.08
CA LEU C 678 8.60 -15.75 -20.99
C LEU C 678 8.24 -15.03 -19.70
N THR C 679 8.29 -13.68 -19.68
CA THR C 679 7.97 -12.98 -18.44
C THR C 679 6.51 -13.18 -18.03
N GLN C 680 5.59 -13.26 -19.00
CA GLN C 680 4.18 -13.46 -18.66
C GLN C 680 3.97 -14.79 -17.94
N ASN C 681 4.60 -15.86 -18.41
CA ASN C 681 4.52 -17.11 -17.68
C ASN C 681 5.25 -17.01 -16.34
N LEU C 682 6.51 -16.54 -16.38
CA LEU C 682 7.29 -16.34 -15.16
C LEU C 682 6.50 -15.58 -14.09
N THR C 683 5.86 -14.48 -14.52
CA THR C 683 5.02 -13.68 -13.66
C THR C 683 3.94 -14.52 -13.01
N ASN C 684 3.26 -15.35 -13.82
CA ASN C 684 2.19 -16.20 -13.27
C ASN C 684 2.76 -17.25 -12.32
N LEU C 685 3.99 -17.73 -12.57
CA LEU C 685 4.56 -18.69 -11.63
C LEU C 685 4.86 -18.01 -10.31
N VAL C 686 5.35 -16.77 -10.35
CA VAL C 686 5.59 -16.03 -9.12
C VAL C 686 4.30 -15.86 -8.34
N GLU C 687 3.25 -15.40 -9.02
CA GLU C 687 1.97 -15.16 -8.36
C GLU C 687 1.49 -16.44 -7.70
N PHE C 688 1.62 -17.57 -8.40
CA PHE C 688 1.24 -18.87 -7.86
C PHE C 688 2.00 -19.19 -6.58
N ILE C 689 3.33 -19.00 -6.58
CA ILE C 689 4.12 -19.33 -5.39
C ILE C 689 3.72 -18.45 -4.22
N LYS C 690 3.53 -17.14 -4.48
CA LYS C 690 3.10 -16.26 -3.42
C LYS C 690 1.78 -16.75 -2.82
N ILE C 691 0.88 -17.26 -3.68
CA ILE C 691 -0.42 -17.72 -3.19
C ILE C 691 -0.25 -18.99 -2.36
N VAL C 692 0.63 -19.92 -2.79
CA VAL C 692 0.93 -21.10 -1.99
C VAL C 692 1.33 -20.69 -0.59
N LYS C 693 2.23 -19.72 -0.49
CA LYS C 693 2.71 -19.31 0.81
C LYS C 693 1.59 -18.64 1.60
N LEU C 694 0.73 -17.88 0.91
CA LEU C 694 -0.37 -17.20 1.59
C LEU C 694 -1.35 -18.23 2.13
N LEU C 695 -1.56 -19.32 1.41
CA LEU C 695 -2.48 -20.34 1.90
C LEU C 695 -1.87 -21.10 3.09
N ALA C 696 -0.55 -21.30 3.08
CA ALA C 696 0.09 -22.00 4.19
C ALA C 696 -0.03 -21.24 5.49
N LYS C 697 -0.13 -19.91 5.45
CA LYS C 697 -0.44 -19.15 6.65
C LYS C 697 -1.91 -19.30 7.03
N ARG C 698 -2.81 -19.05 6.08
CA ARG C 698 -4.24 -19.08 6.39
C ARG C 698 -4.72 -20.48 6.82
N HIS C 699 -4.31 -21.52 6.10
CA HIS C 699 -4.77 -22.88 6.35
C HIS C 699 -3.57 -23.79 6.55
N PRO C 700 -2.85 -23.63 7.66
CA PRO C 700 -1.64 -24.42 7.88
C PRO C 700 -1.93 -25.90 8.05
N SER C 701 -1.06 -26.72 7.46
CA SER C 701 -1.14 -28.16 7.58
C SER C 701 0.22 -28.73 7.21
N SER C 702 0.44 -30.00 7.53
CA SER C 702 1.71 -30.62 7.16
C SER C 702 1.88 -30.64 5.65
N TYR C 703 0.79 -30.87 4.93
CA TYR C 703 0.84 -30.83 3.48
C TYR C 703 1.31 -29.48 2.99
N MET C 704 0.69 -28.40 3.47
CA MET C 704 1.08 -27.07 3.03
C MET C 704 2.55 -26.81 3.32
N ASN C 705 3.04 -27.29 4.46
CA ASN C 705 4.44 -27.08 4.81
C ASN C 705 5.37 -27.74 3.81
N GLN C 706 5.00 -28.92 3.33
CA GLN C 706 5.85 -29.61 2.37
C GLN C 706 5.85 -28.91 1.01
N LEU C 707 4.73 -28.32 0.61
CA LEU C 707 4.70 -27.55 -0.63
C LEU C 707 5.53 -26.28 -0.51
N VAL C 708 5.44 -25.61 0.65
CA VAL C 708 6.23 -24.41 0.88
C VAL C 708 7.71 -24.73 0.78
N ASN C 709 8.13 -25.88 1.31
CA ASN C 709 9.50 -26.31 1.14
C ASN C 709 9.79 -26.66 -0.32
N LEU C 710 8.82 -27.26 -1.02
CA LEU C 710 9.04 -27.72 -2.40
C LEU C 710 9.50 -26.60 -3.32
N VAL C 711 9.08 -25.37 -3.04
CA VAL C 711 9.29 -24.30 -3.99
C VAL C 711 10.44 -23.40 -3.60
N LYS C 712 11.09 -23.67 -2.46
CA LYS C 712 12.28 -22.91 -2.06
C LYS C 712 13.33 -22.80 -3.17
N PRO C 713 13.69 -23.86 -3.90
CA PRO C 713 14.81 -23.75 -4.83
C PRO C 713 14.47 -23.10 -6.16
N PHE C 714 13.21 -22.73 -6.40
CA PHE C 714 12.84 -22.22 -7.71
C PHE C 714 13.68 -21.03 -8.11
N GLY C 715 13.83 -20.05 -7.21
CA GLY C 715 14.61 -18.87 -7.61
C GLY C 715 16.00 -19.26 -8.06
N LYS C 716 16.72 -19.97 -7.20
CA LYS C 716 18.08 -20.38 -7.50
C LYS C 716 18.14 -21.22 -8.78
N GLU C 717 17.21 -22.16 -8.92
CA GLU C 717 17.24 -23.05 -10.08
C GLU C 717 16.99 -22.28 -11.39
N PHE C 718 15.97 -21.42 -11.42
CA PHE C 718 15.66 -20.64 -12.61
C PHE C 718 16.74 -19.62 -12.95
N LYS C 719 17.48 -19.10 -11.95
CA LYS C 719 18.59 -18.20 -12.27
C LYS C 719 19.74 -18.97 -12.91
N ASN C 720 19.84 -20.26 -12.66
CA ASN C 720 20.90 -20.96 -13.36
C ASN C 720 20.52 -21.32 -14.79
N LEU C 721 19.30 -21.06 -15.21
CA LEU C 721 18.95 -21.25 -16.62
C LEU C 721 19.49 -20.14 -17.52
N LYS C 722 20.08 -19.09 -16.94
CA LYS C 722 20.69 -17.99 -17.68
C LYS C 722 19.77 -17.46 -18.78
N LEU C 723 18.56 -17.07 -18.34
CA LEU C 723 17.52 -16.62 -19.27
C LEU C 723 17.82 -15.23 -19.82
N VAL C 724 18.38 -14.36 -19.00
CA VAL C 724 18.77 -13.04 -19.47
C VAL C 724 19.96 -13.15 -20.41
N GLN C 725 20.96 -13.93 -20.02
CA GLN C 725 22.17 -14.07 -20.80
C GLN C 725 21.84 -14.59 -22.19
N ARG C 726 21.06 -15.65 -22.28
CA ARG C 726 20.76 -16.19 -23.59
C ARG C 726 20.10 -15.13 -24.48
N GLN C 727 19.11 -14.40 -23.94
CA GLN C 727 18.45 -13.36 -24.72
C GLN C 727 19.45 -12.29 -25.17
N HIS C 728 20.34 -11.87 -24.25
CA HIS C 728 21.38 -10.92 -24.63
C HIS C 728 22.22 -11.47 -25.78
N GLU C 729 22.55 -12.76 -25.73
CA GLU C 729 23.37 -13.34 -26.79
C GLU C 729 22.64 -13.31 -28.12
N ILE C 730 21.35 -13.67 -28.14
CA ILE C 730 20.59 -13.64 -29.38
C ILE C 730 20.58 -12.23 -29.97
N ILE C 731 20.20 -11.23 -29.16
CA ILE C 731 20.15 -9.85 -29.64
C ILE C 731 21.51 -9.40 -30.16
N ASP C 732 22.59 -9.75 -29.45
CA ASP C 732 23.92 -9.26 -29.85
C ASP C 732 24.34 -9.80 -31.21
N SER C 733 23.86 -10.98 -31.59
CA SER C 733 24.27 -11.57 -32.86
C SER C 733 23.26 -11.33 -33.98
N MET C 734 22.36 -10.34 -33.83
CA MET C 734 21.41 -10.00 -34.86
C MET C 734 22.04 -8.97 -35.78
N ASP C 735 21.91 -9.19 -37.10
CA ASP C 735 22.39 -8.25 -38.12
C ASP C 735 21.20 -7.59 -38.76
N PHE C 736 21.10 -6.27 -38.64
CA PHE C 736 20.05 -5.50 -39.30
C PHE C 736 20.59 -4.78 -40.51
N GLU C 737 19.90 -4.93 -41.64
CA GLU C 737 20.00 -3.99 -42.75
C GLU C 737 18.71 -3.17 -42.76
N PRO C 738 18.69 -2.01 -42.09
CA PRO C 738 17.47 -1.20 -42.09
C PRO C 738 17.26 -0.54 -43.43
N PRO C 739 16.00 -0.33 -43.84
CA PRO C 739 15.73 0.33 -45.11
C PRO C 739 16.06 1.81 -45.13
N ILE C 740 16.42 2.38 -43.98
CA ILE C 740 16.85 3.77 -43.88
C ILE C 740 18.02 3.78 -42.90
N SER C 741 18.74 4.90 -42.85
CA SER C 741 19.89 4.97 -41.96
C SER C 741 19.40 5.29 -40.55
N VAL C 742 19.65 4.37 -39.63
CA VAL C 742 19.21 4.48 -38.24
C VAL C 742 20.31 3.89 -37.37
N ASP C 743 20.44 4.44 -36.17
CA ASP C 743 21.31 3.88 -35.15
C ASP C 743 20.57 2.76 -34.43
N ILE C 744 21.02 1.53 -34.63
CA ILE C 744 20.40 0.38 -33.98
C ILE C 744 20.89 0.22 -32.53
N SER C 745 22.11 0.66 -32.21
CA SER C 745 22.77 0.26 -30.96
C SER C 745 22.07 0.84 -29.74
N GLN C 746 21.57 2.06 -29.84
CA GLN C 746 20.92 2.69 -28.68
C GLN C 746 19.65 1.94 -28.30
N THR C 747 18.90 1.46 -29.30
CA THR C 747 17.77 0.58 -29.03
C THR C 747 18.23 -0.77 -28.48
N LYS C 748 19.31 -1.33 -29.06
CA LYS C 748 19.81 -2.60 -28.56
C LYS C 748 20.11 -2.50 -27.06
N LEU C 749 20.84 -1.46 -26.66
CA LEU C 749 21.18 -1.34 -25.25
C LEU C 749 19.94 -1.12 -24.39
N GLU C 750 18.99 -0.35 -24.89
CA GLU C 750 17.78 -0.10 -24.14
C GLU C 750 16.97 -1.39 -23.97
N ILE C 751 16.80 -2.13 -25.07
CA ILE C 751 16.02 -3.37 -24.99
C ILE C 751 16.72 -4.38 -24.10
N LYS C 752 18.05 -4.50 -24.25
CA LYS C 752 18.84 -5.42 -23.44
C LYS C 752 18.66 -5.11 -21.95
N SER C 753 18.79 -3.83 -21.59
CA SER C 753 18.69 -3.41 -20.19
C SER C 753 17.31 -3.65 -19.62
N SER C 754 16.30 -3.41 -20.43
CA SER C 754 14.93 -3.60 -19.99
C SER C 754 14.59 -5.06 -19.79
N ILE C 755 15.09 -5.92 -20.68
CA ILE C 755 14.88 -7.35 -20.53
C ILE C 755 15.49 -7.84 -19.23
N GLU C 756 16.75 -7.43 -18.99
CA GLU C 756 17.43 -7.82 -17.76
C GLU C 756 16.64 -7.37 -16.55
N ASP C 757 16.32 -6.09 -16.49
CA ASP C 757 15.65 -5.55 -15.31
C ASP C 757 14.34 -6.24 -15.03
N CYS C 758 13.58 -6.57 -16.08
CA CYS C 758 12.28 -7.19 -15.86
C CYS C 758 12.43 -8.65 -15.43
N VAL C 759 13.28 -9.41 -16.13
CA VAL C 759 13.46 -10.83 -15.81
C VAL C 759 14.04 -10.99 -14.41
N VAL C 760 15.06 -10.20 -14.08
CA VAL C 760 15.71 -10.29 -12.77
C VAL C 760 14.73 -10.01 -11.65
N ALA C 761 13.86 -9.01 -11.82
CA ALA C 761 12.88 -8.74 -10.78
C ALA C 761 11.97 -9.94 -10.55
N LEU C 762 11.49 -10.57 -11.61
CA LEU C 762 10.68 -11.76 -11.38
C LEU C 762 11.52 -12.88 -10.75
N LEU C 763 12.73 -13.10 -11.26
CA LEU C 763 13.53 -14.17 -10.70
C LEU C 763 13.85 -13.92 -9.23
N ASN C 764 14.06 -12.65 -8.85
CA ASN C 764 14.20 -12.37 -7.43
C ASN C 764 12.90 -12.53 -6.66
N SER C 765 11.77 -12.62 -7.34
CA SER C 765 10.50 -12.75 -6.64
C SER C 765 10.05 -14.20 -6.43
N LEU C 766 10.72 -15.19 -7.03
CA LEU C 766 10.36 -16.61 -6.87
C LEU C 766 10.67 -17.12 -5.46
N THR D 2 -19.26 15.92 -43.16
CA THR D 2 -19.94 15.26 -44.29
C THR D 2 -21.37 14.82 -44.01
N SER D 3 -21.70 14.25 -42.85
CA SER D 3 -23.08 14.38 -42.38
C SER D 3 -23.11 14.46 -40.85
N ILE D 4 -24.00 15.35 -40.31
CA ILE D 4 -24.08 15.71 -38.89
C ILE D 4 -25.12 14.85 -38.19
N LYS D 5 -24.79 14.40 -36.98
CA LYS D 5 -25.62 13.51 -36.16
C LYS D 5 -25.58 13.97 -34.72
N PRO D 6 -26.68 13.86 -33.99
CA PRO D 6 -26.64 14.11 -32.54
C PRO D 6 -25.62 13.22 -31.83
N PHE D 7 -24.89 13.81 -30.89
CA PHE D 7 -23.95 13.05 -30.07
C PHE D 7 -24.67 12.20 -29.03
N GLN D 8 -24.22 10.96 -28.86
CA GLN D 8 -24.73 10.10 -27.81
C GLN D 8 -23.58 9.58 -26.95
N MET D 9 -23.90 9.23 -25.70
CA MET D 9 -22.89 8.88 -24.72
C MET D 9 -22.04 7.68 -25.14
N GLU D 10 -22.61 6.77 -25.93
CA GLU D 10 -21.85 5.59 -26.33
C GLU D 10 -20.83 5.88 -27.42
N ASP D 11 -20.85 7.10 -27.98
CA ASP D 11 -19.83 7.51 -28.94
C ASP D 11 -18.44 7.61 -28.32
N LEU D 12 -18.36 7.97 -27.03
CA LEU D 12 -17.08 7.99 -26.35
C LEU D 12 -16.32 6.68 -26.49
N PHE D 13 -17.04 5.56 -26.60
CA PHE D 13 -16.35 4.28 -26.72
C PHE D 13 -15.58 4.15 -28.03
N GLU D 14 -15.97 4.89 -29.06
CA GLU D 14 -15.26 4.73 -30.32
C GLU D 14 -14.76 6.08 -30.84
N LEU D 15 -14.30 6.95 -29.95
CA LEU D 15 -13.79 8.22 -30.40
C LEU D 15 -12.26 8.29 -30.42
N ASN D 16 -11.57 7.22 -30.05
CA ASN D 16 -10.13 7.34 -29.83
C ASN D 16 -9.39 7.88 -31.05
N PRO D 17 -9.74 7.54 -32.30
CA PRO D 17 -8.99 8.12 -33.42
C PRO D 17 -8.99 9.62 -33.40
N VAL D 18 -10.08 10.22 -32.92
CA VAL D 18 -10.20 11.66 -32.79
C VAL D 18 -9.59 12.15 -31.47
N ASN D 19 -9.85 11.42 -30.38
CA ASN D 19 -9.46 11.91 -29.07
C ASN D 19 -8.02 11.60 -28.67
N LEU D 20 -7.35 10.60 -29.27
CA LEU D 20 -5.91 10.44 -29.04
C LEU D 20 -5.08 11.58 -29.63
N ASP D 21 -5.68 12.41 -30.46
CA ASP D 21 -5.01 13.60 -30.95
C ASP D 21 -4.46 14.42 -29.77
N PRO D 22 -3.28 15.03 -29.91
CA PRO D 22 -2.61 15.65 -28.76
C PRO D 22 -3.24 16.97 -28.31
N LEU D 23 -4.16 17.56 -29.07
CA LEU D 23 -4.82 18.79 -28.68
C LEU D 23 -6.25 18.56 -28.26
N THR D 24 -6.69 17.33 -28.26
CA THR D 24 -8.06 16.99 -27.90
C THR D 24 -8.03 16.38 -26.51
N GLU D 25 -8.69 17.06 -25.57
CA GLU D 25 -8.78 16.63 -24.19
C GLU D 25 -9.85 15.54 -24.04
N ASN D 26 -9.70 14.74 -22.99
CA ASN D 26 -10.61 13.63 -22.69
C ASN D 26 -11.20 13.87 -21.31
N PHE D 27 -12.46 14.30 -21.27
CA PHE D 27 -13.07 14.74 -20.03
C PHE D 27 -13.66 13.57 -19.24
N ASN D 28 -14.05 13.87 -18.00
CA ASN D 28 -14.79 12.96 -17.14
C ASN D 28 -16.07 12.51 -17.80
N VAL D 29 -16.61 11.37 -17.39
CA VAL D 29 -17.89 11.02 -17.99
C VAL D 29 -18.98 11.99 -17.50
N SER D 30 -18.86 12.46 -16.24
CA SER D 30 -19.80 13.45 -15.73
C SER D 30 -19.85 14.67 -16.63
N PHE D 31 -18.69 15.15 -17.09
CA PHE D 31 -18.64 16.34 -17.94
C PHE D 31 -19.44 16.12 -19.23
N TYR D 32 -19.06 15.09 -20.02
CA TYR D 32 -19.75 14.81 -21.27
C TYR D 32 -21.26 14.71 -21.03
N SER D 33 -21.66 13.82 -20.12
CA SER D 33 -23.07 13.61 -19.88
C SER D 33 -23.76 14.89 -19.42
N GLN D 34 -23.07 15.72 -18.63
CA GLN D 34 -23.69 16.97 -18.21
C GLN D 34 -23.99 17.87 -19.40
N TYR D 35 -23.14 17.84 -20.43
CA TYR D 35 -23.44 18.65 -21.61
C TYR D 35 -24.63 18.08 -22.37
N LEU D 36 -24.72 16.76 -22.49
CA LEU D 36 -25.87 16.15 -23.13
C LEU D 36 -27.17 16.41 -22.38
N ILE D 37 -27.12 16.53 -21.05
CA ILE D 37 -28.35 16.78 -20.29
C ILE D 37 -28.81 18.20 -20.46
N GLU D 38 -27.88 19.17 -20.40
CA GLU D 38 -28.23 20.57 -20.25
C GLU D 38 -28.20 21.38 -21.55
N TRP D 39 -27.46 20.93 -22.56
CA TRP D 39 -27.51 21.56 -23.89
C TRP D 39 -27.45 20.47 -24.95
N PRO D 40 -28.47 19.60 -25.00
CA PRO D 40 -28.36 18.39 -25.82
C PRO D 40 -28.26 18.63 -27.31
N GLN D 41 -28.81 19.74 -27.81
CA GLN D 41 -28.68 20.07 -29.22
C GLN D 41 -27.36 20.80 -29.55
N LEU D 42 -26.46 20.97 -28.58
CA LEU D 42 -25.19 21.62 -28.83
C LEU D 42 -24.03 20.63 -28.80
N PHE D 43 -24.32 19.34 -28.88
CA PHE D 43 -23.31 18.28 -28.86
C PHE D 43 -23.63 17.35 -30.03
N TYR D 44 -22.89 17.51 -31.11
CA TYR D 44 -23.21 16.78 -32.33
C TYR D 44 -21.90 16.39 -33.01
N LYS D 45 -21.98 15.32 -33.80
CA LYS D 45 -20.81 14.74 -34.43
C LYS D 45 -20.94 14.74 -35.95
N SER D 46 -19.78 14.73 -36.62
CA SER D 46 -19.72 14.49 -38.06
C SER D 46 -19.29 13.05 -38.33
N VAL D 47 -20.03 12.37 -39.20
CA VAL D 47 -19.78 10.98 -39.56
C VAL D 47 -19.54 10.94 -41.06
N GLU D 48 -18.84 9.91 -41.51
CA GLU D 48 -18.28 9.91 -42.84
C GLU D 48 -18.80 8.75 -43.65
N THR D 49 -18.78 8.96 -44.97
CA THR D 49 -19.68 8.25 -45.87
C THR D 49 -19.72 6.75 -45.65
N PRO D 50 -18.60 6.02 -45.60
CA PRO D 50 -18.70 4.55 -45.67
C PRO D 50 -19.37 3.90 -44.47
N ASN D 51 -18.93 4.19 -43.25
CA ASN D 51 -19.31 3.35 -42.12
C ASN D 51 -20.05 4.06 -40.99
N GLY D 52 -20.14 5.37 -41.00
CA GLY D 52 -20.60 6.07 -39.83
C GLY D 52 -19.51 6.36 -38.83
N GLN D 53 -18.25 6.25 -39.25
CA GLN D 53 -17.13 6.61 -38.41
C GLN D 53 -17.18 8.09 -38.06
N ALA D 54 -17.08 8.38 -36.77
CA ALA D 54 -17.02 9.76 -36.32
C ALA D 54 -15.75 10.42 -36.84
N SER D 55 -15.90 11.52 -37.59
CA SER D 55 -14.79 12.30 -38.09
C SER D 55 -14.58 13.58 -37.30
N GLY D 56 -15.43 13.86 -36.33
CA GLY D 56 -15.24 15.01 -35.48
C GLY D 56 -16.53 15.37 -34.78
N TYR D 57 -16.41 16.27 -33.81
CA TYR D 57 -17.58 16.63 -33.03
C TYR D 57 -17.44 18.07 -32.53
N MET D 58 -18.57 18.60 -32.06
CA MET D 58 -18.67 19.94 -31.51
C MET D 58 -19.44 19.84 -30.21
N MET D 59 -18.87 20.35 -29.14
CA MET D 59 -19.46 20.24 -27.81
C MET D 59 -19.54 21.65 -27.25
N ALA D 60 -20.76 22.16 -27.06
CA ALA D 60 -20.99 23.56 -26.71
C ALA D 60 -21.97 23.67 -25.55
N LYS D 61 -21.92 24.83 -24.89
CA LYS D 61 -22.87 25.20 -23.86
C LYS D 61 -23.25 26.67 -24.02
N THR D 62 -24.27 27.09 -23.25
CA THR D 62 -24.67 28.49 -23.07
C THR D 62 -24.67 28.83 -21.58
N GLU D 63 -24.18 30.03 -21.27
CA GLU D 63 -23.81 30.40 -19.91
C GLU D 63 -23.95 31.90 -19.76
N GLY D 64 -24.04 32.35 -18.51
CA GLY D 64 -23.77 33.73 -18.16
C GLY D 64 -25.02 34.60 -18.15
N GLN D 65 -24.86 35.79 -17.56
CA GLN D 65 -25.97 36.69 -17.26
C GLN D 65 -26.08 37.77 -18.32
N LEU D 66 -27.32 38.03 -18.76
CA LEU D 66 -27.55 39.10 -19.73
C LEU D 66 -27.32 40.47 -19.10
N SER D 67 -27.66 40.61 -17.82
CA SER D 67 -27.38 41.81 -17.03
C SER D 67 -25.99 42.37 -17.30
N LYS D 68 -25.00 41.49 -17.44
CA LYS D 68 -23.60 41.89 -17.64
C LYS D 68 -23.17 41.86 -19.12
N LYS D 69 -24.11 41.72 -20.05
CA LYS D 69 -23.79 41.49 -21.48
C LYS D 69 -23.00 40.18 -21.68
N GLU D 70 -23.05 39.26 -20.72
CA GLU D 70 -22.22 38.06 -20.75
C GLU D 70 -23.04 36.79 -21.05
N TRP D 71 -24.12 36.91 -21.83
CA TRP D 71 -24.99 35.77 -22.15
C TRP D 71 -24.57 35.22 -23.49
N HIS D 72 -23.92 34.05 -23.50
CA HIS D 72 -23.08 33.68 -24.62
C HIS D 72 -23.09 32.16 -24.84
N THR D 73 -22.60 31.78 -26.02
CA THR D 73 -22.37 30.39 -26.37
C THR D 73 -20.87 30.11 -26.21
N HIS D 74 -20.54 28.98 -25.59
CA HIS D 74 -19.16 28.61 -25.32
C HIS D 74 -18.85 27.28 -25.98
N ILE D 75 -17.77 27.26 -26.75
CA ILE D 75 -17.27 26.06 -27.40
C ILE D 75 -16.31 25.36 -26.45
N THR D 76 -16.69 24.17 -26.00
CA THR D 76 -15.85 23.44 -25.08
C THR D 76 -14.91 22.48 -25.78
N ALA D 77 -15.29 21.96 -26.94
CA ALA D 77 -14.43 21.07 -27.71
C ALA D 77 -14.91 21.08 -29.15
N VAL D 78 -14.00 21.38 -30.07
CA VAL D 78 -14.13 21.04 -31.49
C VAL D 78 -12.88 20.28 -31.88
N THR D 79 -13.04 19.25 -32.72
CA THR D 79 -11.85 18.54 -33.16
C THR D 79 -12.25 17.71 -34.36
N VAL D 80 -11.35 17.65 -35.35
CA VAL D 80 -11.56 16.92 -36.60
C VAL D 80 -10.53 15.82 -36.67
N LEU D 81 -10.98 14.61 -37.03
CA LEU D 81 -10.07 13.52 -37.33
C LEU D 81 -9.11 13.92 -38.45
N ASP D 82 -7.86 13.45 -38.33
CA ASP D 82 -6.80 13.97 -39.20
C ASP D 82 -7.04 13.65 -40.67
N GLN D 83 -7.64 12.49 -40.96
CA GLN D 83 -7.92 12.12 -42.35
C GLN D 83 -8.86 13.09 -43.06
N TYR D 84 -9.69 13.81 -42.31
CA TYR D 84 -10.71 14.68 -42.87
C TYR D 84 -10.42 16.13 -42.54
N ARG D 85 -9.15 16.48 -42.39
CA ARG D 85 -8.79 17.86 -42.12
C ARG D 85 -8.58 18.63 -43.42
N ARG D 86 -8.54 19.95 -43.28
CA ARG D 86 -8.31 20.90 -44.38
C ARG D 86 -9.41 20.82 -45.45
N ILE D 87 -10.62 20.35 -45.12
CA ILE D 87 -11.67 20.34 -46.13
C ILE D 87 -12.94 21.06 -45.67
N GLY D 88 -12.83 21.98 -44.72
CA GLY D 88 -13.96 22.77 -44.28
C GLY D 88 -14.74 22.15 -43.13
N LEU D 89 -14.31 20.99 -42.64
CA LEU D 89 -15.11 20.25 -41.68
C LEU D 89 -15.25 21.02 -40.37
N ALA D 90 -14.13 21.43 -39.76
CA ALA D 90 -14.21 22.21 -38.54
C ALA D 90 -14.97 23.50 -38.76
N SER D 91 -14.76 24.14 -39.91
CA SER D 91 -15.49 25.36 -40.21
C SER D 91 -16.99 25.08 -40.32
N LYS D 92 -17.34 23.93 -40.90
CA LYS D 92 -18.76 23.57 -41.01
C LYS D 92 -19.38 23.35 -39.63
N LEU D 93 -18.66 22.68 -38.71
CA LEU D 93 -19.21 22.46 -37.38
C LEU D 93 -19.33 23.76 -36.59
N CYS D 94 -18.37 24.65 -36.74
CA CYS D 94 -18.42 25.93 -36.06
C CYS D 94 -19.52 26.81 -36.63
N LEU D 95 -19.68 26.80 -37.94
CA LEU D 95 -20.74 27.60 -38.54
C LEU D 95 -22.10 27.00 -38.26
N GLU D 96 -22.22 25.68 -38.35
CA GLU D 96 -23.49 25.02 -38.04
C GLU D 96 -23.98 25.42 -36.66
N LEU D 97 -23.04 25.54 -35.70
CA LEU D 97 -23.37 26.07 -34.37
C LEU D 97 -24.06 27.43 -34.45
N GLU D 98 -23.48 28.36 -35.21
CA GLU D 98 -24.09 29.68 -35.38
C GLU D 98 -25.50 29.59 -35.92
N ASN D 99 -25.83 28.53 -36.65
CA ASN D 99 -27.15 28.42 -37.27
C ASN D 99 -28.23 28.01 -36.28
N LEU D 100 -27.86 27.25 -35.24
CA LEU D 100 -28.84 26.75 -34.28
C LEU D 100 -29.50 27.88 -33.50
N THR D 101 -30.82 27.79 -33.36
CA THR D 101 -31.58 28.92 -32.83
C THR D 101 -31.21 29.21 -31.38
N GLN D 102 -30.96 28.18 -30.58
CA GLN D 102 -30.59 28.37 -29.18
C GLN D 102 -29.36 29.26 -29.05
N VAL D 103 -28.38 29.06 -29.93
CA VAL D 103 -27.17 29.89 -29.96
C VAL D 103 -27.48 31.30 -30.46
N LYS D 104 -28.44 31.43 -31.38
CA LYS D 104 -28.76 32.75 -31.93
C LYS D 104 -29.40 33.66 -30.90
N ASP D 105 -29.97 33.10 -29.83
CA ASP D 105 -30.50 33.83 -28.68
C ASP D 105 -29.41 34.50 -27.85
N THR D 106 -28.14 34.20 -28.10
CA THR D 106 -27.01 34.68 -27.30
C THR D 106 -26.20 35.72 -28.06
N LEU D 107 -25.32 36.38 -27.31
CA LEU D 107 -24.64 37.59 -27.76
C LEU D 107 -23.31 37.32 -28.44
N PHE D 108 -22.52 36.34 -27.97
CA PHE D 108 -21.27 36.02 -28.64
C PHE D 108 -20.95 34.56 -28.43
N ILE D 109 -19.93 34.09 -29.15
CA ILE D 109 -19.41 32.74 -29.00
C ILE D 109 -18.02 32.80 -28.39
N ASP D 110 -17.84 32.07 -27.29
CA ASP D 110 -16.63 32.02 -26.47
C ASP D 110 -15.85 30.74 -26.81
N LEU D 111 -14.52 30.80 -26.65
CA LEU D 111 -13.69 29.58 -26.59
C LEU D 111 -12.27 29.91 -26.15
N PHE D 112 -11.55 28.86 -25.75
CA PHE D 112 -10.14 28.92 -25.40
C PHE D 112 -9.30 28.17 -26.44
N VAL D 113 -8.14 28.74 -26.78
CA VAL D 113 -7.13 28.11 -27.62
C VAL D 113 -5.80 28.14 -26.90
N LYS D 114 -5.06 27.03 -26.96
CA LYS D 114 -3.64 27.09 -26.62
C LYS D 114 -2.96 28.15 -27.48
N VAL D 115 -2.07 28.94 -26.88
CA VAL D 115 -1.30 29.88 -27.70
C VAL D 115 -0.49 29.14 -28.75
N THR D 116 0.01 27.95 -28.40
CA THR D 116 0.79 27.15 -29.34
C THR D 116 -0.05 26.48 -30.42
N ASN D 117 -1.37 26.47 -30.30
CA ASN D 117 -2.19 25.75 -31.29
C ASN D 117 -2.28 26.61 -32.53
N THR D 118 -1.40 26.36 -33.51
CA THR D 118 -1.35 27.23 -34.68
C THR D 118 -2.58 27.04 -35.57
N LEU D 119 -3.01 25.80 -35.80
CA LEU D 119 -4.14 25.60 -36.72
C LEU D 119 -5.46 26.09 -36.13
N GLY D 120 -5.67 25.92 -34.82
CA GLY D 120 -6.89 26.42 -34.22
C GLY D 120 -7.04 27.93 -34.36
N ARG D 121 -5.95 28.68 -34.18
CA ARG D 121 -6.05 30.13 -34.30
C ARG D 121 -6.29 30.54 -35.74
N ILE D 122 -5.72 29.82 -36.72
CA ILE D 122 -5.99 30.16 -38.11
C ILE D 122 -7.46 29.93 -38.41
N LEU D 123 -8.02 28.83 -37.89
CA LEU D 123 -9.44 28.55 -38.08
C LEU D 123 -10.30 29.68 -37.57
N TYR D 124 -10.05 30.13 -36.34
CA TYR D 124 -10.95 31.08 -35.72
C TYR D 124 -10.76 32.50 -36.25
N GLU D 125 -9.51 32.89 -36.56
CA GLU D 125 -9.31 34.12 -37.32
C GLU D 125 -10.11 34.07 -38.61
N LYS D 126 -9.97 32.97 -39.34
CA LYS D 126 -10.72 32.77 -40.59
C LYS D 126 -12.22 32.84 -40.38
N LEU D 127 -12.70 32.56 -39.16
CA LEU D 127 -14.13 32.54 -38.88
C LEU D 127 -14.65 33.83 -38.28
N GLY D 128 -13.84 34.89 -38.25
CA GLY D 128 -14.27 36.14 -37.67
C GLY D 128 -14.12 36.26 -36.17
N TYR D 129 -13.37 35.36 -35.55
CA TYR D 129 -13.05 35.50 -34.14
C TYR D 129 -11.84 36.39 -33.97
N SER D 130 -11.81 37.12 -32.86
CA SER D 130 -10.65 37.89 -32.47
C SER D 130 -10.31 37.54 -31.03
N VAL D 131 -9.09 37.87 -30.63
CA VAL D 131 -8.63 37.56 -29.29
C VAL D 131 -9.16 38.60 -28.33
N PHE D 132 -9.88 38.14 -27.31
CA PHE D 132 -10.48 39.03 -26.34
C PHE D 132 -9.58 39.24 -25.12
N ARG D 133 -8.95 38.16 -24.66
CA ARG D 133 -8.00 38.23 -23.55
C ARG D 133 -7.11 36.99 -23.59
N ARG D 134 -5.95 37.11 -22.94
CA ARG D 134 -5.02 36.00 -22.79
C ARG D 134 -5.17 35.44 -21.38
N VAL D 135 -5.61 34.19 -21.27
CA VAL D 135 -5.79 33.56 -19.95
C VAL D 135 -4.49 32.86 -19.59
N VAL D 136 -3.88 33.27 -18.48
CA VAL D 136 -2.52 32.84 -18.17
C VAL D 136 -2.54 31.62 -17.27
N GLY D 137 -1.95 30.52 -17.75
CA GLY D 137 -1.98 29.27 -17.02
C GLY D 137 -3.26 28.48 -17.15
N TYR D 138 -4.15 28.86 -18.07
CA TYR D 138 -5.42 28.16 -18.24
C TYR D 138 -5.24 26.67 -18.52
N TYR D 139 -4.17 26.30 -19.22
CA TYR D 139 -3.85 24.91 -19.50
C TYR D 139 -2.80 24.35 -18.56
N GLY D 140 -2.54 25.02 -17.44
CA GLY D 140 -1.54 24.58 -16.50
C GLY D 140 -2.12 23.98 -15.23
N ARG D 141 -1.30 23.21 -14.53
CA ARG D 141 -1.70 22.61 -13.26
C ARG D 141 -1.44 23.56 -12.10
N GLU D 142 -0.21 24.06 -12.01
CA GLU D 142 0.16 25.10 -11.07
C GLU D 142 -0.60 26.38 -11.39
N ILE D 143 -1.27 26.96 -10.39
CA ILE D 143 -1.89 28.29 -10.51
C ILE D 143 -0.79 29.33 -10.39
N LYS D 145 -0.82 32.91 -9.99
CA LYS D 145 -1.32 34.15 -9.40
C LYS D 145 -0.61 35.43 -9.95
N ASP D 146 0.21 35.28 -10.99
CA ASP D 146 0.97 36.39 -11.59
C ASP D 146 0.62 36.49 -13.08
N ARG D 147 -0.23 37.44 -13.43
CA ARG D 147 -0.73 37.54 -14.81
C ARG D 147 0.37 37.80 -15.84
N ASN D 148 1.52 38.32 -15.41
CA ASN D 148 2.60 38.61 -16.36
C ASN D 148 3.58 37.46 -16.50
N LYS D 149 3.48 36.43 -15.65
CA LYS D 149 4.30 35.24 -15.79
C LYS D 149 3.76 34.37 -16.93
N ILE D 150 3.78 34.94 -18.13
CA ILE D 150 3.19 34.30 -19.29
C ILE D 150 4.09 33.18 -19.79
N ASP D 151 3.45 32.21 -20.45
CA ASP D 151 4.12 30.99 -20.93
C ASP D 151 3.28 30.49 -22.11
N ASP D 152 3.83 30.61 -23.31
CA ASP D 152 3.06 30.19 -24.49
C ASP D 152 2.65 28.73 -24.39
N SER D 153 3.38 27.92 -23.61
CA SER D 153 3.11 26.48 -23.49
C SER D 153 1.79 26.18 -22.80
N VAL D 154 1.30 27.06 -21.94
CA VAL D 154 0.19 26.71 -21.06
C VAL D 154 -0.88 27.79 -21.05
N ASP D 155 -0.60 28.93 -21.67
CA ASP D 155 -1.60 29.97 -21.64
C ASP D 155 -2.64 29.73 -22.74
N ALA D 156 -3.72 30.50 -22.68
CA ALA D 156 -4.86 30.34 -23.56
C ALA D 156 -5.24 31.71 -24.12
N PHE D 157 -5.77 31.70 -25.34
CA PHE D 157 -6.47 32.86 -25.86
C PHE D 157 -7.96 32.62 -25.72
N ASP D 158 -8.65 33.53 -25.02
CA ASP D 158 -10.10 33.54 -24.94
C ASP D 158 -10.62 34.31 -26.14
N MET D 159 -11.23 33.62 -27.10
CA MET D 159 -11.68 34.23 -28.35
C MET D 159 -13.17 34.48 -28.33
N ARG D 160 -13.57 35.61 -28.90
CA ARG D 160 -14.96 36.01 -29.00
C ARG D 160 -15.32 36.31 -30.45
N LYS D 161 -16.52 35.90 -30.83
CA LYS D 161 -17.14 36.28 -32.10
C LYS D 161 -18.55 36.71 -31.80
N LEU D 162 -18.88 37.95 -32.15
CA LEU D 162 -20.17 38.51 -31.79
C LEU D 162 -21.26 37.99 -32.73
N LEU D 163 -22.44 37.74 -32.16
CA LEU D 163 -23.64 37.37 -32.90
C LEU D 163 -24.67 38.49 -32.80
N PRO D 164 -25.65 38.53 -33.73
CA PRO D 164 -26.75 39.49 -33.66
C PRO D 164 -27.52 39.46 -32.33
N GLU D 174 -13.07 43.81 -28.52
CA GLU D 174 -12.06 44.82 -28.19
C GLU D 174 -10.72 44.55 -28.86
N ASN D 175 -10.01 45.64 -29.18
CA ASN D 175 -8.68 45.52 -29.76
C ASN D 175 -7.66 45.18 -28.68
N GLY D 176 -6.72 44.28 -29.01
CA GLY D 176 -5.72 43.86 -28.07
C GLY D 176 -5.89 42.47 -27.47
N GLU D 177 -4.82 41.69 -27.52
CA GLU D 177 -4.69 40.44 -26.77
C GLU D 177 -3.70 40.59 -25.62
N LYS D 178 -3.27 41.81 -25.32
CA LYS D 178 -2.38 42.09 -24.20
C LYS D 178 -3.16 42.36 -22.92
N VAL D 179 -4.31 41.72 -22.74
CA VAL D 179 -5.02 41.73 -21.46
C VAL D 179 -4.80 40.38 -20.81
N TYR D 180 -3.97 40.37 -19.79
CA TYR D 180 -3.61 39.16 -19.06
C TYR D 180 -4.60 38.96 -17.92
N VAL D 181 -5.31 37.83 -17.93
CA VAL D 181 -6.29 37.49 -16.92
C VAL D 181 -5.99 36.12 -16.34
N LEU D 182 -6.20 35.99 -15.04
CA LEU D 182 -5.99 34.72 -14.36
C LEU D 182 -7.20 33.79 -14.54
N PRO D 183 -6.99 32.46 -14.46
CA PRO D 183 -8.09 31.54 -14.75
C PRO D 183 -9.30 31.76 -13.87
N ASN D 184 -9.10 32.14 -12.61
CA ASN D 184 -10.20 32.30 -11.68
C ASN D 184 -10.82 33.69 -11.71
N GLU D 185 -10.37 34.57 -12.59
CA GLU D 185 -11.04 35.86 -12.72
C GLU D 185 -12.20 35.81 -13.71
N ILE D 186 -12.29 34.73 -14.49
CA ILE D 186 -13.40 34.51 -15.41
C ILE D 186 -14.42 33.67 -14.66
N VAL D 187 -15.50 34.31 -14.20
CA VAL D 187 -16.44 33.64 -13.31
C VAL D 187 -17.76 33.33 -14.01
N PHE D 188 -18.37 34.34 -14.65
CA PHE D 188 -19.69 34.14 -15.25
C PHE D 188 -20.67 33.65 -14.19
N MET E 2 -10.31 24.03 -27.02
CA MET E 2 -10.29 22.90 -26.08
C MET E 2 -10.66 23.40 -24.66
N ASP E 3 -11.44 22.78 -23.84
CA ASP E 3 -11.45 23.36 -22.50
C ASP E 3 -10.26 22.68 -21.80
N SER E 4 -10.22 22.66 -20.48
CA SER E 4 -9.11 22.01 -19.82
C SER E 4 -9.53 21.11 -18.71
N GLU E 5 -8.64 20.23 -18.33
CA GLU E 5 -9.00 19.22 -17.37
C GLU E 5 -9.77 19.78 -16.21
N VAL E 6 -9.17 20.63 -15.42
CA VAL E 6 -9.86 21.21 -14.28
C VAL E 6 -11.07 22.00 -14.73
N ALA E 7 -12.22 21.34 -14.80
CA ALA E 7 -13.47 21.89 -15.27
C ALA E 7 -14.51 20.83 -15.01
N MET F 2 -0.10 -17.25 31.87
CA MET F 2 0.42 -16.50 30.73
C MET F 2 -0.96 -16.29 30.17
N ASP F 3 -1.05 -15.56 29.06
CA ASP F 3 -2.21 -15.09 28.22
C ASP F 3 -1.70 -15.00 26.82
N SER F 4 -2.57 -14.69 25.89
CA SER F 4 -2.24 -14.72 24.48
C SER F 4 -2.21 -13.35 23.84
N GLU F 5 -2.16 -13.32 22.52
CA GLU F 5 -2.08 -12.07 21.78
#